data_2E70
#
_entry.id   2E70
#
_entity_poly.entity_id   1
_entity_poly.type   'polypeptide(L)'
_entity_poly.pdbx_seq_one_letter_code
;GSSGSSGMSRGRGRRDNELIGQTVRISQGPYKGYIGVVKDATESTARVELHSTCQTISVDRQRLTTVGSRR
;
_entity_poly.pdbx_strand_id   A
#
# COMPACT_ATOMS: atom_id res chain seq x y z
N GLY A 1 12.67 30.60 -13.54
CA GLY A 1 13.33 30.31 -14.80
C GLY A 1 13.53 28.83 -15.02
N SER A 2 14.38 28.48 -15.99
CA SER A 2 14.64 27.09 -16.32
C SER A 2 15.79 26.54 -15.45
N SER A 3 15.46 26.13 -14.24
CA SER A 3 16.45 25.59 -13.32
C SER A 3 16.11 24.15 -12.93
N GLY A 4 17.15 23.36 -12.65
CA GLY A 4 16.95 21.98 -12.27
C GLY A 4 18.09 21.43 -11.43
N SER A 5 17.93 20.21 -10.95
CA SER A 5 18.94 19.57 -10.12
C SER A 5 20.05 18.97 -10.97
N SER A 6 21.29 19.37 -10.70
CA SER A 6 22.44 18.87 -11.45
C SER A 6 22.30 17.38 -11.74
N GLY A 7 21.96 16.61 -10.71
CA GLY A 7 21.79 15.19 -10.87
C GLY A 7 20.34 14.77 -10.96
N MET A 8 20.05 13.81 -11.84
CA MET A 8 18.68 13.33 -12.01
C MET A 8 18.49 11.97 -11.35
N SER A 9 19.07 11.81 -10.16
CA SER A 9 18.97 10.56 -9.43
C SER A 9 18.26 10.76 -8.10
N ARG A 10 17.21 9.98 -7.87
CA ARG A 10 16.44 10.07 -6.64
C ARG A 10 16.77 8.92 -5.69
N GLY A 11 16.63 7.69 -6.19
CA GLY A 11 16.93 6.54 -5.38
C GLY A 11 17.83 5.54 -6.09
N ARG A 12 18.66 4.84 -5.33
CA ARG A 12 19.57 3.86 -5.90
C ARG A 12 18.82 2.61 -6.34
N GLY A 13 18.19 1.93 -5.39
CA GLY A 13 17.44 0.73 -5.71
C GLY A 13 15.96 0.99 -5.89
N ARG A 14 15.13 0.23 -5.18
CA ARG A 14 13.69 0.39 -5.27
C ARG A 14 13.13 1.03 -4.00
N ARG A 15 12.81 2.32 -4.09
CA ARG A 15 12.27 3.06 -2.95
C ARG A 15 11.03 2.36 -2.40
N ASP A 16 10.87 2.41 -1.08
CA ASP A 16 9.73 1.78 -0.43
C ASP A 16 8.43 2.52 -0.77
N ASN A 17 8.57 3.69 -1.39
CA ASN A 17 7.41 4.50 -1.77
C ASN A 17 7.04 4.25 -3.23
N GLU A 18 7.48 3.12 -3.77
CA GLU A 18 7.20 2.77 -5.16
C GLU A 18 5.73 2.37 -5.33
N LEU A 19 5.29 1.43 -4.51
CA LEU A 19 3.90 0.95 -4.57
C LEU A 19 2.93 2.07 -4.18
N ILE A 20 3.47 3.14 -3.61
CA ILE A 20 2.65 4.27 -3.18
C ILE A 20 2.01 4.97 -4.38
N GLY A 21 0.70 4.80 -4.53
CA GLY A 21 0.00 5.41 -5.64
C GLY A 21 -0.74 4.41 -6.49
N GLN A 22 -0.36 3.14 -6.36
CA GLN A 22 -0.99 2.07 -7.13
C GLN A 22 -2.35 1.69 -6.55
N THR A 23 -3.22 1.15 -7.39
CA THR A 23 -4.55 0.75 -6.96
C THR A 23 -4.54 -0.66 -6.36
N VAL A 24 -4.77 -0.75 -5.06
CA VAL A 24 -4.79 -2.03 -4.37
C VAL A 24 -6.18 -2.38 -3.88
N ARG A 25 -6.52 -3.67 -3.89
CA ARG A 25 -7.82 -4.12 -3.45
C ARG A 25 -7.70 -5.09 -2.27
N ILE A 26 -8.15 -4.65 -1.10
CA ILE A 26 -8.08 -5.47 0.10
C ILE A 26 -8.82 -6.80 -0.10
N SER A 27 -8.22 -7.88 0.39
CA SER A 27 -8.81 -9.21 0.26
C SER A 27 -9.18 -9.77 1.63
N GLN A 28 -8.46 -9.34 2.66
CA GLN A 28 -8.72 -9.80 4.01
C GLN A 28 -9.21 -8.65 4.89
N GLY A 29 -9.53 -8.97 6.14
CA GLY A 29 -10.00 -7.95 7.07
C GLY A 29 -11.44 -7.55 6.79
N PRO A 30 -11.97 -6.62 7.60
CA PRO A 30 -13.33 -6.12 7.45
C PRO A 30 -13.52 -5.27 6.21
N TYR A 31 -12.43 -5.03 5.50
CA TYR A 31 -12.46 -4.22 4.28
C TYR A 31 -12.22 -5.09 3.05
N LYS A 32 -12.63 -6.35 3.14
CA LYS A 32 -12.46 -7.28 2.03
C LYS A 32 -13.30 -6.86 0.83
N GLY A 33 -12.64 -6.70 -0.31
CA GLY A 33 -13.34 -6.29 -1.52
C GLY A 33 -13.43 -4.79 -1.67
N TYR A 34 -12.54 -4.08 -0.97
CA TYR A 34 -12.53 -2.62 -1.03
C TYR A 34 -11.30 -2.13 -1.80
N ILE A 35 -11.48 -1.05 -2.55
CA ILE A 35 -10.39 -0.48 -3.33
C ILE A 35 -9.77 0.71 -2.61
N GLY A 36 -8.50 0.97 -2.91
CA GLY A 36 -7.80 2.08 -2.28
C GLY A 36 -6.42 2.31 -2.87
N VAL A 37 -5.90 3.52 -2.69
CA VAL A 37 -4.58 3.87 -3.21
C VAL A 37 -3.54 3.84 -2.11
N VAL A 38 -2.47 3.07 -2.32
CA VAL A 38 -1.40 2.96 -1.35
C VAL A 38 -0.73 4.30 -1.10
N LYS A 39 -0.93 4.85 0.09
CA LYS A 39 -0.34 6.14 0.45
C LYS A 39 1.03 5.95 1.09
N ASP A 40 1.17 4.89 1.89
CA ASP A 40 2.42 4.60 2.56
C ASP A 40 2.68 3.10 2.60
N ALA A 41 3.95 2.72 2.56
CA ALA A 41 4.34 1.32 2.60
C ALA A 41 5.11 0.98 3.88
N THR A 42 4.56 0.09 4.68
CA THR A 42 5.18 -0.32 5.93
C THR A 42 5.86 -1.68 5.79
N GLU A 43 6.68 -2.03 6.79
CA GLU A 43 7.38 -3.30 6.77
C GLU A 43 6.40 -4.47 6.86
N SER A 44 5.41 -4.34 7.73
CA SER A 44 4.41 -5.38 7.92
C SER A 44 3.00 -4.82 7.72
N THR A 45 2.90 -3.68 7.05
CA THR A 45 1.62 -3.04 6.80
C THR A 45 1.71 -2.06 5.64
N ALA A 46 0.57 -1.52 5.24
CA ALA A 46 0.52 -0.56 4.14
C ALA A 46 -0.65 0.40 4.30
N ARG A 47 -0.33 1.69 4.44
CA ARG A 47 -1.35 2.71 4.60
C ARG A 47 -2.05 3.01 3.27
N VAL A 48 -3.24 2.46 3.10
CA VAL A 48 -4.01 2.66 1.88
C VAL A 48 -5.21 3.56 2.13
N GLU A 49 -5.50 4.43 1.15
CA GLU A 49 -6.63 5.36 1.27
C GLU A 49 -7.80 4.88 0.44
N LEU A 50 -8.81 4.34 1.11
CA LEU A 50 -10.01 3.84 0.44
C LEU A 50 -10.59 4.90 -0.49
N HIS A 51 -11.39 4.47 -1.46
CA HIS A 51 -12.00 5.39 -2.41
C HIS A 51 -13.37 5.83 -1.92
N SER A 52 -14.15 4.89 -1.40
CA SER A 52 -15.49 5.19 -0.90
C SER A 52 -15.42 5.95 0.43
N THR A 53 -14.96 5.25 1.47
CA THR A 53 -14.84 5.85 2.80
C THR A 53 -13.78 6.94 2.81
N CYS A 54 -13.05 7.06 1.70
CA CYS A 54 -12.00 8.08 1.58
C CYS A 54 -11.23 8.19 2.88
N GLN A 55 -10.82 7.05 3.44
CA GLN A 55 -10.07 7.03 4.68
C GLN A 55 -8.76 6.27 4.52
N THR A 56 -7.74 6.68 5.26
CA THR A 56 -6.44 6.03 5.19
C THR A 56 -6.30 4.96 6.27
N ILE A 57 -6.39 3.70 5.85
CA ILE A 57 -6.27 2.58 6.78
C ILE A 57 -5.03 1.74 6.47
N SER A 58 -4.44 1.18 7.53
CA SER A 58 -3.25 0.35 7.37
C SER A 58 -3.61 -1.12 7.28
N VAL A 59 -3.04 -1.81 6.30
CA VAL A 59 -3.31 -3.23 6.10
C VAL A 59 -2.05 -3.97 5.65
N ASP A 60 -1.93 -5.22 6.07
CA ASP A 60 -0.77 -6.04 5.70
C ASP A 60 -0.47 -5.92 4.22
N ARG A 61 0.79 -5.60 3.90
CA ARG A 61 1.21 -5.46 2.50
C ARG A 61 0.75 -6.64 1.67
N GLN A 62 0.79 -7.83 2.27
CA GLN A 62 0.38 -9.05 1.59
C GLN A 62 -1.14 -9.12 1.46
N ARG A 63 -1.84 -8.80 2.54
CA ARG A 63 -3.30 -8.82 2.55
C ARG A 63 -3.87 -7.97 1.43
N LEU A 64 -3.01 -7.13 0.84
CA LEU A 64 -3.44 -6.25 -0.24
C LEU A 64 -3.19 -6.90 -1.59
N THR A 65 -4.21 -6.92 -2.44
CA THR A 65 -4.10 -7.51 -3.77
C THR A 65 -3.93 -6.44 -4.83
N THR A 66 -2.68 -6.17 -5.21
CA THR A 66 -2.38 -5.17 -6.21
C THR A 66 -3.34 -5.27 -7.40
N VAL A 67 -4.09 -4.20 -7.64
CA VAL A 67 -5.04 -4.18 -8.75
C VAL A 67 -4.35 -3.86 -10.07
N GLY A 68 -5.05 -4.11 -11.17
CA GLY A 68 -4.48 -3.85 -12.48
C GLY A 68 -5.43 -4.19 -13.61
N SER A 69 -6.07 -3.17 -14.17
CA SER A 69 -7.02 -3.38 -15.26
C SER A 69 -6.57 -4.52 -16.17
N ARG A 70 -7.50 -5.43 -16.46
CA ARG A 70 -7.20 -6.57 -17.33
C ARG A 70 -8.28 -6.75 -18.38
N ARG A 71 -8.14 -7.80 -19.19
CA ARG A 71 -9.11 -8.09 -20.24
C ARG A 71 -9.81 -9.42 -19.99
N GLY A 1 0.20 -21.41 3.99
CA GLY A 1 -0.18 -20.27 4.80
C GLY A 1 0.65 -20.15 6.06
N SER A 2 1.86 -19.62 5.92
CA SER A 2 2.76 -19.45 7.06
C SER A 2 2.77 -18.00 7.53
N SER A 3 2.86 -17.82 8.85
CA SER A 3 2.88 -16.49 9.43
C SER A 3 3.34 -16.54 10.88
N GLY A 4 4.53 -16.00 11.14
CA GLY A 4 5.07 -15.99 12.49
C GLY A 4 5.53 -14.62 12.93
N SER A 5 5.70 -14.44 14.23
CA SER A 5 6.15 -13.16 14.77
C SER A 5 7.66 -13.07 14.80
N SER A 6 8.21 -12.17 13.99
CA SER A 6 9.66 -11.98 13.91
C SER A 6 10.07 -10.64 14.51
N GLY A 7 9.40 -9.57 14.08
CA GLY A 7 9.71 -8.26 14.60
C GLY A 7 9.73 -7.20 13.50
N MET A 8 10.15 -5.99 13.86
CA MET A 8 10.21 -4.89 12.91
C MET A 8 11.51 -4.11 13.05
N SER A 9 11.98 -3.56 11.93
CA SER A 9 13.22 -2.80 11.94
C SER A 9 13.03 -1.43 11.27
N ARG A 10 14.01 -0.55 11.45
CA ARG A 10 13.94 0.79 10.86
C ARG A 10 14.22 0.74 9.36
N GLY A 11 13.96 1.85 8.69
CA GLY A 11 14.19 1.90 7.25
C GLY A 11 15.54 2.52 6.90
N ARG A 12 16.47 1.68 6.45
CA ARG A 12 17.80 2.13 6.09
C ARG A 12 17.93 2.29 4.57
N GLY A 13 17.23 1.44 3.84
CA GLY A 13 17.28 1.51 2.38
C GLY A 13 16.52 2.71 1.83
N ARG A 14 16.47 2.81 0.52
CA ARG A 14 15.79 3.93 -0.14
C ARG A 14 14.28 3.82 0.06
N ARG A 15 13.67 4.92 0.50
CA ARG A 15 12.23 4.95 0.72
C ARG A 15 11.47 4.37 -0.47
N ASP A 16 10.94 3.17 -0.30
CA ASP A 16 10.18 2.51 -1.36
C ASP A 16 8.79 3.10 -1.49
N ASN A 17 8.61 3.99 -2.45
CA ASN A 17 7.33 4.64 -2.68
C ASN A 17 6.78 4.30 -4.06
N GLU A 18 7.17 3.13 -4.58
CA GLU A 18 6.73 2.69 -5.89
C GLU A 18 5.25 2.35 -5.88
N LEU A 19 4.88 1.36 -5.06
CA LEU A 19 3.49 0.94 -4.96
C LEU A 19 2.61 2.08 -4.45
N ILE A 20 3.24 3.10 -3.90
CA ILE A 20 2.52 4.26 -3.38
C ILE A 20 1.77 4.99 -4.50
N GLY A 21 0.45 4.82 -4.53
CA GLY A 21 -0.35 5.47 -5.54
C GLY A 21 -1.10 4.48 -6.42
N GLN A 22 -0.74 3.20 -6.31
CA GLN A 22 -1.37 2.16 -7.09
C GLN A 22 -2.76 1.82 -6.54
N THR A 23 -3.58 1.19 -7.36
CA THR A 23 -4.94 0.82 -6.96
C THR A 23 -4.97 -0.61 -6.44
N VAL A 24 -5.10 -0.76 -5.12
CA VAL A 24 -5.17 -2.08 -4.50
C VAL A 24 -6.56 -2.37 -3.94
N ARG A 25 -6.89 -3.64 -3.82
CA ARG A 25 -8.19 -4.05 -3.30
C ARG A 25 -8.03 -5.00 -2.13
N ILE A 26 -8.43 -4.54 -0.95
CA ILE A 26 -8.34 -5.36 0.26
C ILE A 26 -9.20 -6.61 0.16
N SER A 27 -8.55 -7.75 -0.06
CA SER A 27 -9.27 -9.02 -0.18
C SER A 27 -9.11 -9.85 1.08
N GLN A 28 -8.94 -9.17 2.22
CA GLN A 28 -8.78 -9.84 3.50
C GLN A 28 -9.05 -8.89 4.65
N GLY A 29 -9.68 -9.41 5.70
CA GLY A 29 -9.99 -8.59 6.86
C GLY A 29 -11.40 -8.04 6.82
N PRO A 30 -11.69 -7.05 7.68
CA PRO A 30 -13.01 -6.43 7.77
C PRO A 30 -13.33 -5.58 6.55
N TYR A 31 -12.29 -5.05 5.90
CA TYR A 31 -12.46 -4.23 4.71
C TYR A 31 -12.28 -5.05 3.45
N LYS A 32 -12.88 -6.23 3.43
CA LYS A 32 -12.78 -7.11 2.27
C LYS A 32 -13.61 -6.58 1.10
N GLY A 33 -13.03 -6.62 -0.09
CA GLY A 33 -13.72 -6.14 -1.27
C GLY A 33 -13.81 -4.62 -1.32
N TYR A 34 -12.73 -3.97 -0.93
CA TYR A 34 -12.68 -2.50 -0.92
C TYR A 34 -11.47 -1.99 -1.69
N ILE A 35 -11.67 -0.92 -2.44
CA ILE A 35 -10.59 -0.33 -3.23
C ILE A 35 -9.94 0.84 -2.49
N GLY A 36 -8.68 1.10 -2.79
CA GLY A 36 -7.96 2.19 -2.15
C GLY A 36 -6.63 2.47 -2.81
N VAL A 37 -6.06 3.62 -2.50
CA VAL A 37 -4.77 4.02 -3.07
C VAL A 37 -3.67 3.97 -2.01
N VAL A 38 -2.63 3.20 -2.28
CA VAL A 38 -1.50 3.07 -1.36
C VAL A 38 -0.76 4.40 -1.21
N LYS A 39 -0.86 4.99 -0.02
CA LYS A 39 -0.20 6.26 0.25
C LYS A 39 1.18 6.03 0.87
N ASP A 40 1.30 4.93 1.61
CA ASP A 40 2.57 4.60 2.26
C ASP A 40 2.81 3.09 2.25
N ALA A 41 4.06 2.70 2.10
CA ALA A 41 4.43 1.27 2.07
C ALA A 41 5.15 0.87 3.35
N THR A 42 4.53 0.01 4.13
CA THR A 42 5.13 -0.46 5.38
C THR A 42 5.73 -1.85 5.22
N GLU A 43 6.67 -2.20 6.09
CA GLU A 43 7.32 -3.50 6.04
C GLU A 43 6.29 -4.61 5.83
N SER A 44 5.53 -4.91 6.88
CA SER A 44 4.51 -5.96 6.82
C SER A 44 3.13 -5.35 6.70
N THR A 45 3.07 -4.10 6.25
CA THR A 45 1.79 -3.40 6.09
C THR A 45 1.89 -2.32 5.02
N ALA A 46 0.75 -1.71 4.70
CA ALA A 46 0.70 -0.66 3.69
C ALA A 46 -0.45 0.30 3.95
N ARG A 47 -0.14 1.58 4.10
CA ARG A 47 -1.15 2.60 4.36
C ARG A 47 -1.94 2.91 3.09
N VAL A 48 -3.09 2.28 2.94
CA VAL A 48 -3.94 2.48 1.77
C VAL A 48 -5.09 3.43 2.09
N GLU A 49 -5.48 4.24 1.11
CA GLU A 49 -6.57 5.18 1.28
C GLU A 49 -7.81 4.73 0.53
N LEU A 50 -8.76 4.17 1.27
CA LEU A 50 -10.01 3.69 0.68
C LEU A 50 -10.63 4.76 -0.22
N HIS A 51 -11.49 4.32 -1.14
CA HIS A 51 -12.16 5.23 -2.06
C HIS A 51 -13.45 5.77 -1.45
N SER A 52 -14.27 4.87 -0.92
CA SER A 52 -15.53 5.24 -0.31
C SER A 52 -15.31 6.17 0.87
N THR A 53 -14.86 5.59 1.98
CA THR A 53 -14.60 6.37 3.19
C THR A 53 -13.59 7.47 2.94
N CYS A 54 -12.69 7.23 1.98
CA CYS A 54 -11.67 8.21 1.65
C CYS A 54 -10.75 8.48 2.84
N GLN A 55 -10.26 7.40 3.45
CA GLN A 55 -9.38 7.53 4.60
C GLN A 55 -8.23 6.53 4.50
N THR A 56 -7.09 6.89 5.11
CA THR A 56 -5.91 6.02 5.10
C THR A 56 -5.98 4.99 6.22
N ILE A 57 -5.60 3.76 5.89
CA ILE A 57 -5.61 2.67 6.87
C ILE A 57 -4.42 1.73 6.65
N SER A 58 -3.87 1.24 7.74
CA SER A 58 -2.73 0.33 7.68
C SER A 58 -3.20 -1.12 7.52
N VAL A 59 -2.93 -1.70 6.37
CA VAL A 59 -3.33 -3.08 6.09
C VAL A 59 -2.13 -3.90 5.61
N ASP A 60 -2.14 -5.20 5.95
CA ASP A 60 -1.06 -6.09 5.56
C ASP A 60 -0.84 -6.05 4.04
N ARG A 61 0.42 -5.92 3.63
CA ARG A 61 0.75 -5.87 2.22
C ARG A 61 0.16 -7.07 1.47
N GLN A 62 0.01 -8.18 2.20
CA GLN A 62 -0.55 -9.39 1.60
C GLN A 62 -2.06 -9.29 1.46
N ARG A 63 -2.71 -8.81 2.51
CA ARG A 63 -4.17 -8.66 2.50
C ARG A 63 -4.61 -7.76 1.35
N LEU A 64 -3.67 -7.04 0.77
CA LEU A 64 -3.97 -6.13 -0.34
C LEU A 64 -3.63 -6.79 -1.68
N THR A 65 -4.60 -6.78 -2.59
CA THR A 65 -4.41 -7.37 -3.91
C THR A 65 -4.42 -6.30 -5.00
N THR A 66 -3.25 -5.95 -5.50
CA THR A 66 -3.12 -4.94 -6.54
C THR A 66 -4.16 -5.16 -7.64
N VAL A 67 -5.02 -4.17 -7.84
CA VAL A 67 -6.06 -4.26 -8.86
C VAL A 67 -5.45 -4.35 -10.26
N GLY A 68 -4.42 -3.53 -10.51
CA GLY A 68 -3.77 -3.54 -11.80
C GLY A 68 -2.82 -4.70 -11.97
N SER A 69 -3.04 -5.50 -13.01
CA SER A 69 -2.20 -6.67 -13.27
C SER A 69 -1.82 -6.74 -14.75
N ARG A 70 -0.98 -7.69 -15.09
CA ARG A 70 -0.53 -7.87 -16.46
C ARG A 70 -0.95 -9.24 -16.99
N ARG A 71 -0.93 -9.39 -18.32
CA ARG A 71 -1.31 -10.64 -18.95
C ARG A 71 -0.20 -11.15 -19.87
N GLY A 1 20.91 22.68 -20.37
CA GLY A 1 21.37 22.22 -19.07
C GLY A 1 22.77 21.63 -19.13
N SER A 2 23.07 20.73 -18.20
CA SER A 2 24.39 20.11 -18.15
C SER A 2 24.27 18.65 -17.73
N SER A 3 25.25 17.84 -18.13
CA SER A 3 25.27 16.42 -17.81
C SER A 3 26.55 16.05 -17.07
N GLY A 4 26.45 15.04 -16.20
CA GLY A 4 27.61 14.61 -15.45
C GLY A 4 27.55 15.01 -13.99
N SER A 5 26.68 14.35 -13.22
CA SER A 5 26.52 14.65 -11.82
C SER A 5 27.38 13.72 -10.96
N SER A 6 28.38 14.29 -10.31
CA SER A 6 29.29 13.51 -9.46
C SER A 6 28.51 12.54 -8.59
N GLY A 7 28.79 11.26 -8.74
CA GLY A 7 28.11 10.24 -7.96
C GLY A 7 28.56 8.83 -8.31
N MET A 8 29.62 8.38 -7.64
CA MET A 8 30.15 7.05 -7.89
C MET A 8 29.39 6.00 -7.09
N SER A 9 29.00 6.36 -5.87
CA SER A 9 28.26 5.45 -5.00
C SER A 9 27.17 6.18 -4.25
N ARG A 10 25.92 5.79 -4.50
CA ARG A 10 24.77 6.42 -3.84
C ARG A 10 24.11 5.45 -2.87
N GLY A 11 23.68 5.98 -1.73
CA GLY A 11 23.04 5.15 -0.72
C GLY A 11 21.84 5.83 -0.10
N ARG A 12 20.68 5.16 -0.14
CA ARG A 12 19.46 5.70 0.43
C ARG A 12 18.91 4.78 1.52
N GLY A 13 18.18 5.37 2.47
CA GLY A 13 17.61 4.59 3.55
C GLY A 13 16.54 3.63 3.07
N ARG A 14 15.35 3.74 3.65
CA ARG A 14 14.24 2.87 3.27
C ARG A 14 13.20 3.64 2.45
N ARG A 15 13.68 4.45 1.51
CA ARG A 15 12.80 5.23 0.66
C ARG A 15 12.13 4.35 -0.39
N ASP A 16 11.03 3.70 0.00
CA ASP A 16 10.30 2.83 -0.92
C ASP A 16 8.89 3.37 -1.17
N ASN A 17 8.70 3.97 -2.33
CA ASN A 17 7.41 4.53 -2.71
C ASN A 17 7.01 4.10 -4.12
N GLU A 18 7.27 2.84 -4.44
CA GLU A 18 6.94 2.31 -5.76
C GLU A 18 5.45 1.98 -5.85
N LEU A 19 5.02 0.98 -5.08
CA LEU A 19 3.63 0.57 -5.08
C LEU A 19 2.71 1.72 -4.67
N ILE A 20 3.31 2.77 -4.12
CA ILE A 20 2.55 3.94 -3.69
C ILE A 20 1.86 4.62 -4.86
N GLY A 21 0.55 4.41 -4.98
CA GLY A 21 -0.20 5.00 -6.06
C GLY A 21 -0.98 3.98 -6.86
N GLN A 22 -0.63 2.72 -6.69
CA GLN A 22 -1.30 1.63 -7.41
C GLN A 22 -2.65 1.31 -6.77
N THR A 23 -3.53 0.69 -7.54
CA THR A 23 -4.86 0.33 -7.05
C THR A 23 -4.86 -1.06 -6.45
N VAL A 24 -5.02 -1.13 -5.13
CA VAL A 24 -5.05 -2.39 -4.42
C VAL A 24 -6.43 -2.68 -3.83
N ARG A 25 -6.81 -3.95 -3.83
CA ARG A 25 -8.11 -4.35 -3.30
C ARG A 25 -7.95 -5.26 -2.09
N ILE A 26 -8.31 -4.75 -0.92
CA ILE A 26 -8.20 -5.52 0.31
C ILE A 26 -9.04 -6.79 0.25
N SER A 27 -8.37 -7.94 0.26
CA SER A 27 -9.04 -9.23 0.20
C SER A 27 -8.98 -9.94 1.54
N GLN A 28 -8.69 -9.18 2.59
CA GLN A 28 -8.60 -9.76 3.94
C GLN A 28 -9.03 -8.74 4.98
N GLY A 29 -9.80 -9.20 5.96
CA GLY A 29 -10.27 -8.31 7.02
C GLY A 29 -11.70 -7.85 6.79
N PRO A 30 -12.17 -6.94 7.64
CA PRO A 30 -13.53 -6.40 7.55
C PRO A 30 -13.73 -5.50 6.34
N TYR A 31 -12.62 -5.07 5.74
CA TYR A 31 -12.67 -4.21 4.57
C TYR A 31 -12.48 -5.03 3.29
N LYS A 32 -12.78 -6.32 3.36
CA LYS A 32 -12.64 -7.20 2.22
C LYS A 32 -13.50 -6.72 1.05
N GLY A 33 -12.91 -6.73 -0.14
CA GLY A 33 -13.64 -6.29 -1.32
C GLY A 33 -13.69 -4.78 -1.44
N TYR A 34 -12.66 -4.11 -0.90
CA TYR A 34 -12.60 -2.66 -0.95
C TYR A 34 -11.38 -2.20 -1.76
N ILE A 35 -11.56 -1.11 -2.52
CA ILE A 35 -10.48 -0.57 -3.33
C ILE A 35 -9.85 0.65 -2.68
N GLY A 36 -8.57 0.85 -2.92
CA GLY A 36 -7.87 1.99 -2.34
C GLY A 36 -6.51 2.21 -2.97
N VAL A 37 -5.97 3.42 -2.81
CA VAL A 37 -4.67 3.76 -3.37
C VAL A 37 -3.59 3.72 -2.29
N VAL A 38 -2.56 2.93 -2.53
CA VAL A 38 -1.45 2.80 -1.58
C VAL A 38 -0.76 4.13 -1.37
N LYS A 39 -1.00 4.74 -0.22
CA LYS A 39 -0.39 6.03 0.11
C LYS A 39 1.01 5.84 0.68
N ASP A 40 1.18 4.79 1.47
CA ASP A 40 2.48 4.50 2.07
C ASP A 40 2.72 2.99 2.13
N ALA A 41 3.98 2.60 2.03
CA ALA A 41 4.36 1.19 2.08
C ALA A 41 5.20 0.88 3.31
N THR A 42 4.67 0.03 4.19
CA THR A 42 5.37 -0.34 5.41
C THR A 42 6.02 -1.71 5.26
N GLU A 43 6.89 -2.05 6.21
CA GLU A 43 7.58 -3.34 6.18
C GLU A 43 6.60 -4.50 6.34
N SER A 44 5.68 -4.36 7.29
CA SER A 44 4.67 -5.39 7.54
C SER A 44 3.27 -4.82 7.42
N THR A 45 3.15 -3.69 6.75
CA THR A 45 1.86 -3.03 6.57
C THR A 45 1.90 -2.06 5.39
N ALA A 46 0.73 -1.52 5.04
CA ALA A 46 0.63 -0.57 3.94
C ALA A 46 -0.52 0.40 4.15
N ARG A 47 -0.21 1.69 4.19
CA ARG A 47 -1.22 2.72 4.39
C ARG A 47 -1.96 3.01 3.09
N VAL A 48 -3.13 2.39 2.92
CA VAL A 48 -3.94 2.58 1.72
C VAL A 48 -5.08 3.55 1.98
N GLU A 49 -5.46 4.29 0.96
CA GLU A 49 -6.55 5.26 1.08
C GLU A 49 -7.80 4.77 0.34
N LEU A 50 -8.74 4.23 1.09
CA LEU A 50 -9.98 3.72 0.50
C LEU A 50 -10.62 4.75 -0.40
N HIS A 51 -11.49 4.30 -1.30
CA HIS A 51 -12.18 5.19 -2.23
C HIS A 51 -13.55 5.57 -1.70
N SER A 52 -14.17 4.66 -0.95
CA SER A 52 -15.49 4.90 -0.39
C SER A 52 -15.41 5.84 0.82
N THR A 53 -14.70 5.40 1.85
CA THR A 53 -14.54 6.20 3.06
C THR A 53 -13.53 7.33 2.85
N CYS A 54 -12.74 7.21 1.80
CA CYS A 54 -11.73 8.21 1.48
C CYS A 54 -10.82 8.46 2.68
N GLN A 55 -10.43 7.38 3.34
CA GLN A 55 -9.55 7.48 4.50
C GLN A 55 -8.35 6.55 4.36
N THR A 56 -7.26 6.87 5.06
CA THR A 56 -6.05 6.06 5.02
C THR A 56 -6.01 5.06 6.17
N ILE A 57 -5.95 3.78 5.83
CA ILE A 57 -5.89 2.73 6.84
C ILE A 57 -4.70 1.81 6.61
N SER A 58 -4.12 1.32 7.71
CA SER A 58 -2.96 0.44 7.65
C SER A 58 -3.40 -1.01 7.48
N VAL A 59 -2.95 -1.64 6.40
CA VAL A 59 -3.30 -3.04 6.14
C VAL A 59 -2.06 -3.83 5.72
N ASP A 60 -2.05 -5.12 6.07
CA ASP A 60 -0.94 -5.99 5.74
C ASP A 60 -0.68 -5.99 4.24
N ARG A 61 0.58 -5.76 3.85
CA ARG A 61 0.95 -5.74 2.45
C ARG A 61 0.41 -6.96 1.71
N GLN A 62 0.31 -8.08 2.43
CA GLN A 62 -0.19 -9.32 1.85
C GLN A 62 -1.71 -9.29 1.73
N ARG A 63 -2.36 -8.76 2.78
CA ARG A 63 -3.82 -8.68 2.79
C ARG A 63 -4.33 -7.82 1.63
N LEU A 64 -3.41 -7.15 0.96
CA LEU A 64 -3.77 -6.29 -0.16
C LEU A 64 -3.48 -6.99 -1.50
N THR A 65 -4.52 -7.13 -2.32
CA THR A 65 -4.39 -7.78 -3.62
C THR A 65 -4.25 -6.75 -4.73
N THR A 66 -3.02 -6.54 -5.19
CA THR A 66 -2.75 -5.58 -6.26
C THR A 66 -3.78 -5.72 -7.39
N VAL A 67 -4.53 -4.65 -7.63
CA VAL A 67 -5.54 -4.65 -8.68
C VAL A 67 -4.91 -4.40 -10.05
N GLY A 68 -5.69 -4.61 -11.10
CA GLY A 68 -5.20 -4.41 -12.44
C GLY A 68 -5.08 -2.93 -12.80
N SER A 69 -4.08 -2.59 -13.59
CA SER A 69 -3.85 -1.21 -14.00
C SER A 69 -4.26 -1.00 -15.46
N ARG A 70 -4.82 0.17 -15.75
CA ARG A 70 -5.25 0.50 -17.11
C ARG A 70 -4.11 1.13 -17.90
N ARG A 71 -3.75 0.49 -19.01
CA ARG A 71 -2.68 0.99 -19.86
C ARG A 71 -3.23 1.52 -21.18
N GLY A 1 10.41 -11.17 30.21
CA GLY A 1 10.86 -9.90 30.76
C GLY A 1 10.96 -8.81 29.71
N SER A 2 11.68 -9.10 28.63
CA SER A 2 11.83 -8.13 27.54
C SER A 2 11.86 -8.83 26.19
N SER A 3 11.09 -8.31 25.24
CA SER A 3 11.03 -8.88 23.90
C SER A 3 11.83 -8.05 22.91
N GLY A 4 12.77 -8.68 22.22
CA GLY A 4 13.58 -7.98 21.24
C GLY A 4 12.76 -7.10 20.33
N SER A 5 13.40 -6.11 19.72
CA SER A 5 12.72 -5.19 18.82
C SER A 5 13.63 -4.78 17.67
N SER A 6 13.18 -5.02 16.45
CA SER A 6 13.95 -4.67 15.25
C SER A 6 13.19 -3.68 14.38
N GLY A 7 13.94 -2.97 13.53
CA GLY A 7 13.32 -2.00 12.65
C GLY A 7 14.25 -0.85 12.31
N MET A 8 13.93 0.34 12.81
CA MET A 8 14.74 1.51 12.54
C MET A 8 16.23 1.18 12.63
N SER A 9 16.99 1.62 11.64
CA SER A 9 18.42 1.36 11.60
C SER A 9 19.20 2.64 11.28
N ARG A 10 20.18 2.94 12.12
CA ARG A 10 21.00 4.14 11.93
C ARG A 10 21.33 4.34 10.46
N GLY A 11 22.02 3.38 9.87
CA GLY A 11 22.39 3.46 8.47
C GLY A 11 21.22 3.85 7.58
N ARG A 12 21.39 4.92 6.81
CA ARG A 12 20.33 5.38 5.92
C ARG A 12 19.61 4.20 5.28
N GLY A 13 18.29 4.30 5.20
CA GLY A 13 17.50 3.24 4.61
C GLY A 13 16.75 3.69 3.36
N ARG A 14 17.14 3.15 2.21
CA ARG A 14 16.51 3.52 0.95
C ARG A 14 15.00 3.57 1.10
N ARG A 15 14.36 4.44 0.33
CA ARG A 15 12.92 4.59 0.36
C ARG A 15 12.24 3.75 -0.71
N ASP A 16 11.10 3.16 -0.38
CA ASP A 16 10.36 2.33 -1.32
C ASP A 16 8.93 2.84 -1.49
N ASN A 17 8.79 3.90 -2.28
CA ASN A 17 7.48 4.49 -2.53
C ASN A 17 7.00 4.18 -3.95
N GLU A 18 7.38 3.01 -4.45
CA GLU A 18 7.00 2.60 -5.80
C GLU A 18 5.53 2.20 -5.84
N LEU A 19 5.15 1.28 -4.97
CA LEU A 19 3.77 0.81 -4.91
C LEU A 19 2.84 1.92 -4.46
N ILE A 20 3.41 2.99 -3.91
CA ILE A 20 2.62 4.12 -3.45
C ILE A 20 1.89 4.81 -4.61
N GLY A 21 0.57 4.61 -4.66
CA GLY A 21 -0.22 5.21 -5.71
C GLY A 21 -0.96 4.18 -6.53
N GLN A 22 -0.56 2.92 -6.40
CA GLN A 22 -1.21 1.83 -7.14
C GLN A 22 -2.58 1.52 -6.56
N THR A 23 -3.42 0.88 -7.38
CA THR A 23 -4.77 0.53 -6.96
C THR A 23 -4.83 -0.91 -6.44
N VAL A 24 -4.97 -1.05 -5.12
CA VAL A 24 -5.03 -2.37 -4.50
C VAL A 24 -6.43 -2.64 -3.93
N ARG A 25 -6.75 -3.92 -3.78
CA ARG A 25 -8.05 -4.31 -3.25
C ARG A 25 -7.88 -5.23 -2.04
N ILE A 26 -8.24 -4.72 -0.86
CA ILE A 26 -8.13 -5.49 0.37
C ILE A 26 -9.00 -6.74 0.31
N SER A 27 -8.35 -7.90 0.19
CA SER A 27 -9.05 -9.17 0.11
C SER A 27 -8.85 -9.98 1.40
N GLN A 28 -8.70 -9.28 2.51
CA GLN A 28 -8.50 -9.93 3.80
C GLN A 28 -8.83 -8.98 4.95
N GLY A 29 -9.64 -9.47 5.90
CA GLY A 29 -10.01 -8.65 7.03
C GLY A 29 -11.42 -8.11 6.90
N PRO A 30 -11.74 -7.10 7.72
CA PRO A 30 -13.07 -6.47 7.72
C PRO A 30 -13.32 -5.66 6.45
N TYR A 31 -12.27 -5.04 5.93
CA TYR A 31 -12.38 -4.24 4.72
C TYR A 31 -12.18 -5.09 3.47
N LYS A 32 -12.70 -6.31 3.51
CA LYS A 32 -12.58 -7.22 2.38
C LYS A 32 -13.45 -6.78 1.21
N GLY A 33 -12.86 -6.77 0.02
CA GLY A 33 -13.60 -6.35 -1.16
C GLY A 33 -13.68 -4.85 -1.30
N TYR A 34 -12.63 -4.16 -0.87
CA TYR A 34 -12.59 -2.71 -0.94
C TYR A 34 -11.37 -2.24 -1.74
N ILE A 35 -11.58 -1.18 -2.54
CA ILE A 35 -10.50 -0.64 -3.36
C ILE A 35 -9.86 0.57 -2.69
N GLY A 36 -8.58 0.77 -2.94
CA GLY A 36 -7.86 1.89 -2.35
C GLY A 36 -6.50 2.12 -2.98
N VAL A 37 -5.96 3.32 -2.80
CA VAL A 37 -4.66 3.65 -3.35
C VAL A 37 -3.58 3.65 -2.27
N VAL A 38 -2.50 2.92 -2.52
CA VAL A 38 -1.40 2.84 -1.57
C VAL A 38 -0.73 4.19 -1.39
N LYS A 39 -0.92 4.79 -0.21
CA LYS A 39 -0.34 6.08 0.09
C LYS A 39 1.04 5.92 0.72
N ASP A 40 1.21 4.89 1.53
CA ASP A 40 2.48 4.62 2.19
C ASP A 40 2.75 3.12 2.27
N ALA A 41 4.03 2.74 2.23
CA ALA A 41 4.42 1.35 2.30
C ALA A 41 5.10 1.03 3.63
N THR A 42 4.46 0.17 4.42
CA THR A 42 5.01 -0.22 5.71
C THR A 42 5.63 -1.61 5.66
N GLU A 43 6.57 -1.87 6.56
CA GLU A 43 7.24 -3.15 6.62
C GLU A 43 6.25 -4.29 6.40
N SER A 44 5.46 -4.58 7.42
CA SER A 44 4.47 -5.65 7.35
C SER A 44 3.06 -5.07 7.17
N THR A 45 2.99 -3.87 6.61
CA THR A 45 1.71 -3.21 6.39
C THR A 45 1.81 -2.16 5.28
N ALA A 46 0.67 -1.60 4.90
CA ALA A 46 0.64 -0.58 3.87
C ALA A 46 -0.55 0.36 4.06
N ARG A 47 -0.24 1.65 4.19
CA ARG A 47 -1.28 2.66 4.39
C ARG A 47 -2.00 2.97 3.07
N VAL A 48 -3.17 2.36 2.90
CA VAL A 48 -3.96 2.56 1.69
C VAL A 48 -5.15 3.47 1.96
N GLU A 49 -5.48 4.32 0.99
CA GLU A 49 -6.60 5.24 1.13
C GLU A 49 -7.81 4.74 0.32
N LEU A 50 -8.80 4.23 1.03
CA LEU A 50 -10.01 3.72 0.39
C LEU A 50 -10.59 4.74 -0.59
N HIS A 51 -11.42 4.28 -1.51
CA HIS A 51 -12.03 5.15 -2.50
C HIS A 51 -13.42 5.59 -2.05
N SER A 52 -14.03 4.80 -1.19
CA SER A 52 -15.36 5.10 -0.68
C SER A 52 -15.29 6.06 0.51
N THR A 53 -14.81 5.57 1.64
CA THR A 53 -14.68 6.38 2.83
C THR A 53 -13.62 7.45 2.67
N CYS A 54 -12.76 7.28 1.67
CA CYS A 54 -11.70 8.24 1.40
C CYS A 54 -10.83 8.45 2.63
N GLN A 55 -10.52 7.35 3.31
CA GLN A 55 -9.70 7.42 4.52
C GLN A 55 -8.50 6.47 4.41
N THR A 56 -7.40 6.85 5.06
CA THR A 56 -6.19 6.04 5.02
C THR A 56 -6.17 5.04 6.17
N ILE A 57 -5.92 3.77 5.84
CA ILE A 57 -5.88 2.72 6.85
C ILE A 57 -4.69 1.80 6.63
N SER A 58 -4.12 1.30 7.73
CA SER A 58 -2.97 0.41 7.66
C SER A 58 -3.41 -1.03 7.51
N VAL A 59 -3.04 -1.66 6.40
CA VAL A 59 -3.40 -3.04 6.13
C VAL A 59 -2.18 -3.85 5.69
N ASP A 60 -2.12 -5.10 6.13
CA ASP A 60 -1.01 -5.99 5.78
C ASP A 60 -0.74 -5.95 4.28
N ARG A 61 0.53 -5.81 3.91
CA ARG A 61 0.92 -5.76 2.51
C ARG A 61 0.35 -6.95 1.75
N GLN A 62 0.25 -8.09 2.44
CA GLN A 62 -0.27 -9.31 1.83
C GLN A 62 -1.79 -9.24 1.69
N ARG A 63 -2.45 -8.75 2.72
CA ARG A 63 -3.91 -8.62 2.71
C ARG A 63 -4.37 -7.76 1.55
N LEU A 64 -3.44 -7.09 0.90
CA LEU A 64 -3.75 -6.22 -0.24
C LEU A 64 -3.42 -6.92 -1.55
N THR A 65 -4.39 -6.97 -2.46
CA THR A 65 -4.21 -7.60 -3.75
C THR A 65 -4.24 -6.58 -4.88
N THR A 66 -3.06 -6.24 -5.40
CA THR A 66 -2.95 -5.26 -6.48
C THR A 66 -4.03 -5.49 -7.52
N VAL A 67 -4.91 -4.50 -7.69
CA VAL A 67 -5.99 -4.59 -8.66
C VAL A 67 -5.45 -4.70 -10.08
N GLY A 68 -4.53 -3.81 -10.43
CA GLY A 68 -3.94 -3.83 -11.76
C GLY A 68 -4.54 -2.78 -12.67
N SER A 69 -4.42 -3.01 -13.97
CA SER A 69 -4.96 -2.07 -14.96
C SER A 69 -6.31 -2.53 -15.47
N ARG A 70 -7.17 -1.57 -15.83
CA ARG A 70 -8.50 -1.89 -16.32
C ARG A 70 -8.43 -2.41 -17.76
N ARG A 71 -8.94 -3.62 -17.96
CA ARG A 71 -8.93 -4.24 -19.28
C ARG A 71 -9.92 -3.54 -20.21
N GLY A 1 -0.26 0.49 31.61
CA GLY A 1 -1.04 -0.66 32.05
C GLY A 1 -1.89 -1.24 30.93
N SER A 2 -2.61 -0.37 30.22
CA SER A 2 -3.48 -0.79 29.13
C SER A 2 -2.97 -0.28 27.79
N SER A 3 -2.46 -1.18 26.97
CA SER A 3 -1.93 -0.82 25.66
C SER A 3 -1.58 -2.06 24.85
N GLY A 4 -1.37 -1.87 23.55
CA GLY A 4 -1.03 -2.98 22.68
C GLY A 4 -0.27 -2.55 21.45
N SER A 5 1.05 -2.63 21.50
CA SER A 5 1.90 -2.24 20.39
C SER A 5 3.21 -3.00 20.40
N SER A 6 3.80 -3.20 19.21
CA SER A 6 5.06 -3.92 19.09
C SER A 6 6.17 -2.99 18.63
N GLY A 7 6.81 -2.31 19.59
CA GLY A 7 7.89 -1.41 19.26
C GLY A 7 7.39 -0.03 18.89
N MET A 8 7.81 0.99 19.66
CA MET A 8 7.39 2.36 19.40
C MET A 8 8.20 2.97 18.27
N SER A 9 9.50 2.67 18.24
CA SER A 9 10.39 3.19 17.21
C SER A 9 10.41 2.27 16.00
N ARG A 10 9.86 2.74 14.89
CA ARG A 10 9.82 1.96 13.66
C ARG A 10 11.00 2.30 12.76
N GLY A 11 11.95 1.38 12.65
CA GLY A 11 13.11 1.59 11.82
C GLY A 11 12.77 2.25 10.50
N ARG A 12 13.57 3.24 10.10
CA ARG A 12 13.34 3.95 8.86
C ARG A 12 14.45 3.64 7.85
N GLY A 13 14.34 2.50 7.18
CA GLY A 13 15.34 2.11 6.20
C GLY A 13 14.89 2.38 4.78
N ARG A 14 15.25 1.48 3.87
CA ARG A 14 14.88 1.63 2.47
C ARG A 14 13.51 2.27 2.32
N ARG A 15 13.31 3.01 1.24
CA ARG A 15 12.03 3.68 1.00
C ARG A 15 11.49 3.32 -0.39
N ASP A 16 10.55 2.39 -0.43
CA ASP A 16 9.96 1.97 -1.69
C ASP A 16 8.63 2.68 -1.94
N ASN A 17 8.71 3.92 -2.41
CA ASN A 17 7.52 4.72 -2.69
C ASN A 17 7.03 4.47 -4.11
N GLU A 18 7.19 3.24 -4.59
CA GLU A 18 6.76 2.88 -5.93
C GLU A 18 5.28 2.50 -5.95
N LEU A 19 4.93 1.52 -5.12
CA LEU A 19 3.55 1.05 -5.04
C LEU A 19 2.61 2.18 -4.59
N ILE A 20 3.21 3.26 -4.10
CA ILE A 20 2.43 4.41 -3.64
C ILE A 20 1.72 5.09 -4.80
N GLY A 21 0.40 4.96 -4.84
CA GLY A 21 -0.39 5.56 -5.91
C GLY A 21 -1.13 4.54 -6.73
N GLN A 22 -0.78 3.27 -6.56
CA GLN A 22 -1.42 2.19 -7.30
C GLN A 22 -2.79 1.88 -6.72
N THR A 23 -3.61 1.15 -7.49
CA THR A 23 -4.95 0.79 -7.05
C THR A 23 -4.98 -0.64 -6.52
N VAL A 24 -5.17 -0.77 -5.21
CA VAL A 24 -5.21 -2.08 -4.57
C VAL A 24 -6.61 -2.37 -4.02
N ARG A 25 -6.95 -3.64 -3.93
CA ARG A 25 -8.26 -4.06 -3.41
C ARG A 25 -8.10 -5.00 -2.23
N ILE A 26 -8.52 -4.55 -1.06
CA ILE A 26 -8.42 -5.36 0.15
C ILE A 26 -9.16 -6.69 -0.02
N SER A 27 -8.50 -7.78 0.37
CA SER A 27 -9.09 -9.12 0.26
C SER A 27 -9.47 -9.66 1.62
N GLN A 28 -8.73 -9.23 2.66
CA GLN A 28 -8.99 -9.67 4.02
C GLN A 28 -9.50 -8.52 4.88
N GLY A 29 -9.76 -8.81 6.15
CA GLY A 29 -10.25 -7.78 7.06
C GLY A 29 -11.72 -7.47 6.84
N PRO A 30 -12.24 -6.51 7.62
CA PRO A 30 -13.64 -6.10 7.53
C PRO A 30 -13.93 -5.33 6.24
N TYR A 31 -12.88 -4.97 5.53
CA TYR A 31 -13.02 -4.23 4.27
C TYR A 31 -12.71 -5.12 3.08
N LYS A 32 -13.06 -6.39 3.19
CA LYS A 32 -12.81 -7.35 2.12
C LYS A 32 -13.64 -7.02 0.88
N GLY A 33 -12.98 -6.50 -0.14
CA GLY A 33 -13.67 -6.15 -1.37
C GLY A 33 -13.79 -4.65 -1.56
N TYR A 34 -12.82 -3.90 -1.03
CA TYR A 34 -12.83 -2.45 -1.13
C TYR A 34 -11.62 -1.96 -1.92
N ILE A 35 -11.80 -0.85 -2.64
CA ILE A 35 -10.72 -0.28 -3.43
C ILE A 35 -10.05 0.89 -2.69
N GLY A 36 -8.76 1.05 -2.92
CA GLY A 36 -8.03 2.12 -2.27
C GLY A 36 -6.67 2.36 -2.90
N VAL A 37 -6.10 3.54 -2.64
CA VAL A 37 -4.80 3.89 -3.20
C VAL A 37 -3.71 3.84 -2.14
N VAL A 38 -2.62 3.14 -2.45
CA VAL A 38 -1.52 3.01 -1.51
C VAL A 38 -0.85 4.35 -1.25
N LYS A 39 -1.05 4.88 -0.04
CA LYS A 39 -0.47 6.17 0.34
C LYS A 39 0.95 5.99 0.87
N ASP A 40 1.17 4.92 1.62
CA ASP A 40 2.48 4.63 2.18
C ASP A 40 2.75 3.13 2.20
N ALA A 41 4.02 2.76 2.09
CA ALA A 41 4.41 1.36 2.09
C ALA A 41 5.23 1.01 3.33
N THR A 42 4.70 0.10 4.14
CA THR A 42 5.38 -0.32 5.37
C THR A 42 6.08 -1.65 5.18
N GLU A 43 6.98 -1.98 6.11
CA GLU A 43 7.71 -3.24 6.04
C GLU A 43 6.75 -4.43 6.00
N SER A 44 5.86 -4.50 6.98
CA SER A 44 4.88 -5.58 7.05
C SER A 44 3.47 -5.04 6.96
N THR A 45 3.34 -3.81 6.47
CA THR A 45 2.03 -3.18 6.33
C THR A 45 2.03 -2.16 5.19
N ALA A 46 0.86 -1.63 4.88
CA ALA A 46 0.73 -0.64 3.82
C ALA A 46 -0.43 0.31 4.09
N ARG A 47 -0.13 1.60 4.19
CA ARG A 47 -1.16 2.61 4.45
C ARG A 47 -1.93 2.94 3.17
N VAL A 48 -3.09 2.31 3.01
CA VAL A 48 -3.92 2.55 1.83
C VAL A 48 -5.09 3.47 2.16
N GLU A 49 -5.45 4.31 1.21
CA GLU A 49 -6.56 5.25 1.39
C GLU A 49 -7.80 4.78 0.64
N LEU A 50 -8.75 4.20 1.37
CA LEU A 50 -9.98 3.72 0.76
C LEU A 50 -10.63 4.80 -0.10
N HIS A 51 -11.48 4.37 -1.03
CA HIS A 51 -12.17 5.30 -1.92
C HIS A 51 -13.47 5.80 -1.29
N SER A 52 -14.33 4.86 -0.91
CA SER A 52 -15.61 5.20 -0.29
C SER A 52 -15.40 5.96 1.01
N THR A 53 -14.87 5.27 2.01
CA THR A 53 -14.63 5.88 3.32
C THR A 53 -13.65 7.05 3.20
N CYS A 54 -12.76 6.97 2.22
CA CYS A 54 -11.77 8.02 2.01
C CYS A 54 -10.90 8.22 3.24
N GLN A 55 -10.39 7.12 3.78
CA GLN A 55 -9.54 7.17 4.96
C GLN A 55 -8.30 6.30 4.78
N THR A 56 -7.21 6.71 5.42
CA THR A 56 -5.96 5.96 5.33
C THR A 56 -5.87 4.90 6.41
N ILE A 57 -5.94 3.64 5.99
CA ILE A 57 -5.87 2.52 6.93
C ILE A 57 -4.67 1.63 6.63
N SER A 58 -4.10 1.04 7.68
CA SER A 58 -2.94 0.17 7.54
C SER A 58 -3.37 -1.28 7.31
N VAL A 59 -2.86 -1.88 6.23
CA VAL A 59 -3.19 -3.26 5.91
C VAL A 59 -1.96 -4.02 5.44
N ASP A 60 -1.86 -5.28 5.83
CA ASP A 60 -0.73 -6.12 5.46
C ASP A 60 -0.46 -6.03 3.96
N ARG A 61 0.78 -5.74 3.61
CA ARG A 61 1.17 -5.62 2.21
C ARG A 61 0.61 -6.76 1.38
N GLN A 62 0.57 -7.96 1.99
CA GLN A 62 0.05 -9.14 1.31
C GLN A 62 -1.48 -9.12 1.27
N ARG A 63 -2.08 -8.78 2.41
CA ARG A 63 -3.54 -8.72 2.50
C ARG A 63 -4.13 -7.92 1.34
N LEU A 64 -3.36 -6.98 0.83
CA LEU A 64 -3.80 -6.14 -0.29
C LEU A 64 -3.67 -6.88 -1.61
N THR A 65 -4.66 -6.72 -2.48
CA THR A 65 -4.65 -7.37 -3.78
C THR A 65 -4.61 -6.35 -4.91
N THR A 66 -3.41 -6.00 -5.35
CA THR A 66 -3.23 -5.04 -6.42
C THR A 66 -4.24 -5.26 -7.54
N VAL A 67 -5.09 -4.27 -7.78
CA VAL A 67 -6.11 -4.37 -8.82
C VAL A 67 -5.46 -4.43 -10.21
N GLY A 68 -4.57 -3.48 -10.48
CA GLY A 68 -3.90 -3.45 -11.77
C GLY A 68 -3.14 -4.73 -12.06
N SER A 69 -2.69 -4.88 -13.29
CA SER A 69 -1.95 -6.06 -13.71
C SER A 69 -0.47 -5.75 -13.93
N ARG A 70 0.40 -6.57 -13.35
CA ARG A 70 1.83 -6.37 -13.50
C ARG A 70 2.38 -7.13 -14.70
N ARG A 71 2.31 -6.50 -15.86
CA ARG A 71 2.80 -7.11 -17.10
C ARG A 71 4.20 -6.62 -17.44
N GLY A 1 3.12 32.23 -12.80
CA GLY A 1 3.65 31.68 -11.56
C GLY A 1 4.96 32.31 -11.16
N SER A 2 5.00 32.86 -9.94
CA SER A 2 6.21 33.51 -9.44
C SER A 2 7.38 32.53 -9.42
N SER A 3 7.14 31.34 -8.90
CA SER A 3 8.18 30.31 -8.82
C SER A 3 7.72 29.01 -9.50
N GLY A 4 8.50 28.58 -10.49
CA GLY A 4 8.16 27.36 -11.20
C GLY A 4 9.19 26.27 -11.00
N SER A 5 9.06 25.53 -9.90
CA SER A 5 9.99 24.45 -9.59
C SER A 5 9.35 23.10 -9.84
N SER A 6 8.25 22.83 -9.14
CA SER A 6 7.55 21.57 -9.27
C SER A 6 8.51 20.39 -9.23
N GLY A 7 9.48 20.46 -8.32
CA GLY A 7 10.45 19.39 -8.19
C GLY A 7 11.42 19.34 -9.35
N MET A 8 12.71 19.27 -9.05
CA MET A 8 13.74 19.22 -10.08
C MET A 8 14.76 18.13 -9.78
N SER A 9 15.28 18.14 -8.55
CA SER A 9 16.28 17.16 -8.14
C SER A 9 15.64 15.78 -7.98
N ARG A 10 16.11 14.83 -8.78
CA ARG A 10 15.59 13.47 -8.72
C ARG A 10 16.64 12.51 -8.16
N GLY A 11 16.36 11.97 -6.97
CA GLY A 11 17.28 11.05 -6.34
C GLY A 11 16.61 9.76 -5.90
N ARG A 12 17.39 8.70 -5.75
CA ARG A 12 16.86 7.42 -5.33
C ARG A 12 16.73 7.34 -3.82
N GLY A 13 15.64 6.71 -3.35
CA GLY A 13 15.42 6.59 -1.92
C GLY A 13 15.30 5.14 -1.48
N ARG A 14 15.92 4.82 -0.36
CA ARG A 14 15.89 3.45 0.17
C ARG A 14 14.44 2.98 0.33
N ARG A 15 13.59 3.82 0.91
CA ARG A 15 12.20 3.48 1.11
C ARG A 15 11.53 3.11 -0.21
N ASP A 16 10.65 2.11 -0.16
CA ASP A 16 9.94 1.66 -1.36
C ASP A 16 8.67 2.47 -1.57
N ASN A 17 8.74 3.48 -2.43
CA ASN A 17 7.59 4.32 -2.72
C ASN A 17 7.12 4.12 -4.15
N GLU A 18 7.22 2.89 -4.63
CA GLU A 18 6.80 2.56 -5.99
C GLU A 18 5.31 2.23 -6.03
N LEU A 19 4.90 1.25 -5.24
CA LEU A 19 3.51 0.83 -5.19
C LEU A 19 2.62 1.99 -4.74
N ILE A 20 3.24 3.04 -4.23
CA ILE A 20 2.49 4.22 -3.78
C ILE A 20 1.75 4.88 -4.93
N GLY A 21 0.43 4.75 -4.92
CA GLY A 21 -0.38 5.34 -5.97
C GLY A 21 -1.13 4.31 -6.78
N GLN A 22 -0.75 3.05 -6.63
CA GLN A 22 -1.40 1.96 -7.35
C GLN A 22 -2.78 1.67 -6.77
N THR A 23 -3.62 0.98 -7.55
CA THR A 23 -4.96 0.64 -7.13
C THR A 23 -5.02 -0.78 -6.58
N VAL A 24 -5.15 -0.92 -5.27
CA VAL A 24 -5.22 -2.22 -4.63
C VAL A 24 -6.60 -2.46 -4.02
N ARG A 25 -6.94 -3.73 -3.84
CA ARG A 25 -8.24 -4.09 -3.27
C ARG A 25 -8.05 -5.05 -2.10
N ILE A 26 -8.43 -4.59 -0.91
CA ILE A 26 -8.31 -5.41 0.29
C ILE A 26 -9.14 -6.69 0.18
N SER A 27 -8.51 -7.83 0.45
CA SER A 27 -9.18 -9.10 0.37
C SER A 27 -9.02 -9.89 1.66
N GLN A 28 -8.55 -9.20 2.71
CA GLN A 28 -8.34 -9.83 4.01
C GLN A 28 -8.78 -8.90 5.13
N GLY A 29 -9.62 -9.41 6.02
CA GLY A 29 -10.10 -8.61 7.13
C GLY A 29 -11.54 -8.17 6.96
N PRO A 30 -11.95 -7.14 7.72
CA PRO A 30 -13.32 -6.61 7.66
C PRO A 30 -13.59 -5.86 6.36
N TYR A 31 -12.55 -5.23 5.82
CA TYR A 31 -12.68 -4.48 4.57
C TYR A 31 -12.35 -5.36 3.37
N LYS A 32 -12.84 -6.59 3.40
CA LYS A 32 -12.59 -7.54 2.31
C LYS A 32 -13.50 -7.24 1.11
N GLY A 33 -12.97 -6.52 0.14
CA GLY A 33 -13.74 -6.18 -1.04
C GLY A 33 -13.87 -4.68 -1.25
N TYR A 34 -12.81 -3.95 -0.89
CA TYR A 34 -12.81 -2.50 -1.04
C TYR A 34 -11.58 -2.03 -1.81
N ILE A 35 -11.74 -0.95 -2.56
CA ILE A 35 -10.64 -0.40 -3.35
C ILE A 35 -9.98 0.76 -2.63
N GLY A 36 -8.71 1.00 -2.94
CA GLY A 36 -7.99 2.09 -2.31
C GLY A 36 -6.61 2.31 -2.92
N VAL A 37 -6.14 3.55 -2.87
CA VAL A 37 -4.83 3.88 -3.43
C VAL A 37 -3.74 3.83 -2.36
N VAL A 38 -2.66 3.12 -2.65
CA VAL A 38 -1.56 3.00 -1.71
C VAL A 38 -0.90 4.35 -1.46
N LYS A 39 -1.10 4.88 -0.26
CA LYS A 39 -0.52 6.17 0.12
C LYS A 39 0.90 6.00 0.63
N ASP A 40 1.12 4.95 1.43
CA ASP A 40 2.43 4.68 1.99
C ASP A 40 2.69 3.18 2.05
N ALA A 41 3.96 2.80 1.92
CA ALA A 41 4.35 1.40 1.95
C ALA A 41 5.14 1.08 3.23
N THR A 42 4.61 0.16 4.03
CA THR A 42 5.25 -0.24 5.27
C THR A 42 5.91 -1.60 5.14
N GLU A 43 6.84 -1.90 6.05
CA GLU A 43 7.54 -3.19 6.03
C GLU A 43 6.54 -4.34 6.00
N SER A 44 5.72 -4.44 7.05
CA SER A 44 4.73 -5.50 7.15
C SER A 44 3.32 -4.94 7.03
N THR A 45 3.21 -3.76 6.42
CA THR A 45 1.91 -3.12 6.24
C THR A 45 1.96 -2.10 5.10
N ALA A 46 0.79 -1.55 4.76
CA ALA A 46 0.70 -0.57 3.68
C ALA A 46 -0.46 0.39 3.93
N ARG A 47 -0.14 1.67 4.03
CA ARG A 47 -1.16 2.70 4.27
C ARG A 47 -1.93 2.99 2.99
N VAL A 48 -3.14 2.44 2.88
CA VAL A 48 -3.98 2.64 1.71
C VAL A 48 -5.15 3.57 2.02
N GLU A 49 -5.54 4.37 1.03
CA GLU A 49 -6.64 5.30 1.21
C GLU A 49 -7.87 4.85 0.42
N LEU A 50 -8.85 4.32 1.14
CA LEU A 50 -10.08 3.84 0.51
C LEU A 50 -10.68 4.90 -0.41
N HIS A 51 -11.55 4.47 -1.32
CA HIS A 51 -12.19 5.40 -2.24
C HIS A 51 -13.56 5.84 -1.73
N SER A 52 -14.18 4.98 -0.92
CA SER A 52 -15.49 5.28 -0.36
C SER A 52 -15.36 6.16 0.88
N THR A 53 -14.92 5.56 1.98
CA THR A 53 -14.75 6.27 3.24
C THR A 53 -13.72 7.38 3.10
N CYS A 54 -12.87 7.27 2.07
CA CYS A 54 -11.83 8.27 1.83
C CYS A 54 -10.92 8.40 3.05
N GLN A 55 -10.58 7.28 3.66
CA GLN A 55 -9.71 7.27 4.83
C GLN A 55 -8.49 6.40 4.60
N THR A 56 -7.37 6.80 5.19
CA THR A 56 -6.12 6.04 5.05
C THR A 56 -5.98 5.01 6.16
N ILE A 57 -6.13 3.73 5.80
CA ILE A 57 -6.02 2.65 6.76
C ILE A 57 -4.78 1.81 6.49
N SER A 58 -4.26 1.16 7.54
CA SER A 58 -3.08 0.32 7.42
C SER A 58 -3.46 -1.14 7.26
N VAL A 59 -2.97 -1.77 6.19
CA VAL A 59 -3.27 -3.18 5.92
C VAL A 59 -2.01 -3.92 5.47
N ASP A 60 -1.91 -5.19 5.86
CA ASP A 60 -0.77 -6.01 5.50
C ASP A 60 -0.54 -6.00 3.99
N ARG A 61 0.68 -5.70 3.58
CA ARG A 61 1.02 -5.64 2.17
C ARG A 61 0.46 -6.86 1.42
N GLN A 62 0.43 -7.99 2.10
CA GLN A 62 -0.08 -9.22 1.51
C GLN A 62 -1.61 -9.22 1.48
N ARG A 63 -2.21 -8.72 2.54
CA ARG A 63 -3.66 -8.66 2.65
C ARG A 63 -4.26 -7.88 1.48
N LEU A 64 -3.44 -7.04 0.86
CA LEU A 64 -3.88 -6.22 -0.26
C LEU A 64 -3.67 -6.96 -1.58
N THR A 65 -4.65 -6.86 -2.48
CA THR A 65 -4.57 -7.51 -3.78
C THR A 65 -4.61 -6.50 -4.91
N THR A 66 -3.44 -6.12 -5.40
CA THR A 66 -3.34 -5.15 -6.49
C THR A 66 -4.43 -5.38 -7.54
N VAL A 67 -5.28 -4.39 -7.72
CA VAL A 67 -6.37 -4.48 -8.68
C VAL A 67 -5.84 -4.78 -10.08
N GLY A 68 -4.78 -4.09 -10.47
CA GLY A 68 -4.19 -4.30 -11.78
C GLY A 68 -3.12 -3.27 -12.10
N SER A 69 -1.96 -3.41 -11.46
CA SER A 69 -0.85 -2.49 -11.68
C SER A 69 -0.05 -2.88 -12.92
N ARG A 70 -0.51 -2.44 -14.08
CA ARG A 70 0.17 -2.75 -15.34
C ARG A 70 0.87 -1.52 -15.90
N ARG A 71 1.03 -0.50 -15.06
CA ARG A 71 1.68 0.73 -15.47
C ARG A 71 2.82 1.09 -14.53
N GLY A 1 0.65 -21.54 1.46
CA GLY A 1 1.93 -21.17 2.02
C GLY A 1 1.80 -20.50 3.38
N SER A 2 2.76 -20.76 4.26
CA SER A 2 2.73 -20.17 5.60
C SER A 2 3.90 -19.21 5.79
N SER A 3 3.66 -17.93 5.54
CA SER A 3 4.69 -16.91 5.69
C SER A 3 4.12 -15.64 6.29
N GLY A 4 4.87 -15.04 7.22
CA GLY A 4 4.42 -13.82 7.86
C GLY A 4 4.85 -13.74 9.32
N SER A 5 5.65 -12.74 9.64
CA SER A 5 6.14 -12.56 11.01
C SER A 5 6.81 -11.20 11.17
N SER A 6 7.06 -10.82 12.42
CA SER A 6 7.70 -9.54 12.71
C SER A 6 9.04 -9.75 13.42
N GLY A 7 10.12 -9.65 12.66
CA GLY A 7 11.45 -9.84 13.23
C GLY A 7 12.41 -8.76 12.82
N MET A 8 13.38 -9.12 11.97
CA MET A 8 14.38 -8.16 11.50
C MET A 8 13.72 -6.84 11.11
N SER A 9 14.24 -5.74 11.64
CA SER A 9 13.71 -4.42 11.34
C SER A 9 14.81 -3.47 10.89
N ARG A 10 15.03 -3.40 9.59
CA ARG A 10 16.07 -2.53 9.03
C ARG A 10 15.84 -1.08 9.46
N GLY A 11 16.64 -0.61 10.41
CA GLY A 11 16.51 0.75 10.89
C GLY A 11 16.33 1.75 9.75
N ARG A 12 17.34 1.85 8.90
CA ARG A 12 17.29 2.78 7.77
C ARG A 12 16.78 2.07 6.51
N GLY A 13 15.46 2.11 6.32
CA GLY A 13 14.87 1.47 5.16
C GLY A 13 15.04 2.30 3.90
N ARG A 14 15.13 1.62 2.76
CA ARG A 14 15.30 2.29 1.48
C ARG A 14 13.98 2.89 1.01
N ARG A 15 14.06 3.87 0.11
CA ARG A 15 12.87 4.53 -0.42
C ARG A 15 12.13 3.60 -1.38
N ASP A 16 11.03 3.03 -0.92
CA ASP A 16 10.23 2.13 -1.74
C ASP A 16 8.80 2.65 -1.91
N ASN A 17 8.69 3.93 -2.25
CA ASN A 17 7.39 4.57 -2.45
C ASN A 17 6.89 4.36 -3.88
N GLU A 18 7.21 3.20 -4.45
CA GLU A 18 6.79 2.89 -5.80
C GLU A 18 5.31 2.52 -5.84
N LEU A 19 4.94 1.49 -5.10
CA LEU A 19 3.55 1.04 -5.05
C LEU A 19 2.63 2.15 -4.54
N ILE A 20 3.24 3.19 -3.97
CA ILE A 20 2.47 4.32 -3.46
C ILE A 20 1.74 5.05 -4.57
N GLY A 21 0.42 4.91 -4.61
CA GLY A 21 -0.37 5.57 -5.63
C GLY A 21 -1.11 4.58 -6.51
N GLN A 22 -0.75 3.31 -6.41
CA GLN A 22 -1.40 2.27 -7.19
C GLN A 22 -2.78 1.94 -6.66
N THR A 23 -3.57 1.22 -7.44
CA THR A 23 -4.93 0.85 -7.04
C THR A 23 -4.97 -0.59 -6.53
N VAL A 24 -5.19 -0.74 -5.23
CA VAL A 24 -5.25 -2.06 -4.62
C VAL A 24 -6.65 -2.34 -4.08
N ARG A 25 -6.97 -3.62 -3.91
CA ARG A 25 -8.27 -4.03 -3.40
C ARG A 25 -8.13 -5.05 -2.28
N ILE A 26 -8.49 -4.64 -1.07
CA ILE A 26 -8.40 -5.53 0.08
C ILE A 26 -9.21 -6.80 -0.12
N SER A 27 -8.59 -7.95 0.19
CA SER A 27 -9.25 -9.24 0.02
C SER A 27 -9.59 -9.84 1.38
N GLN A 28 -8.78 -9.52 2.38
CA GLN A 28 -9.00 -10.03 3.73
C GLN A 28 -9.41 -8.92 4.69
N GLY A 29 -9.67 -9.28 5.94
CA GLY A 29 -10.06 -8.30 6.93
C GLY A 29 -11.51 -7.87 6.77
N PRO A 30 -11.97 -6.99 7.67
CA PRO A 30 -13.34 -6.48 7.65
C PRO A 30 -13.60 -5.56 6.46
N TYR A 31 -12.53 -5.17 5.79
CA TYR A 31 -12.63 -4.28 4.62
C TYR A 31 -12.47 -5.06 3.33
N LYS A 32 -12.85 -6.33 3.35
CA LYS A 32 -12.75 -7.18 2.17
C LYS A 32 -13.61 -6.64 1.04
N GLY A 33 -13.06 -6.63 -0.17
CA GLY A 33 -13.79 -6.14 -1.32
C GLY A 33 -13.86 -4.62 -1.36
N TYR A 34 -12.78 -3.97 -0.97
CA TYR A 34 -12.73 -2.51 -0.95
C TYR A 34 -11.55 -2.00 -1.77
N ILE A 35 -11.78 -0.93 -2.51
CA ILE A 35 -10.74 -0.33 -3.34
C ILE A 35 -10.08 0.86 -2.65
N GLY A 36 -8.80 1.08 -2.93
CA GLY A 36 -8.10 2.19 -2.33
C GLY A 36 -6.75 2.44 -2.98
N VAL A 37 -6.12 3.56 -2.63
CA VAL A 37 -4.82 3.92 -3.19
C VAL A 37 -3.74 3.87 -2.12
N VAL A 38 -2.67 3.13 -2.41
CA VAL A 38 -1.56 3.00 -1.48
C VAL A 38 -0.90 4.34 -1.22
N LYS A 39 -1.10 4.89 -0.03
CA LYS A 39 -0.52 6.18 0.34
C LYS A 39 0.91 6.00 0.84
N ASP A 40 1.13 4.94 1.63
CA ASP A 40 2.45 4.67 2.19
C ASP A 40 2.71 3.17 2.22
N ALA A 41 3.98 2.79 2.11
CA ALA A 41 4.37 1.38 2.12
C ALA A 41 5.08 1.03 3.41
N THR A 42 4.51 0.11 4.18
CA THR A 42 5.09 -0.31 5.45
C THR A 42 5.73 -1.69 5.31
N GLU A 43 6.67 -1.99 6.21
CA GLU A 43 7.35 -3.28 6.20
C GLU A 43 6.37 -4.41 5.96
N SER A 44 5.60 -4.74 6.99
CA SER A 44 4.62 -5.82 6.90
C SER A 44 3.21 -5.26 6.76
N THR A 45 3.12 -4.00 6.34
CA THR A 45 1.84 -3.34 6.15
C THR A 45 1.91 -2.28 5.07
N ALA A 46 0.76 -1.70 4.73
CA ALA A 46 0.70 -0.66 3.70
C ALA A 46 -0.45 0.28 3.96
N ARG A 47 -0.14 1.57 4.13
CA ARG A 47 -1.16 2.58 4.39
C ARG A 47 -1.91 2.92 3.11
N VAL A 48 -3.11 2.37 2.97
CA VAL A 48 -3.94 2.61 1.79
C VAL A 48 -5.12 3.52 2.12
N GLU A 49 -5.49 4.38 1.18
CA GLU A 49 -6.60 5.30 1.38
C GLU A 49 -7.83 4.84 0.60
N LEU A 50 -8.80 4.29 1.33
CA LEU A 50 -10.03 3.80 0.72
C LEU A 50 -10.68 4.88 -0.14
N HIS A 51 -11.56 4.47 -1.04
CA HIS A 51 -12.25 5.40 -1.91
C HIS A 51 -13.56 5.88 -1.28
N SER A 52 -14.36 4.92 -0.79
CA SER A 52 -15.64 5.25 -0.16
C SER A 52 -15.43 6.13 1.06
N THR A 53 -14.91 5.55 2.13
CA THR A 53 -14.66 6.28 3.37
C THR A 53 -13.67 7.42 3.14
N CYS A 54 -12.80 7.25 2.15
CA CYS A 54 -11.80 8.26 1.84
C CYS A 54 -10.88 8.51 3.03
N GLN A 55 -10.36 7.43 3.60
CA GLN A 55 -9.47 7.53 4.76
C GLN A 55 -8.31 6.55 4.64
N THR A 56 -7.19 6.90 5.24
CA THR A 56 -5.99 6.06 5.19
C THR A 56 -6.05 4.98 6.27
N ILE A 57 -5.67 3.76 5.90
CA ILE A 57 -5.67 2.64 6.83
C ILE A 57 -4.48 1.72 6.59
N SER A 58 -3.99 1.11 7.67
CA SER A 58 -2.85 0.20 7.58
C SER A 58 -3.32 -1.24 7.36
N VAL A 59 -2.90 -1.82 6.24
CA VAL A 59 -3.27 -3.20 5.92
C VAL A 59 -2.06 -3.99 5.46
N ASP A 60 -2.01 -5.26 5.85
CA ASP A 60 -0.90 -6.13 5.46
C ASP A 60 -0.65 -6.07 3.96
N ARG A 61 0.62 -5.90 3.58
CA ARG A 61 0.98 -5.81 2.18
C ARG A 61 0.47 -7.02 1.40
N GLN A 62 0.17 -8.10 2.13
CA GLN A 62 -0.34 -9.32 1.51
C GLN A 62 -1.85 -9.28 1.39
N ARG A 63 -2.51 -8.84 2.44
CA ARG A 63 -3.97 -8.75 2.45
C ARG A 63 -4.47 -7.88 1.30
N LEU A 64 -3.57 -7.08 0.74
CA LEU A 64 -3.93 -6.20 -0.37
C LEU A 64 -3.73 -6.90 -1.70
N THR A 65 -4.72 -6.77 -2.59
CA THR A 65 -4.66 -7.39 -3.90
C THR A 65 -4.61 -6.34 -5.01
N THR A 66 -3.39 -5.94 -5.39
CA THR A 66 -3.20 -4.95 -6.44
C THR A 66 -4.17 -5.18 -7.59
N VAL A 67 -5.03 -4.19 -7.84
CA VAL A 67 -6.00 -4.28 -8.93
C VAL A 67 -5.30 -4.48 -10.27
N GLY A 68 -4.41 -3.55 -10.60
CA GLY A 68 -3.69 -3.63 -11.86
C GLY A 68 -2.84 -4.88 -11.96
N SER A 69 -1.72 -4.78 -12.67
CA SER A 69 -0.81 -5.91 -12.85
C SER A 69 -0.72 -6.73 -11.56
N ARG A 70 -0.63 -8.05 -11.72
CA ARG A 70 -0.54 -8.95 -10.58
C ARG A 70 0.88 -9.48 -10.43
N ARG A 71 1.47 -9.30 -9.24
CA ARG A 71 2.81 -9.77 -8.97
C ARG A 71 2.86 -10.61 -7.71
N GLY A 1 10.63 4.46 -36.59
CA GLY A 1 10.56 5.87 -36.28
C GLY A 1 11.81 6.39 -35.61
N SER A 2 11.68 7.48 -34.88
CA SER A 2 12.82 8.09 -34.19
C SER A 2 13.24 7.24 -33.00
N SER A 3 14.51 6.83 -33.00
CA SER A 3 15.04 6.00 -31.91
C SER A 3 14.92 6.71 -30.58
N GLY A 4 14.46 5.98 -29.56
CA GLY A 4 14.31 6.57 -28.24
C GLY A 4 13.59 5.64 -27.27
N SER A 5 14.35 5.00 -26.39
CA SER A 5 13.78 4.08 -25.41
C SER A 5 14.16 4.49 -24.00
N SER A 6 13.29 4.18 -23.05
CA SER A 6 13.52 4.51 -21.65
C SER A 6 14.55 3.57 -21.02
N GLY A 7 15.53 4.14 -20.32
CA GLY A 7 16.55 3.33 -19.69
C GLY A 7 16.12 2.78 -18.34
N MET A 8 16.82 1.76 -17.87
CA MET A 8 16.50 1.13 -16.59
C MET A 8 17.69 1.22 -15.64
N SER A 9 17.47 0.82 -14.39
CA SER A 9 18.51 0.85 -13.37
C SER A 9 19.51 -0.29 -13.59
N ARG A 10 20.77 -0.03 -13.25
CA ARG A 10 21.81 -1.04 -13.39
C ARG A 10 22.52 -1.30 -12.06
N GLY A 11 22.13 -0.54 -11.04
CA GLY A 11 22.74 -0.70 -9.74
C GLY A 11 21.77 -1.24 -8.71
N ARG A 12 22.00 -0.92 -7.45
CA ARG A 12 21.15 -1.39 -6.36
C ARG A 12 20.20 -0.29 -5.91
N GLY A 13 19.62 0.42 -6.87
CA GLY A 13 18.69 1.50 -6.55
C GLY A 13 17.25 1.04 -6.51
N ARG A 14 16.81 0.56 -5.35
CA ARG A 14 15.44 0.09 -5.20
C ARG A 14 14.67 0.98 -4.23
N ARG A 15 13.39 1.22 -4.55
CA ARG A 15 12.55 2.05 -3.70
C ARG A 15 11.27 1.31 -3.33
N ASP A 16 10.56 1.84 -2.33
CA ASP A 16 9.32 1.23 -1.87
C ASP A 16 8.12 2.11 -2.24
N ASN A 17 8.35 3.41 -2.35
CA ASN A 17 7.29 4.35 -2.69
C ASN A 17 6.72 4.05 -4.06
N GLU A 18 7.43 3.22 -4.83
CA GLU A 18 6.99 2.85 -6.17
C GLU A 18 5.56 2.32 -6.15
N LEU A 19 5.08 1.96 -4.96
CA LEU A 19 3.74 1.43 -4.81
C LEU A 19 2.79 2.50 -4.27
N ILE A 20 3.37 3.56 -3.70
CA ILE A 20 2.59 4.65 -3.14
C ILE A 20 1.85 5.42 -4.24
N GLY A 21 0.55 5.16 -4.36
CA GLY A 21 -0.24 5.83 -5.38
C GLY A 21 -0.94 4.85 -6.30
N GLN A 22 -0.63 3.58 -6.16
CA GLN A 22 -1.23 2.55 -7.00
C GLN A 22 -2.64 2.21 -6.51
N THR A 23 -3.37 1.46 -7.32
CA THR A 23 -4.74 1.07 -6.98
C THR A 23 -4.79 -0.39 -6.52
N VAL A 24 -4.94 -0.58 -5.21
CA VAL A 24 -5.00 -1.92 -4.64
C VAL A 24 -6.42 -2.24 -4.14
N ARG A 25 -6.72 -3.52 -4.02
CA ARG A 25 -8.03 -3.96 -3.55
C ARG A 25 -7.89 -4.96 -2.40
N ILE A 26 -8.38 -4.56 -1.22
CA ILE A 26 -8.32 -5.43 -0.05
C ILE A 26 -9.05 -6.74 -0.29
N SER A 27 -8.49 -7.82 0.25
CA SER A 27 -9.08 -9.14 0.09
C SER A 27 -9.46 -9.73 1.44
N GLN A 28 -8.70 -9.37 2.47
CA GLN A 28 -8.96 -9.86 3.82
C GLN A 28 -9.44 -8.73 4.73
N GLY A 29 -9.86 -9.10 5.95
CA GLY A 29 -10.33 -8.10 6.89
C GLY A 29 -11.78 -7.70 6.63
N PRO A 30 -12.30 -6.79 7.46
CA PRO A 30 -13.68 -6.30 7.34
C PRO A 30 -13.87 -5.42 6.11
N TYR A 31 -12.76 -5.09 5.44
CA TYR A 31 -12.82 -4.26 4.24
C TYR A 31 -12.56 -5.08 2.99
N LYS A 32 -12.89 -6.37 3.06
CA LYS A 32 -12.70 -7.27 1.93
C LYS A 32 -13.50 -6.81 0.72
N GLY A 33 -12.85 -6.74 -0.44
CA GLY A 33 -13.52 -6.32 -1.65
C GLY A 33 -13.65 -4.81 -1.74
N TYR A 34 -12.63 -4.10 -1.30
CA TYR A 34 -12.64 -2.64 -1.32
C TYR A 34 -11.41 -2.11 -2.06
N ILE A 35 -11.61 -1.03 -2.81
CA ILE A 35 -10.51 -0.42 -3.55
C ILE A 35 -9.90 0.76 -2.78
N GLY A 36 -8.60 0.94 -2.95
CA GLY A 36 -7.92 2.03 -2.26
C GLY A 36 -6.56 2.33 -2.86
N VAL A 37 -6.01 3.49 -2.51
CA VAL A 37 -4.70 3.89 -3.02
C VAL A 37 -3.65 3.87 -1.91
N VAL A 38 -2.54 3.19 -2.19
CA VAL A 38 -1.45 3.08 -1.22
C VAL A 38 -0.82 4.44 -0.96
N LYS A 39 -1.07 4.97 0.24
CA LYS A 39 -0.52 6.28 0.63
C LYS A 39 0.89 6.13 1.19
N ASP A 40 1.12 5.06 1.95
CA ASP A 40 2.43 4.81 2.54
C ASP A 40 2.71 3.31 2.59
N ALA A 41 3.99 2.96 2.49
CA ALA A 41 4.40 1.57 2.53
C ALA A 41 5.11 1.24 3.85
N THR A 42 4.52 0.33 4.62
CA THR A 42 5.09 -0.08 5.90
C THR A 42 5.74 -1.46 5.80
N GLU A 43 6.68 -1.72 6.70
CA GLU A 43 7.38 -3.00 6.71
C GLU A 43 6.40 -4.15 6.52
N SER A 44 5.64 -4.46 7.55
CA SER A 44 4.66 -5.54 7.50
C SER A 44 3.25 -5.00 7.35
N THR A 45 3.15 -3.78 6.79
CA THR A 45 1.85 -3.15 6.58
C THR A 45 1.93 -2.09 5.49
N ALA A 46 0.78 -1.53 5.12
CA ALA A 46 0.71 -0.52 4.09
C ALA A 46 -0.47 0.42 4.31
N ARG A 47 -0.17 1.72 4.46
CA ARG A 47 -1.21 2.71 4.68
C ARG A 47 -1.95 3.03 3.39
N VAL A 48 -3.12 2.41 3.20
CA VAL A 48 -3.91 2.63 2.00
C VAL A 48 -5.10 3.54 2.30
N GLU A 49 -5.54 4.28 1.28
CA GLU A 49 -6.67 5.19 1.43
C GLU A 49 -7.87 4.69 0.63
N LEU A 50 -8.84 4.11 1.32
CA LEU A 50 -10.04 3.59 0.67
C LEU A 50 -10.67 4.66 -0.22
N HIS A 51 -11.46 4.21 -1.19
CA HIS A 51 -12.12 5.12 -2.13
C HIS A 51 -13.54 5.42 -1.65
N SER A 52 -14.10 4.52 -0.85
CA SER A 52 -15.46 4.69 -0.34
C SER A 52 -15.47 5.60 0.88
N THR A 53 -14.90 5.11 1.98
CA THR A 53 -14.85 5.88 3.21
C THR A 53 -13.87 7.05 3.09
N CYS A 54 -12.99 6.97 2.10
CA CYS A 54 -12.01 8.03 1.88
C CYS A 54 -11.12 8.22 3.11
N GLN A 55 -10.75 7.11 3.74
CA GLN A 55 -9.90 7.15 4.92
C GLN A 55 -8.66 6.28 4.74
N THR A 56 -7.60 6.63 5.46
CA THR A 56 -6.34 5.89 5.38
C THR A 56 -6.23 4.88 6.51
N ILE A 57 -6.08 3.61 6.14
CA ILE A 57 -5.97 2.54 7.13
C ILE A 57 -4.72 1.69 6.88
N SER A 58 -4.23 1.05 7.93
CA SER A 58 -3.04 0.21 7.82
C SER A 58 -3.41 -1.26 7.65
N VAL A 59 -2.97 -1.85 6.55
CA VAL A 59 -3.26 -3.25 6.27
C VAL A 59 -2.01 -3.99 5.80
N ASP A 60 -1.89 -5.25 6.20
CA ASP A 60 -0.75 -6.07 5.81
C ASP A 60 -0.48 -5.97 4.31
N ARG A 61 0.77 -5.73 3.96
CA ARG A 61 1.16 -5.60 2.55
C ARG A 61 0.64 -6.80 1.75
N GLN A 62 0.29 -7.87 2.45
CA GLN A 62 -0.20 -9.08 1.79
C GLN A 62 -1.72 -9.03 1.66
N ARG A 63 -2.38 -8.49 2.68
CA ARG A 63 -3.84 -8.39 2.68
C ARG A 63 -4.32 -7.52 1.52
N LEU A 64 -3.38 -6.86 0.85
CA LEU A 64 -3.71 -5.99 -0.28
C LEU A 64 -3.45 -6.70 -1.61
N THR A 65 -4.40 -6.57 -2.53
CA THR A 65 -4.28 -7.19 -3.84
C THR A 65 -4.27 -6.14 -4.95
N THR A 66 -3.07 -5.72 -5.35
CA THR A 66 -2.92 -4.72 -6.40
C THR A 66 -3.93 -4.95 -7.52
N VAL A 67 -4.77 -3.95 -7.77
CA VAL A 67 -5.78 -4.04 -8.82
C VAL A 67 -5.13 -4.09 -10.20
N GLY A 68 -4.31 -3.08 -10.50
CA GLY A 68 -3.64 -3.04 -11.79
C GLY A 68 -2.80 -4.26 -12.06
N SER A 69 -2.96 -4.84 -13.25
CA SER A 69 -2.21 -6.04 -13.62
C SER A 69 -0.79 -5.68 -14.07
N ARG A 70 0.19 -6.26 -13.38
CA ARG A 70 1.59 -6.00 -13.71
C ARG A 70 2.10 -6.99 -14.76
N ARG A 71 1.19 -7.78 -15.32
CA ARG A 71 1.55 -8.77 -16.32
C ARG A 71 2.08 -8.09 -17.58
N GLY A 1 22.11 21.03 -2.95
CA GLY A 1 22.74 19.93 -3.65
C GLY A 1 24.19 19.75 -3.26
N SER A 2 24.49 18.70 -2.51
CA SER A 2 25.86 18.42 -2.08
C SER A 2 26.76 18.13 -3.27
N SER A 3 28.07 18.17 -3.04
CA SER A 3 29.04 17.91 -4.09
C SER A 3 29.72 16.56 -3.88
N GLY A 4 29.54 15.66 -4.84
CA GLY A 4 30.14 14.34 -4.74
C GLY A 4 29.64 13.57 -3.54
N SER A 5 28.34 13.29 -3.51
CA SER A 5 27.74 12.55 -2.39
C SER A 5 27.92 11.05 -2.59
N SER A 6 28.25 10.36 -1.51
CA SER A 6 28.45 8.92 -1.55
C SER A 6 28.28 8.30 -0.17
N GLY A 7 28.16 6.97 -0.12
CA GLY A 7 28.00 6.29 1.14
C GLY A 7 27.58 4.84 0.97
N MET A 8 27.65 4.07 2.05
CA MET A 8 27.28 2.66 2.00
C MET A 8 25.77 2.49 1.97
N SER A 9 25.31 1.25 1.81
CA SER A 9 23.89 0.96 1.77
C SER A 9 23.26 1.07 3.15
N ARG A 10 23.83 0.35 4.11
CA ARG A 10 23.34 0.36 5.48
C ARG A 10 22.84 1.76 5.86
N GLY A 11 23.77 2.70 5.95
CA GLY A 11 23.41 4.06 6.31
C GLY A 11 22.19 4.56 5.56
N ARG A 12 22.20 4.36 4.24
CA ARG A 12 21.08 4.80 3.40
C ARG A 12 19.80 4.07 3.78
N GLY A 13 18.72 4.83 3.98
CA GLY A 13 17.45 4.23 4.34
C GLY A 13 16.65 3.80 3.14
N ARG A 14 16.61 2.49 2.90
CA ARG A 14 15.87 1.94 1.76
C ARG A 14 14.51 2.61 1.63
N ARG A 15 14.14 2.96 0.41
CA ARG A 15 12.85 3.61 0.15
C ARG A 15 11.95 2.70 -0.67
N ASP A 16 10.74 2.46 -0.18
CA ASP A 16 9.78 1.61 -0.87
C ASP A 16 8.50 2.37 -1.17
N ASN A 17 8.65 3.59 -1.69
CA ASN A 17 7.50 4.43 -2.02
C ASN A 17 7.08 4.22 -3.47
N GLU A 18 7.41 3.05 -4.01
CA GLU A 18 7.06 2.73 -5.39
C GLU A 18 5.58 2.37 -5.51
N LEU A 19 5.14 1.39 -4.72
CA LEU A 19 3.75 0.96 -4.74
C LEU A 19 2.82 2.09 -4.32
N ILE A 20 3.39 3.12 -3.70
CA ILE A 20 2.62 4.27 -3.25
C ILE A 20 1.94 4.97 -4.43
N GLY A 21 0.62 4.84 -4.50
CA GLY A 21 -0.12 5.48 -5.58
C GLY A 21 -0.90 4.47 -6.41
N GLN A 22 -0.49 3.21 -6.34
CA GLN A 22 -1.15 2.15 -7.10
C GLN A 22 -2.51 1.81 -6.49
N THR A 23 -3.39 1.24 -7.29
CA THR A 23 -4.73 0.87 -6.83
C THR A 23 -4.74 -0.55 -6.29
N VAL A 24 -4.90 -0.69 -4.98
CA VAL A 24 -4.94 -2.00 -4.34
C VAL A 24 -6.33 -2.30 -3.80
N ARG A 25 -6.71 -3.58 -3.82
CA ARG A 25 -8.01 -4.00 -3.33
C ARG A 25 -7.87 -4.95 -2.14
N ILE A 26 -8.30 -4.49 -0.97
CA ILE A 26 -8.22 -5.29 0.24
C ILE A 26 -8.98 -6.60 0.08
N SER A 27 -8.30 -7.71 0.36
CA SER A 27 -8.91 -9.03 0.25
C SER A 27 -9.23 -9.60 1.63
N GLN A 28 -8.48 -9.17 2.63
CA GLN A 28 -8.67 -9.64 4.00
C GLN A 28 -9.15 -8.50 4.90
N GLY A 29 -9.44 -8.83 6.16
CA GLY A 29 -9.92 -7.84 7.09
C GLY A 29 -11.37 -7.46 6.88
N PRO A 30 -11.90 -6.59 7.74
CA PRO A 30 -13.29 -6.13 7.66
C PRO A 30 -13.55 -5.25 6.45
N TYR A 31 -12.50 -5.01 5.66
CA TYR A 31 -12.61 -4.17 4.48
C TYR A 31 -12.35 -5.00 3.21
N LYS A 32 -12.76 -6.25 3.24
CA LYS A 32 -12.58 -7.14 2.09
C LYS A 32 -13.43 -6.68 0.91
N GLY A 33 -12.84 -6.72 -0.28
CA GLY A 33 -13.55 -6.30 -1.47
C GLY A 33 -13.64 -4.80 -1.61
N TYR A 34 -12.66 -4.10 -1.04
CA TYR A 34 -12.63 -2.64 -1.10
C TYR A 34 -11.40 -2.14 -1.86
N ILE A 35 -11.59 -1.09 -2.64
CA ILE A 35 -10.49 -0.51 -3.42
C ILE A 35 -9.87 0.67 -2.69
N GLY A 36 -8.60 0.95 -3.01
CA GLY A 36 -7.91 2.06 -2.38
C GLY A 36 -6.54 2.30 -2.97
N VAL A 37 -6.03 3.52 -2.81
CA VAL A 37 -4.72 3.88 -3.34
C VAL A 37 -3.66 3.85 -2.25
N VAL A 38 -2.55 3.16 -2.52
CA VAL A 38 -1.47 3.06 -1.55
C VAL A 38 -0.82 4.41 -1.29
N LYS A 39 -0.97 4.92 -0.07
CA LYS A 39 -0.40 6.21 0.29
C LYS A 39 0.99 6.04 0.88
N ASP A 40 1.18 5.00 1.68
CA ASP A 40 2.47 4.73 2.30
C ASP A 40 2.75 3.23 2.34
N ALA A 41 4.02 2.87 2.28
CA ALA A 41 4.42 1.47 2.30
C ALA A 41 5.13 1.13 3.61
N THR A 42 4.53 0.25 4.40
CA THR A 42 5.11 -0.15 5.67
C THR A 42 5.74 -1.54 5.58
N GLU A 43 6.67 -1.83 6.48
CA GLU A 43 7.35 -3.12 6.49
C GLU A 43 6.35 -4.26 6.34
N SER A 44 5.55 -4.48 7.38
CA SER A 44 4.56 -5.55 7.36
C SER A 44 3.15 -4.98 7.20
N THR A 45 3.07 -3.78 6.63
CA THR A 45 1.79 -3.12 6.42
C THR A 45 1.88 -2.07 5.31
N ALA A 46 0.74 -1.51 4.94
CA ALA A 46 0.69 -0.50 3.90
C ALA A 46 -0.47 0.47 4.11
N ARG A 47 -0.16 1.74 4.28
CA ARG A 47 -1.18 2.76 4.50
C ARG A 47 -1.90 3.09 3.20
N VAL A 48 -3.07 2.46 3.00
CA VAL A 48 -3.86 2.69 1.79
C VAL A 48 -5.06 3.59 2.08
N GLU A 49 -5.42 4.42 1.12
CA GLU A 49 -6.55 5.32 1.26
C GLU A 49 -7.76 4.83 0.48
N LEU A 50 -8.70 4.22 1.19
CA LEU A 50 -9.91 3.69 0.57
C LEU A 50 -10.56 4.74 -0.33
N HIS A 51 -11.41 4.28 -1.24
CA HIS A 51 -12.11 5.18 -2.15
C HIS A 51 -13.42 5.66 -1.56
N SER A 52 -14.34 4.72 -1.31
CA SER A 52 -15.64 5.05 -0.75
C SER A 52 -15.49 5.84 0.54
N THR A 53 -15.01 5.17 1.59
CA THR A 53 -14.82 5.82 2.88
C THR A 53 -13.86 7.00 2.77
N CYS A 54 -12.87 6.88 1.91
CA CYS A 54 -11.89 7.93 1.70
C CYS A 54 -11.05 8.15 2.95
N GLN A 55 -10.67 7.05 3.59
CA GLN A 55 -9.86 7.11 4.80
C GLN A 55 -8.62 6.21 4.69
N THR A 56 -7.52 6.65 5.29
CA THR A 56 -6.28 5.89 5.25
C THR A 56 -6.24 4.84 6.36
N ILE A 57 -5.85 3.62 5.98
CA ILE A 57 -5.77 2.53 6.94
C ILE A 57 -4.56 1.64 6.67
N SER A 58 -4.02 1.05 7.73
CA SER A 58 -2.86 0.18 7.61
C SER A 58 -3.28 -1.27 7.41
N VAL A 59 -2.92 -1.84 6.27
CA VAL A 59 -3.25 -3.22 5.96
C VAL A 59 -2.02 -4.00 5.49
N ASP A 60 -1.94 -5.26 5.89
CA ASP A 60 -0.82 -6.12 5.51
C ASP A 60 -0.53 -5.99 4.02
N ARG A 61 0.73 -5.69 3.69
CA ARG A 61 1.14 -5.54 2.30
C ARG A 61 0.66 -6.73 1.46
N GLN A 62 0.65 -7.91 2.07
CA GLN A 62 0.22 -9.12 1.39
C GLN A 62 -1.31 -9.17 1.28
N ARG A 63 -1.98 -8.80 2.36
CA ARG A 63 -3.44 -8.81 2.39
C ARG A 63 -4.00 -7.94 1.28
N LEU A 64 -3.18 -7.05 0.73
CA LEU A 64 -3.60 -6.16 -0.34
C LEU A 64 -3.37 -6.80 -1.70
N THR A 65 -4.41 -6.83 -2.52
CA THR A 65 -4.33 -7.41 -3.85
C THR A 65 -4.18 -6.33 -4.92
N THR A 66 -2.94 -6.09 -5.34
CA THR A 66 -2.66 -5.08 -6.36
C THR A 66 -3.68 -5.16 -7.49
N VAL A 67 -4.42 -4.07 -7.69
CA VAL A 67 -5.42 -4.01 -8.75
C VAL A 67 -4.78 -3.69 -10.09
N GLY A 68 -5.56 -3.86 -11.16
CA GLY A 68 -5.05 -3.59 -12.49
C GLY A 68 -5.32 -4.73 -13.46
N SER A 69 -5.89 -4.40 -14.62
CA SER A 69 -6.21 -5.40 -15.63
C SER A 69 -5.01 -5.66 -16.52
N ARG A 70 -4.59 -6.93 -16.57
CA ARG A 70 -3.44 -7.31 -17.39
C ARG A 70 -3.73 -7.09 -18.87
N ARG A 71 -2.81 -6.45 -19.57
CA ARG A 71 -2.97 -6.18 -21.00
C ARG A 71 -2.60 -7.40 -21.83
N GLY A 1 15.04 26.96 -17.54
CA GLY A 1 15.34 25.57 -17.27
C GLY A 1 15.66 25.31 -15.81
N SER A 2 15.46 24.07 -15.38
CA SER A 2 15.72 23.70 -13.99
C SER A 2 16.68 22.52 -13.92
N SER A 3 17.98 22.82 -13.91
CA SER A 3 18.99 21.78 -13.85
C SER A 3 19.44 21.54 -12.41
N GLY A 4 18.83 20.55 -11.76
CA GLY A 4 19.17 20.24 -10.39
C GLY A 4 20.47 19.47 -10.28
N SER A 5 20.81 19.06 -9.06
CA SER A 5 22.04 18.31 -8.82
C SER A 5 21.72 16.88 -8.41
N SER A 6 22.51 15.94 -8.93
CA SER A 6 22.32 14.52 -8.61
C SER A 6 23.29 14.07 -7.52
N GLY A 7 23.13 12.83 -7.08
CA GLY A 7 24.00 12.30 -6.05
C GLY A 7 23.91 10.78 -5.94
N MET A 8 24.95 10.10 -6.40
CA MET A 8 24.99 8.65 -6.36
C MET A 8 24.82 8.14 -4.93
N SER A 9 23.65 7.58 -4.64
CA SER A 9 23.35 7.07 -3.31
C SER A 9 23.28 5.54 -3.33
N ARG A 10 24.16 4.91 -2.55
CA ARG A 10 24.21 3.45 -2.48
C ARG A 10 23.81 2.97 -1.08
N GLY A 11 22.78 3.58 -0.51
CA GLY A 11 22.33 3.21 0.81
C GLY A 11 20.82 3.05 0.89
N ARG A 12 20.30 2.97 2.11
CA ARG A 12 18.86 2.81 2.31
C ARG A 12 18.24 4.12 2.81
N GLY A 13 18.66 5.23 2.20
CA GLY A 13 18.14 6.53 2.59
C GLY A 13 16.69 6.72 2.17
N ARG A 14 16.35 6.25 0.98
CA ARG A 14 14.99 6.37 0.46
C ARG A 14 14.15 5.16 0.84
N ARG A 15 12.84 5.35 0.89
CA ARG A 15 11.93 4.26 1.25
C ARG A 15 11.12 3.81 0.03
N ASP A 16 10.66 2.57 0.07
CA ASP A 16 9.87 2.02 -1.04
C ASP A 16 8.56 2.79 -1.21
N ASN A 17 8.57 3.75 -2.12
CA ASN A 17 7.39 4.57 -2.37
C ASN A 17 6.90 4.37 -3.81
N GLU A 18 7.29 3.24 -4.41
CA GLU A 18 6.89 2.93 -5.78
C GLU A 18 5.42 2.51 -5.83
N LEU A 19 5.07 1.52 -5.03
CA LEU A 19 3.70 1.02 -4.99
C LEU A 19 2.74 2.10 -4.52
N ILE A 20 3.29 3.20 -4.01
CA ILE A 20 2.48 4.32 -3.53
C ILE A 20 1.76 5.00 -4.69
N GLY A 21 0.44 4.86 -4.73
CA GLY A 21 -0.34 5.47 -5.77
C GLY A 21 -1.09 4.45 -6.60
N GLN A 22 -0.68 3.20 -6.51
CA GLN A 22 -1.32 2.11 -7.26
C GLN A 22 -2.68 1.78 -6.67
N THR A 23 -3.57 1.23 -7.50
CA THR A 23 -4.90 0.86 -7.06
C THR A 23 -4.94 -0.58 -6.58
N VAL A 24 -5.12 -0.76 -5.28
CA VAL A 24 -5.17 -2.10 -4.68
C VAL A 24 -6.56 -2.38 -4.10
N ARG A 25 -6.88 -3.66 -3.97
CA ARG A 25 -8.17 -4.06 -3.43
C ARG A 25 -7.99 -5.03 -2.26
N ILE A 26 -8.41 -4.60 -1.07
CA ILE A 26 -8.30 -5.43 0.12
C ILE A 26 -8.99 -6.77 -0.07
N SER A 27 -8.39 -7.82 0.49
CA SER A 27 -8.94 -9.17 0.39
C SER A 27 -9.33 -9.71 1.76
N GLN A 28 -8.52 -9.39 2.76
CA GLN A 28 -8.78 -9.84 4.13
C GLN A 28 -9.32 -8.70 4.99
N GLY A 29 -9.50 -8.98 6.28
CA GLY A 29 -10.01 -7.96 7.19
C GLY A 29 -11.47 -7.62 6.91
N PRO A 30 -12.04 -6.77 7.78
CA PRO A 30 -13.44 -6.35 7.65
C PRO A 30 -13.66 -5.43 6.45
N TYR A 31 -12.58 -5.10 5.77
CA TYR A 31 -12.66 -4.22 4.59
C TYR A 31 -12.41 -5.01 3.32
N LYS A 32 -12.75 -6.29 3.34
CA LYS A 32 -12.57 -7.16 2.17
C LYS A 32 -13.42 -6.69 1.01
N GLY A 33 -12.84 -6.68 -0.19
CA GLY A 33 -13.56 -6.26 -1.37
C GLY A 33 -13.68 -4.75 -1.47
N TYR A 34 -12.67 -4.05 -0.96
CA TYR A 34 -12.67 -2.59 -0.98
C TYR A 34 -11.49 -2.06 -1.81
N ILE A 35 -11.71 -0.94 -2.49
CA ILE A 35 -10.66 -0.33 -3.30
C ILE A 35 -9.95 0.78 -2.54
N GLY A 36 -8.67 0.96 -2.83
CA GLY A 36 -7.89 2.00 -2.16
C GLY A 36 -6.52 2.18 -2.79
N VAL A 37 -6.02 3.41 -2.74
CA VAL A 37 -4.72 3.73 -3.31
C VAL A 37 -3.63 3.72 -2.22
N VAL A 38 -2.58 2.94 -2.45
CA VAL A 38 -1.47 2.85 -1.51
C VAL A 38 -0.83 4.21 -1.28
N LYS A 39 -0.97 4.73 -0.06
CA LYS A 39 -0.39 6.02 0.28
C LYS A 39 1.01 5.86 0.84
N ASP A 40 1.21 4.82 1.64
CA ASP A 40 2.52 4.56 2.24
C ASP A 40 2.79 3.06 2.29
N ALA A 41 4.06 2.68 2.10
CA ALA A 41 4.45 1.28 2.13
C ALA A 41 5.20 0.94 3.41
N THR A 42 4.62 0.04 4.20
CA THR A 42 5.24 -0.37 5.46
C THR A 42 5.82 -1.78 5.36
N GLU A 43 6.81 -2.06 6.21
CA GLU A 43 7.45 -3.37 6.21
C GLU A 43 6.41 -4.49 6.14
N SER A 44 5.69 -4.68 7.24
CA SER A 44 4.67 -5.72 7.30
C SER A 44 3.27 -5.11 7.26
N THR A 45 3.16 -3.93 6.65
CA THR A 45 1.88 -3.24 6.54
C THR A 45 1.89 -2.24 5.38
N ALA A 46 0.73 -1.66 5.11
CA ALA A 46 0.61 -0.68 4.03
C ALA A 46 -0.57 0.26 4.27
N ARG A 47 -0.27 1.55 4.36
CA ARG A 47 -1.31 2.55 4.59
C ARG A 47 -1.95 2.98 3.28
N VAL A 48 -3.11 2.38 2.98
CA VAL A 48 -3.84 2.70 1.76
C VAL A 48 -5.03 3.61 2.04
N GLU A 49 -5.33 4.49 1.10
CA GLU A 49 -6.45 5.42 1.24
C GLU A 49 -7.66 4.93 0.46
N LEU A 50 -8.63 4.36 1.17
CA LEU A 50 -9.85 3.85 0.54
C LEU A 50 -10.47 4.91 -0.38
N HIS A 51 -11.27 4.46 -1.33
CA HIS A 51 -11.93 5.37 -2.27
C HIS A 51 -13.23 5.89 -1.69
N SER A 52 -14.01 5.00 -1.07
CA SER A 52 -15.28 5.39 -0.48
C SER A 52 -15.07 6.22 0.79
N THR A 53 -14.63 5.54 1.85
CA THR A 53 -14.38 6.21 3.13
C THR A 53 -13.35 7.33 2.97
N CYS A 54 -12.59 7.27 1.89
CA CYS A 54 -11.56 8.28 1.62
C CYS A 54 -10.69 8.49 2.85
N GLN A 55 -10.23 7.39 3.44
CA GLN A 55 -9.38 7.46 4.63
C GLN A 55 -8.25 6.45 4.55
N THR A 56 -7.15 6.73 5.25
CA THR A 56 -6.00 5.84 5.25
C THR A 56 -6.16 4.74 6.29
N ILE A 57 -5.89 3.51 5.88
CA ILE A 57 -6.00 2.36 6.76
C ILE A 57 -4.79 1.43 6.63
N SER A 58 -4.31 0.94 7.76
CA SER A 58 -3.16 0.04 7.77
C SER A 58 -3.58 -1.39 7.44
N VAL A 59 -3.00 -1.93 6.37
CA VAL A 59 -3.32 -3.30 5.95
C VAL A 59 -2.06 -4.04 5.50
N ASP A 60 -2.01 -5.34 5.80
CA ASP A 60 -0.87 -6.15 5.43
C ASP A 60 -0.57 -6.05 3.94
N ARG A 61 0.68 -5.74 3.61
CA ARG A 61 1.08 -5.61 2.22
C ARG A 61 0.54 -6.76 1.38
N GLN A 62 0.57 -7.96 1.94
CA GLN A 62 0.08 -9.14 1.24
C GLN A 62 -1.45 -9.11 1.12
N ARG A 63 -2.11 -8.80 2.24
CA ARG A 63 -3.57 -8.74 2.26
C ARG A 63 -4.10 -7.89 1.11
N LEU A 64 -3.28 -6.96 0.64
CA LEU A 64 -3.68 -6.09 -0.46
C LEU A 64 -3.45 -6.77 -1.80
N THR A 65 -4.48 -6.76 -2.64
CA THR A 65 -4.39 -7.37 -3.96
C THR A 65 -4.41 -6.32 -5.06
N THR A 66 -3.23 -5.98 -5.57
CA THR A 66 -3.11 -4.98 -6.63
C THR A 66 -4.20 -5.18 -7.69
N VAL A 67 -5.05 -4.18 -7.84
CA VAL A 67 -6.12 -4.23 -8.82
C VAL A 67 -5.58 -4.26 -10.24
N GLY A 68 -4.60 -3.40 -10.52
CA GLY A 68 -4.01 -3.35 -11.84
C GLY A 68 -3.80 -4.73 -12.43
N SER A 69 -4.47 -5.00 -13.55
CA SER A 69 -4.36 -6.28 -14.22
C SER A 69 -3.26 -6.26 -15.28
N ARG A 70 -3.05 -7.40 -15.92
CA ARG A 70 -2.03 -7.51 -16.96
C ARG A 70 -2.57 -8.26 -18.17
N ARG A 71 -1.74 -8.36 -19.21
CA ARG A 71 -2.12 -9.04 -20.44
C ARG A 71 -1.08 -10.07 -20.85
N GLY A 1 17.78 4.29 -15.37
CA GLY A 1 18.94 4.22 -14.50
C GLY A 1 18.70 3.37 -13.26
N SER A 2 19.76 2.82 -12.71
CA SER A 2 19.65 1.97 -11.52
C SER A 2 18.52 0.96 -11.66
N SER A 3 18.47 0.30 -12.81
CA SER A 3 17.44 -0.69 -13.09
C SER A 3 17.99 -2.11 -12.93
N GLY A 4 18.80 -2.31 -11.90
CA GLY A 4 19.39 -3.61 -11.65
C GLY A 4 20.03 -3.72 -10.28
N SER A 5 21.35 -3.73 -10.26
CA SER A 5 22.10 -3.83 -9.00
C SER A 5 21.95 -2.55 -8.18
N SER A 6 22.06 -2.68 -6.87
CA SER A 6 21.94 -1.53 -5.97
C SER A 6 22.47 -1.87 -4.59
N GLY A 7 22.49 -0.88 -3.70
CA GLY A 7 22.97 -1.09 -2.35
C GLY A 7 21.94 -0.71 -1.30
N MET A 8 21.91 -1.47 -0.21
CA MET A 8 20.97 -1.20 0.88
C MET A 8 21.69 -1.06 2.21
N SER A 9 22.15 0.15 2.51
CA SER A 9 22.87 0.42 3.75
C SER A 9 21.89 0.60 4.91
N ARG A 10 22.43 0.76 6.11
CA ARG A 10 21.62 0.94 7.31
C ARG A 10 21.16 2.39 7.44
N GLY A 11 20.78 2.99 6.31
CA GLY A 11 20.33 4.37 6.33
C GLY A 11 18.82 4.48 6.25
N ARG A 12 18.20 4.96 7.32
CA ARG A 12 16.76 5.12 7.36
C ARG A 12 16.33 6.39 6.65
N GLY A 13 16.24 6.33 5.33
CA GLY A 13 15.84 7.48 4.54
C GLY A 13 14.76 7.15 3.53
N ARG A 14 15.12 7.20 2.25
CA ARG A 14 14.17 6.91 1.18
C ARG A 14 13.61 5.50 1.32
N ARG A 15 12.30 5.35 1.17
CA ARG A 15 11.65 4.06 1.28
C ARG A 15 11.02 3.65 -0.05
N ASP A 16 10.38 2.49 -0.07
CA ASP A 16 9.73 1.98 -1.28
C ASP A 16 8.44 2.73 -1.55
N ASN A 17 8.51 3.71 -2.45
CA ASN A 17 7.34 4.52 -2.80
C ASN A 17 6.86 4.18 -4.22
N GLU A 18 7.18 2.98 -4.67
CA GLU A 18 6.80 2.55 -6.01
C GLU A 18 5.31 2.22 -6.05
N LEU A 19 4.89 1.24 -5.25
CA LEU A 19 3.50 0.82 -5.19
C LEU A 19 2.61 1.97 -4.71
N ILE A 20 3.23 3.02 -4.20
CA ILE A 20 2.50 4.17 -3.71
C ILE A 20 1.77 4.89 -4.85
N GLY A 21 0.46 4.77 -4.86
CA GLY A 21 -0.34 5.42 -5.89
C GLY A 21 -1.13 4.43 -6.72
N GLN A 22 -0.77 3.15 -6.62
CA GLN A 22 -1.46 2.10 -7.35
C GLN A 22 -2.81 1.77 -6.71
N THR A 23 -3.71 1.22 -7.51
CA THR A 23 -5.05 0.87 -7.02
C THR A 23 -5.06 -0.56 -6.49
N VAL A 24 -5.27 -0.69 -5.18
CA VAL A 24 -5.31 -2.00 -4.54
C VAL A 24 -6.67 -2.27 -3.92
N ARG A 25 -7.02 -3.55 -3.78
CA ARG A 25 -8.30 -3.94 -3.21
C ARG A 25 -8.10 -4.91 -2.06
N ILE A 26 -8.45 -4.48 -0.85
CA ILE A 26 -8.30 -5.32 0.33
C ILE A 26 -9.21 -6.53 0.26
N SER A 27 -8.60 -7.71 0.09
CA SER A 27 -9.36 -8.96 -0.01
C SER A 27 -9.19 -9.79 1.27
N GLN A 28 -8.80 -9.13 2.35
CA GLN A 28 -8.59 -9.82 3.62
C GLN A 28 -8.89 -8.88 4.80
N GLY A 29 -9.64 -9.39 5.77
CA GLY A 29 -9.98 -8.59 6.93
C GLY A 29 -11.39 -8.04 6.86
N PRO A 30 -11.69 -7.05 7.71
CA PRO A 30 -13.02 -6.42 7.76
C PRO A 30 -13.30 -5.58 6.52
N TYR A 31 -12.25 -5.02 5.94
CA TYR A 31 -12.40 -4.19 4.75
C TYR A 31 -12.26 -5.02 3.48
N LYS A 32 -12.81 -6.23 3.51
CA LYS A 32 -12.75 -7.12 2.37
C LYS A 32 -13.68 -6.65 1.26
N GLY A 33 -13.13 -6.49 0.06
CA GLY A 33 -13.93 -6.05 -1.08
C GLY A 33 -13.99 -4.54 -1.17
N TYR A 34 -12.90 -3.87 -0.83
CA TYR A 34 -12.83 -2.42 -0.88
C TYR A 34 -11.61 -1.96 -1.66
N ILE A 35 -11.76 -0.86 -2.40
CA ILE A 35 -10.67 -0.31 -3.19
C ILE A 35 -9.97 0.83 -2.46
N GLY A 36 -8.72 1.09 -2.82
CA GLY A 36 -7.97 2.16 -2.20
C GLY A 36 -6.62 2.38 -2.85
N VAL A 37 -6.10 3.59 -2.72
CA VAL A 37 -4.81 3.94 -3.30
C VAL A 37 -3.69 3.85 -2.27
N VAL A 38 -2.63 3.13 -2.62
CA VAL A 38 -1.48 2.96 -1.71
C VAL A 38 -0.75 4.29 -1.50
N LYS A 39 -0.84 4.81 -0.28
CA LYS A 39 -0.18 6.07 0.05
C LYS A 39 1.21 5.82 0.63
N ASP A 40 1.32 4.80 1.47
CA ASP A 40 2.59 4.46 2.10
C ASP A 40 2.80 2.94 2.09
N ALA A 41 4.06 2.53 1.97
CA ALA A 41 4.41 1.12 1.96
C ALA A 41 5.27 0.74 3.16
N THR A 42 4.73 -0.12 4.02
CA THR A 42 5.44 -0.56 5.21
C THR A 42 6.07 -1.92 5.01
N GLU A 43 6.93 -2.33 5.94
CA GLU A 43 7.60 -3.62 5.87
C GLU A 43 6.60 -4.76 6.02
N SER A 44 5.67 -4.60 6.96
CA SER A 44 4.66 -5.62 7.21
C SER A 44 3.25 -5.02 7.12
N THR A 45 3.15 -3.86 6.49
CA THR A 45 1.87 -3.18 6.34
C THR A 45 1.92 -2.16 5.21
N ALA A 46 0.76 -1.58 4.90
CA ALA A 46 0.67 -0.60 3.83
C ALA A 46 -0.50 0.37 4.07
N ARG A 47 -0.18 1.66 4.14
CA ARG A 47 -1.21 2.68 4.36
C ARG A 47 -1.96 2.98 3.08
N VAL A 48 -3.13 2.37 2.93
CA VAL A 48 -3.96 2.58 1.74
C VAL A 48 -5.13 3.50 2.05
N GLU A 49 -5.42 4.41 1.12
CA GLU A 49 -6.53 5.35 1.29
C GLU A 49 -7.77 4.86 0.55
N LEU A 50 -8.71 4.31 1.31
CA LEU A 50 -9.96 3.80 0.73
C LEU A 50 -10.62 4.86 -0.15
N HIS A 51 -11.50 4.41 -1.03
CA HIS A 51 -12.21 5.31 -1.93
C HIS A 51 -13.61 5.61 -1.42
N SER A 52 -14.26 4.60 -0.86
CA SER A 52 -15.61 4.76 -0.34
C SER A 52 -15.62 5.69 0.88
N THR A 53 -14.76 5.38 1.85
CA THR A 53 -14.67 6.20 3.06
C THR A 53 -13.69 7.35 2.87
N CYS A 54 -12.76 7.18 1.94
CA CYS A 54 -11.77 8.21 1.67
C CYS A 54 -10.86 8.44 2.88
N GLN A 55 -10.47 7.34 3.53
CA GLN A 55 -9.61 7.42 4.71
C GLN A 55 -8.38 6.53 4.54
N THR A 56 -7.30 6.88 5.23
CA THR A 56 -6.06 6.12 5.16
C THR A 56 -6.01 5.06 6.25
N ILE A 57 -5.86 3.80 5.85
CA ILE A 57 -5.79 2.70 6.80
C ILE A 57 -4.65 1.76 6.45
N SER A 58 -3.98 1.24 7.48
CA SER A 58 -2.86 0.32 7.29
C SER A 58 -3.35 -1.12 7.19
N VAL A 59 -2.86 -1.84 6.19
CA VAL A 59 -3.24 -3.23 5.98
C VAL A 59 -2.07 -4.06 5.50
N ASP A 60 -2.05 -5.33 5.87
CA ASP A 60 -0.98 -6.24 5.46
C ASP A 60 -0.74 -6.17 3.96
N ARG A 61 0.47 -5.79 3.58
CA ARG A 61 0.82 -5.67 2.16
C ARG A 61 0.19 -6.80 1.36
N GLN A 62 0.28 -8.02 1.88
CA GLN A 62 -0.27 -9.18 1.20
C GLN A 62 -1.80 -9.09 1.13
N ARG A 63 -2.42 -8.78 2.27
CA ARG A 63 -3.87 -8.66 2.33
C ARG A 63 -4.40 -7.78 1.21
N LEU A 64 -3.52 -6.96 0.65
CA LEU A 64 -3.90 -6.06 -0.43
C LEU A 64 -3.65 -6.71 -1.80
N THR A 65 -4.69 -6.81 -2.60
CA THR A 65 -4.58 -7.41 -3.93
C THR A 65 -4.56 -6.34 -5.01
N THR A 66 -3.40 -6.13 -5.61
CA THR A 66 -3.25 -5.13 -6.66
C THR A 66 -4.40 -5.22 -7.66
N VAL A 67 -5.12 -4.11 -7.82
CA VAL A 67 -6.25 -4.07 -8.74
C VAL A 67 -5.77 -3.79 -10.16
N GLY A 68 -4.49 -4.05 -10.42
CA GLY A 68 -3.93 -3.82 -11.73
C GLY A 68 -2.41 -3.83 -11.74
N SER A 69 -1.83 -5.01 -11.62
CA SER A 69 -0.38 -5.14 -11.59
C SER A 69 0.17 -5.42 -12.99
N ARG A 70 1.48 -5.35 -13.14
CA ARG A 70 2.13 -5.59 -14.42
C ARG A 70 1.63 -6.90 -15.04
N ARG A 71 1.85 -7.05 -16.34
CA ARG A 71 1.42 -8.25 -17.05
C ARG A 71 2.11 -9.48 -16.49
N GLY A 1 21.38 -10.30 -22.96
CA GLY A 1 20.70 -9.96 -21.73
C GLY A 1 20.71 -11.11 -20.73
N SER A 2 20.60 -10.77 -19.44
CA SER A 2 20.61 -11.79 -18.40
C SER A 2 20.22 -11.16 -17.05
N SER A 3 20.13 -12.00 -16.03
CA SER A 3 19.78 -11.54 -14.69
C SER A 3 20.51 -12.34 -13.62
N GLY A 4 20.33 -11.94 -12.37
CA GLY A 4 20.98 -12.63 -11.27
C GLY A 4 20.19 -12.54 -9.97
N SER A 5 20.34 -13.54 -9.12
CA SER A 5 19.64 -13.58 -7.84
C SER A 5 20.41 -14.40 -6.82
N SER A 6 20.56 -13.83 -5.62
CA SER A 6 21.28 -14.51 -4.54
C SER A 6 20.49 -14.46 -3.24
N GLY A 7 20.00 -13.27 -2.91
CA GLY A 7 19.22 -13.11 -1.69
C GLY A 7 20.09 -12.66 -0.52
N MET A 8 19.52 -11.81 0.34
CA MET A 8 20.24 -11.31 1.50
C MET A 8 19.32 -11.24 2.72
N SER A 9 19.83 -11.70 3.86
CA SER A 9 19.05 -11.69 5.10
C SER A 9 19.26 -10.39 5.86
N ARG A 10 18.37 -9.42 5.62
CA ARG A 10 18.45 -8.13 6.28
C ARG A 10 17.09 -7.71 6.83
N GLY A 11 17.08 -7.23 8.07
CA GLY A 11 15.84 -6.80 8.69
C GLY A 11 15.16 -5.68 7.92
N ARG A 12 15.37 -4.45 8.37
CA ARG A 12 14.78 -3.29 7.72
C ARG A 12 15.21 -3.20 6.26
N GLY A 13 14.52 -2.36 5.49
CA GLY A 13 14.86 -2.19 4.09
C GLY A 13 15.02 -0.74 3.70
N ARG A 14 14.97 -0.47 2.40
CA ARG A 14 15.12 0.90 1.90
C ARG A 14 13.75 1.53 1.64
N ARG A 15 13.76 2.82 1.32
CA ARG A 15 12.53 3.54 1.05
C ARG A 15 11.83 2.99 -0.20
N ASP A 16 10.61 2.50 -0.01
CA ASP A 16 9.84 1.94 -1.11
C ASP A 16 8.55 2.73 -1.34
N ASN A 17 8.63 3.73 -2.23
CA ASN A 17 7.48 4.56 -2.53
C ASN A 17 7.01 4.34 -3.97
N GLU A 18 7.26 3.14 -4.50
CA GLU A 18 6.86 2.81 -5.85
C GLU A 18 5.38 2.45 -5.92
N LEU A 19 4.99 1.45 -5.15
CA LEU A 19 3.59 1.01 -5.13
C LEU A 19 2.68 2.13 -4.68
N ILE A 20 3.27 3.18 -4.09
CA ILE A 20 2.50 4.32 -3.62
C ILE A 20 1.78 5.01 -4.77
N GLY A 21 0.47 4.87 -4.80
CA GLY A 21 -0.33 5.49 -5.85
C GLY A 21 -1.10 4.48 -6.68
N GLN A 22 -0.72 3.21 -6.56
CA GLN A 22 -1.38 2.14 -7.30
C GLN A 22 -2.75 1.84 -6.69
N THR A 23 -3.58 1.14 -7.46
CA THR A 23 -4.92 0.78 -7.01
C THR A 23 -4.97 -0.65 -6.50
N VAL A 24 -5.13 -0.81 -5.19
CA VAL A 24 -5.19 -2.12 -4.58
C VAL A 24 -6.58 -2.40 -4.00
N ARG A 25 -6.91 -3.68 -3.84
CA ARG A 25 -8.20 -4.08 -3.30
C ARG A 25 -8.03 -5.03 -2.13
N ILE A 26 -8.35 -4.56 -0.93
CA ILE A 26 -8.23 -5.36 0.27
C ILE A 26 -9.12 -6.60 0.19
N SER A 27 -8.50 -7.76 -0.03
CA SER A 27 -9.23 -9.01 -0.14
C SER A 27 -9.08 -9.84 1.14
N GLN A 28 -8.79 -9.16 2.25
CA GLN A 28 -8.64 -9.82 3.53
C GLN A 28 -8.98 -8.88 4.68
N GLY A 29 -9.52 -9.44 5.76
CA GLY A 29 -9.89 -8.64 6.91
C GLY A 29 -11.32 -8.15 6.83
N PRO A 30 -11.66 -7.19 7.70
CA PRO A 30 -13.01 -6.61 7.75
C PRO A 30 -13.32 -5.75 6.52
N TYR A 31 -12.28 -5.14 5.95
CA TYR A 31 -12.44 -4.29 4.78
C TYR A 31 -12.23 -5.10 3.50
N LYS A 32 -12.83 -6.28 3.44
CA LYS A 32 -12.70 -7.14 2.27
C LYS A 32 -13.56 -6.62 1.11
N GLY A 33 -12.98 -6.62 -0.08
CA GLY A 33 -13.70 -6.15 -1.25
C GLY A 33 -13.80 -4.64 -1.30
N TYR A 34 -12.72 -3.97 -0.92
CA TYR A 34 -12.68 -2.50 -0.92
C TYR A 34 -11.50 -1.99 -1.73
N ILE A 35 -11.71 -0.91 -2.48
CA ILE A 35 -10.67 -0.31 -3.29
C ILE A 35 -10.00 0.85 -2.56
N GLY A 36 -8.72 1.06 -2.84
CA GLY A 36 -7.99 2.15 -2.22
C GLY A 36 -6.64 2.39 -2.85
N VAL A 37 -6.10 3.59 -2.67
CA VAL A 37 -4.80 3.95 -3.23
C VAL A 37 -3.70 3.87 -2.17
N VAL A 38 -2.61 3.20 -2.51
CA VAL A 38 -1.49 3.07 -1.59
C VAL A 38 -0.81 4.41 -1.35
N LYS A 39 -1.00 4.95 -0.16
CA LYS A 39 -0.40 6.24 0.20
C LYS A 39 1.02 6.05 0.72
N ASP A 40 1.24 4.99 1.48
CA ASP A 40 2.55 4.69 2.03
C ASP A 40 2.77 3.19 2.15
N ALA A 41 4.01 2.76 1.94
CA ALA A 41 4.34 1.34 2.02
C ALA A 41 5.10 1.03 3.31
N THR A 42 4.54 0.12 4.11
CA THR A 42 5.16 -0.26 5.37
C THR A 42 5.78 -1.65 5.28
N GLU A 43 6.71 -1.94 6.18
CA GLU A 43 7.38 -3.23 6.19
C GLU A 43 6.37 -4.36 6.04
N SER A 44 5.58 -4.59 7.09
CA SER A 44 4.58 -5.66 7.08
C SER A 44 3.18 -5.07 6.94
N THR A 45 3.11 -3.83 6.47
CA THR A 45 1.82 -3.15 6.30
C THR A 45 1.90 -2.13 5.16
N ALA A 46 0.74 -1.56 4.82
CA ALA A 46 0.67 -0.57 3.76
C ALA A 46 -0.44 0.43 4.01
N ARG A 47 -0.09 1.71 4.12
CA ARG A 47 -1.07 2.76 4.35
C ARG A 47 -1.86 3.07 3.09
N VAL A 48 -3.05 2.49 2.98
CA VAL A 48 -3.90 2.70 1.81
C VAL A 48 -5.07 3.62 2.15
N GLU A 49 -5.47 4.44 1.18
CA GLU A 49 -6.57 5.37 1.38
C GLU A 49 -7.81 4.92 0.61
N LEU A 50 -8.76 4.32 1.34
CA LEU A 50 -9.99 3.83 0.73
C LEU A 50 -10.63 4.91 -0.14
N HIS A 51 -11.48 4.48 -1.07
CA HIS A 51 -12.16 5.41 -1.97
C HIS A 51 -13.47 5.87 -1.37
N SER A 52 -14.32 4.92 -0.99
CA SER A 52 -15.63 5.25 -0.40
C SER A 52 -15.46 5.99 0.92
N THR A 53 -14.93 5.30 1.92
CA THR A 53 -14.71 5.91 3.23
C THR A 53 -13.74 7.07 3.15
N CYS A 54 -12.88 7.05 2.13
CA CYS A 54 -11.89 8.10 1.95
C CYS A 54 -11.04 8.29 3.20
N GLN A 55 -10.48 7.19 3.70
CA GLN A 55 -9.65 7.24 4.89
C GLN A 55 -8.40 6.40 4.72
N THR A 56 -7.29 6.85 5.31
CA THR A 56 -6.03 6.13 5.23
C THR A 56 -5.89 5.11 6.35
N ILE A 57 -5.90 3.84 5.98
CA ILE A 57 -5.78 2.76 6.96
C ILE A 57 -4.57 1.88 6.66
N SER A 58 -4.06 1.21 7.68
CA SER A 58 -2.90 0.34 7.53
C SER A 58 -3.34 -1.11 7.37
N VAL A 59 -2.90 -1.74 6.29
CA VAL A 59 -3.25 -3.13 6.02
C VAL A 59 -2.03 -3.92 5.57
N ASP A 60 -2.02 -5.21 5.88
CA ASP A 60 -0.91 -6.08 5.52
C ASP A 60 -0.65 -6.03 4.02
N ARG A 61 0.60 -5.74 3.65
CA ARG A 61 0.98 -5.65 2.24
C ARG A 61 0.39 -6.82 1.45
N GLN A 62 0.26 -7.96 2.10
CA GLN A 62 -0.29 -9.15 1.45
C GLN A 62 -1.81 -9.07 1.37
N ARG A 63 -2.43 -8.63 2.45
CA ARG A 63 -3.89 -8.52 2.51
C ARG A 63 -4.40 -7.64 1.36
N LEU A 64 -3.49 -6.94 0.70
CA LEU A 64 -3.86 -6.07 -0.41
C LEU A 64 -3.60 -6.76 -1.74
N THR A 65 -4.62 -6.83 -2.58
CA THR A 65 -4.50 -7.46 -3.89
C THR A 65 -4.50 -6.42 -5.01
N THR A 66 -3.31 -6.06 -5.47
CA THR A 66 -3.17 -5.07 -6.53
C THR A 66 -4.23 -5.28 -7.62
N VAL A 67 -5.07 -4.27 -7.81
CA VAL A 67 -6.13 -4.34 -8.82
C VAL A 67 -5.54 -4.44 -10.23
N GLY A 68 -4.77 -3.41 -10.61
CA GLY A 68 -4.17 -3.40 -11.93
C GLY A 68 -3.39 -4.67 -12.22
N SER A 69 -3.21 -4.98 -13.51
CA SER A 69 -2.49 -6.16 -13.91
C SER A 69 -1.27 -5.80 -14.76
N ARG A 70 -0.37 -6.76 -14.93
CA ARG A 70 0.85 -6.53 -15.70
C ARG A 70 0.78 -7.26 -17.03
N ARG A 71 0.87 -6.51 -18.13
CA ARG A 71 0.81 -7.09 -19.47
C ARG A 71 1.97 -6.59 -20.33
N GLY A 1 31.23 4.47 34.24
CA GLY A 1 31.46 4.17 32.84
C GLY A 1 30.33 4.66 31.95
N SER A 2 30.70 5.30 30.84
CA SER A 2 29.71 5.83 29.91
C SER A 2 30.38 6.28 28.61
N SER A 3 30.21 5.47 27.56
CA SER A 3 30.79 5.78 26.26
C SER A 3 29.71 6.07 25.23
N GLY A 4 29.89 7.17 24.49
CA GLY A 4 28.92 7.55 23.48
C GLY A 4 28.81 6.53 22.37
N SER A 5 27.92 6.78 21.41
CA SER A 5 27.72 5.87 20.29
C SER A 5 27.42 6.64 19.01
N SER A 6 27.34 5.92 17.89
CA SER A 6 27.06 6.54 16.60
C SER A 6 26.22 5.61 15.72
N GLY A 7 25.02 6.07 15.36
CA GLY A 7 24.14 5.27 14.54
C GLY A 7 23.53 6.07 13.40
N MET A 8 24.36 6.46 12.44
CA MET A 8 23.90 7.23 11.29
C MET A 8 23.81 6.35 10.04
N SER A 9 22.87 6.69 9.15
CA SER A 9 22.67 5.93 7.93
C SER A 9 22.84 6.83 6.70
N ARG A 10 23.49 6.29 5.67
CA ARG A 10 23.72 7.05 4.45
C ARG A 10 22.39 7.38 3.75
N GLY A 11 21.58 6.35 3.55
CA GLY A 11 20.28 6.55 2.90
C GLY A 11 19.13 6.48 3.87
N ARG A 12 19.03 7.50 4.73
CA ARG A 12 17.95 7.55 5.73
C ARG A 12 16.59 7.46 5.05
N GLY A 13 16.39 8.27 4.02
CA GLY A 13 15.12 8.27 3.31
C GLY A 13 14.82 6.92 2.67
N ARG A 14 13.58 6.47 2.83
CA ARG A 14 13.16 5.19 2.25
C ARG A 14 12.78 5.34 0.78
N ARG A 15 13.33 4.48 -0.06
CA ARG A 15 13.05 4.52 -1.49
C ARG A 15 12.14 3.36 -1.89
N ASP A 16 11.09 3.15 -1.12
CA ASP A 16 10.14 2.08 -1.41
C ASP A 16 8.72 2.62 -1.55
N ASN A 17 8.60 3.77 -2.21
CA ASN A 17 7.30 4.41 -2.42
C ASN A 17 6.82 4.19 -3.85
N GLU A 18 7.23 3.08 -4.45
CA GLU A 18 6.84 2.77 -5.82
C GLU A 18 5.36 2.40 -5.89
N LEU A 19 4.93 1.53 -4.98
CA LEU A 19 3.54 1.09 -4.94
C LEU A 19 2.63 2.22 -4.46
N ILE A 20 3.23 3.25 -3.88
CA ILE A 20 2.48 4.39 -3.39
C ILE A 20 1.77 5.12 -4.53
N GLY A 21 0.46 4.92 -4.63
CA GLY A 21 -0.32 5.56 -5.68
C GLY A 21 -1.06 4.57 -6.54
N GLN A 22 -0.70 3.29 -6.42
CA GLN A 22 -1.34 2.24 -7.19
C GLN A 22 -2.72 1.92 -6.65
N THR A 23 -3.55 1.26 -7.46
CA THR A 23 -4.90 0.89 -7.05
C THR A 23 -4.94 -0.54 -6.52
N VAL A 24 -5.04 -0.67 -5.20
CA VAL A 24 -5.10 -1.98 -4.56
C VAL A 24 -6.50 -2.27 -4.01
N ARG A 25 -6.86 -3.55 -4.01
CA ARG A 25 -8.17 -3.96 -3.51
C ARG A 25 -8.03 -4.92 -2.33
N ILE A 26 -8.46 -4.48 -1.16
CA ILE A 26 -8.38 -5.30 0.04
C ILE A 26 -9.13 -6.62 -0.15
N SER A 27 -8.49 -7.72 0.26
CA SER A 27 -9.09 -9.04 0.13
C SER A 27 -9.49 -9.59 1.49
N GLN A 28 -8.72 -9.23 2.51
CA GLN A 28 -8.98 -9.68 3.88
C GLN A 28 -9.46 -8.53 4.76
N GLY A 29 -9.79 -8.85 6.00
CA GLY A 29 -10.25 -7.83 6.93
C GLY A 29 -11.70 -7.45 6.69
N PRO A 30 -12.24 -6.59 7.56
CA PRO A 30 -13.63 -6.14 7.46
C PRO A 30 -13.86 -5.21 6.27
N TYR A 31 -12.79 -4.97 5.51
CA TYR A 31 -12.88 -4.10 4.34
C TYR A 31 -12.60 -4.88 3.07
N LYS A 32 -12.97 -6.16 3.06
CA LYS A 32 -12.76 -7.01 1.90
C LYS A 32 -13.60 -6.55 0.71
N GLY A 33 -12.99 -6.50 -0.46
CA GLY A 33 -13.70 -6.08 -1.65
C GLY A 33 -13.81 -4.57 -1.74
N TYR A 34 -12.78 -3.87 -1.28
CA TYR A 34 -12.76 -2.42 -1.32
C TYR A 34 -11.54 -1.91 -2.07
N ILE A 35 -11.71 -0.80 -2.79
CA ILE A 35 -10.63 -0.21 -3.56
C ILE A 35 -9.99 0.96 -2.81
N GLY A 36 -8.69 1.14 -2.98
CA GLY A 36 -8.00 2.23 -2.31
C GLY A 36 -6.62 2.48 -2.91
N VAL A 37 -6.11 3.70 -2.70
CA VAL A 37 -4.80 4.07 -3.22
C VAL A 37 -3.74 4.00 -2.13
N VAL A 38 -2.68 3.23 -2.39
CA VAL A 38 -1.59 3.09 -1.44
C VAL A 38 -0.90 4.43 -1.17
N LYS A 39 -1.06 4.92 0.06
CA LYS A 39 -0.45 6.19 0.45
C LYS A 39 0.95 5.98 1.00
N ASP A 40 1.14 4.87 1.73
CA ASP A 40 2.44 4.56 2.32
C ASP A 40 2.66 3.05 2.35
N ALA A 41 3.91 2.64 2.14
CA ALA A 41 4.26 1.23 2.15
C ALA A 41 5.15 0.89 3.33
N THR A 42 4.66 0.02 4.21
CA THR A 42 5.41 -0.38 5.39
C THR A 42 6.10 -1.73 5.17
N GLU A 43 6.97 -2.10 6.10
CA GLU A 43 7.69 -3.36 6.00
C GLU A 43 6.73 -4.54 6.02
N SER A 44 5.78 -4.53 6.96
CA SER A 44 4.81 -5.60 7.09
C SER A 44 3.39 -5.05 7.03
N THR A 45 3.26 -3.82 6.55
CA THR A 45 1.96 -3.17 6.44
C THR A 45 1.94 -2.17 5.29
N ALA A 46 0.76 -1.61 5.01
CA ALA A 46 0.60 -0.64 3.94
C ALA A 46 -0.59 0.27 4.20
N ARG A 47 -0.33 1.56 4.35
CA ARG A 47 -1.38 2.53 4.59
C ARG A 47 -2.06 2.94 3.30
N VAL A 48 -3.20 2.33 3.01
CA VAL A 48 -3.96 2.62 1.80
C VAL A 48 -5.16 3.50 2.10
N GLU A 49 -5.45 4.44 1.19
CA GLU A 49 -6.59 5.34 1.36
C GLU A 49 -7.80 4.84 0.60
N LEU A 50 -8.74 4.25 1.32
CA LEU A 50 -9.97 3.73 0.72
C LEU A 50 -10.65 4.79 -0.15
N HIS A 51 -11.47 4.33 -1.09
CA HIS A 51 -12.18 5.25 -1.98
C HIS A 51 -13.51 5.66 -1.37
N SER A 52 -14.16 4.73 -0.68
CA SER A 52 -15.45 5.00 -0.05
C SER A 52 -15.28 5.87 1.19
N THR A 53 -14.74 5.28 2.26
CA THR A 53 -14.52 6.00 3.50
C THR A 53 -13.54 7.16 3.30
N CYS A 54 -12.80 7.11 2.20
CA CYS A 54 -11.81 8.15 1.90
C CYS A 54 -10.87 8.38 3.07
N GLN A 55 -10.47 7.29 3.73
CA GLN A 55 -9.57 7.36 4.87
C GLN A 55 -8.46 6.32 4.75
N THR A 56 -7.30 6.63 5.34
CA THR A 56 -6.17 5.73 5.30
C THR A 56 -6.30 4.63 6.35
N ILE A 57 -5.86 3.43 5.99
CA ILE A 57 -5.92 2.30 6.90
C ILE A 57 -4.70 1.38 6.75
N SER A 58 -4.20 0.86 7.86
CA SER A 58 -3.04 -0.02 7.85
C SER A 58 -3.45 -1.46 7.56
N VAL A 59 -2.96 -2.00 6.45
CA VAL A 59 -3.28 -3.36 6.06
C VAL A 59 -2.04 -4.11 5.61
N ASP A 60 -1.94 -5.38 5.98
CA ASP A 60 -0.80 -6.20 5.60
C ASP A 60 -0.54 -6.13 4.10
N ARG A 61 0.70 -5.82 3.72
CA ARG A 61 1.06 -5.72 2.32
C ARG A 61 0.53 -6.90 1.53
N GLN A 62 0.36 -8.03 2.20
CA GLN A 62 -0.16 -9.24 1.55
C GLN A 62 -1.68 -9.20 1.44
N ARG A 63 -2.33 -8.81 2.53
CA ARG A 63 -3.79 -8.73 2.55
C ARG A 63 -4.30 -7.87 1.40
N LEU A 64 -3.41 -7.09 0.81
CA LEU A 64 -3.78 -6.23 -0.31
C LEU A 64 -3.62 -6.95 -1.64
N THR A 65 -4.60 -6.81 -2.52
CA THR A 65 -4.57 -7.45 -3.82
C THR A 65 -4.57 -6.41 -4.95
N THR A 66 -3.37 -6.05 -5.41
CA THR A 66 -3.23 -5.07 -6.47
C THR A 66 -4.27 -5.30 -7.57
N VAL A 67 -4.89 -4.21 -8.01
CA VAL A 67 -5.90 -4.28 -9.06
C VAL A 67 -5.28 -4.40 -10.45
N GLY A 68 -4.38 -3.46 -10.76
CA GLY A 68 -3.72 -3.48 -12.05
C GLY A 68 -2.67 -4.56 -12.15
N SER A 69 -3.13 -5.80 -12.31
CA SER A 69 -2.22 -6.95 -12.42
C SER A 69 -1.09 -6.65 -13.39
N ARG A 70 -1.45 -6.17 -14.58
CA ARG A 70 -0.46 -5.84 -15.61
C ARG A 70 0.41 -4.67 -15.15
N ARG A 71 1.40 -4.32 -15.99
CA ARG A 71 2.30 -3.23 -15.68
C ARG A 71 1.72 -1.90 -16.16
N GLY A 1 8.49 -25.54 -0.46
CA GLY A 1 8.69 -24.19 0.04
C GLY A 1 7.53 -23.72 0.90
N SER A 2 6.68 -22.88 0.33
CA SER A 2 5.53 -22.36 1.07
C SER A 2 5.95 -21.82 2.43
N SER A 3 7.08 -21.12 2.45
CA SER A 3 7.60 -20.54 3.70
C SER A 3 6.86 -19.27 4.06
N GLY A 4 6.71 -18.37 3.09
CA GLY A 4 6.02 -17.12 3.33
C GLY A 4 6.89 -16.11 4.05
N SER A 5 7.59 -16.55 5.08
CA SER A 5 8.46 -15.66 5.85
C SER A 5 9.79 -15.47 5.14
N SER A 6 10.52 -14.42 5.53
CA SER A 6 11.80 -14.11 4.93
C SER A 6 12.87 -13.86 6.00
N GLY A 7 12.59 -12.92 6.89
CA GLY A 7 13.52 -12.61 7.95
C GLY A 7 13.26 -11.25 8.59
N MET A 8 13.25 -11.21 9.91
CA MET A 8 13.00 -9.96 10.63
C MET A 8 14.30 -9.18 10.81
N SER A 9 14.35 -7.99 10.22
CA SER A 9 15.54 -7.15 10.30
C SER A 9 15.20 -5.78 10.87
N ARG A 10 15.84 -5.42 11.98
CA ARG A 10 15.59 -4.14 12.62
C ARG A 10 16.44 -3.04 11.99
N GLY A 11 17.08 -3.37 10.88
CA GLY A 11 17.91 -2.39 10.19
C GLY A 11 17.30 -1.92 8.89
N ARG A 12 16.16 -1.24 8.99
CA ARG A 12 15.48 -0.73 7.81
C ARG A 12 15.67 0.77 7.67
N GLY A 13 16.58 1.17 6.78
CA GLY A 13 16.84 2.58 6.57
C GLY A 13 16.56 3.02 5.15
N ARG A 14 15.48 2.50 4.58
CA ARG A 14 15.11 2.84 3.20
C ARG A 14 13.60 3.05 3.09
N ARG A 15 13.21 4.02 2.26
CA ARG A 15 11.80 4.31 2.06
C ARG A 15 11.34 3.87 0.67
N ASP A 16 10.39 2.94 0.64
CA ASP A 16 9.87 2.44 -0.62
C ASP A 16 8.56 3.14 -0.99
N ASN A 17 8.57 3.84 -2.12
CA ASN A 17 7.39 4.56 -2.58
C ASN A 17 7.05 4.18 -4.01
N GLU A 18 7.30 2.92 -4.37
CA GLU A 18 7.01 2.43 -5.71
C GLU A 18 5.54 2.05 -5.85
N LEU A 19 5.10 1.13 -5.01
CA LEU A 19 3.71 0.67 -5.05
C LEU A 19 2.76 1.80 -4.67
N ILE A 20 3.32 2.89 -4.15
CA ILE A 20 2.52 4.04 -3.75
C ILE A 20 1.83 4.69 -4.95
N GLY A 21 0.53 4.49 -5.06
CA GLY A 21 -0.21 5.05 -6.17
C GLY A 21 -0.99 4.02 -6.95
N GLN A 22 -0.61 2.75 -6.77
CA GLN A 22 -1.28 1.65 -7.46
C GLN A 22 -2.62 1.32 -6.81
N THR A 23 -3.52 0.75 -7.60
CA THR A 23 -4.84 0.39 -7.10
C THR A 23 -4.83 -0.99 -6.47
N VAL A 24 -5.03 -1.05 -5.15
CA VAL A 24 -5.05 -2.31 -4.43
C VAL A 24 -6.43 -2.60 -3.84
N ARG A 25 -6.77 -3.88 -3.75
CA ARG A 25 -8.06 -4.28 -3.21
C ARG A 25 -7.88 -5.22 -2.03
N ILE A 26 -8.27 -4.76 -0.84
CA ILE A 26 -8.16 -5.57 0.36
C ILE A 26 -8.98 -6.84 0.26
N SER A 27 -8.30 -7.97 0.11
CA SER A 27 -8.98 -9.26 -0.01
C SER A 27 -8.92 -10.03 1.31
N GLN A 28 -8.53 -9.33 2.38
CA GLN A 28 -8.42 -9.95 3.69
C GLN A 28 -8.78 -8.95 4.78
N GLY A 29 -9.50 -9.42 5.80
CA GLY A 29 -9.90 -8.56 6.90
C GLY A 29 -11.33 -8.08 6.76
N PRO A 30 -11.71 -7.09 7.60
CA PRO A 30 -13.06 -6.52 7.59
C PRO A 30 -13.34 -5.71 6.33
N TYR A 31 -12.28 -5.21 5.71
CA TYR A 31 -12.42 -4.41 4.50
C TYR A 31 -12.27 -5.28 3.25
N LYS A 32 -12.72 -6.53 3.35
CA LYS A 32 -12.65 -7.47 2.23
C LYS A 32 -13.56 -7.02 1.10
N GLY A 33 -12.96 -6.64 -0.02
CA GLY A 33 -13.73 -6.20 -1.17
C GLY A 33 -13.77 -4.69 -1.31
N TYR A 34 -12.74 -4.02 -0.80
CA TYR A 34 -12.66 -2.57 -0.86
C TYR A 34 -11.44 -2.12 -1.65
N ILE A 35 -11.62 -1.12 -2.50
CA ILE A 35 -10.53 -0.59 -3.31
C ILE A 35 -9.90 0.63 -2.66
N GLY A 36 -8.62 0.86 -2.97
CA GLY A 36 -7.92 2.00 -2.40
C GLY A 36 -6.55 2.19 -3.01
N VAL A 37 -6.03 3.41 -2.92
CA VAL A 37 -4.71 3.72 -3.47
C VAL A 37 -3.64 3.70 -2.39
N VAL A 38 -2.61 2.90 -2.61
CA VAL A 38 -1.51 2.78 -1.66
C VAL A 38 -0.82 4.13 -1.44
N LYS A 39 -1.03 4.72 -0.26
CA LYS A 39 -0.44 6.00 0.08
C LYS A 39 0.99 5.82 0.60
N ASP A 40 1.17 4.80 1.43
CA ASP A 40 2.49 4.52 2.00
C ASP A 40 2.74 3.01 2.07
N ALA A 41 3.99 2.62 1.90
CA ALA A 41 4.37 1.21 1.95
C ALA A 41 5.20 0.91 3.19
N THR A 42 4.72 0.00 4.03
CA THR A 42 5.41 -0.38 5.24
C THR A 42 6.02 -1.77 5.12
N GLU A 43 6.97 -2.09 5.99
CA GLU A 43 7.63 -3.39 5.98
C GLU A 43 6.61 -4.51 6.15
N SER A 44 5.71 -4.36 7.12
CA SER A 44 4.70 -5.36 7.40
C SER A 44 3.30 -4.74 7.34
N THR A 45 3.19 -3.59 6.69
CA THR A 45 1.92 -2.89 6.57
C THR A 45 1.91 -1.97 5.35
N ALA A 46 0.75 -1.39 5.07
CA ALA A 46 0.61 -0.49 3.93
C ALA A 46 -0.59 0.45 4.12
N ARG A 47 -0.30 1.75 4.19
CA ARG A 47 -1.35 2.74 4.37
C ARG A 47 -2.04 3.05 3.04
N VAL A 48 -3.20 2.43 2.83
CA VAL A 48 -3.97 2.63 1.61
C VAL A 48 -5.15 3.56 1.86
N GLU A 49 -5.43 4.42 0.87
CA GLU A 49 -6.54 5.36 0.98
C GLU A 49 -7.77 4.83 0.26
N LEU A 50 -8.73 4.32 1.03
CA LEU A 50 -9.96 3.78 0.46
C LEU A 50 -10.63 4.79 -0.47
N HIS A 51 -11.45 4.30 -1.38
CA HIS A 51 -12.14 5.16 -2.33
C HIS A 51 -13.51 5.57 -1.78
N SER A 52 -14.04 4.78 -0.87
CA SER A 52 -15.34 5.06 -0.26
C SER A 52 -15.20 6.06 0.89
N THR A 53 -14.61 5.60 1.99
CA THR A 53 -14.41 6.45 3.15
C THR A 53 -13.31 7.47 2.91
N CYS A 54 -12.68 7.40 1.75
CA CYS A 54 -11.61 8.32 1.40
C CYS A 54 -10.70 8.59 2.59
N GLN A 55 -10.33 7.52 3.28
CA GLN A 55 -9.46 7.64 4.46
C GLN A 55 -8.33 6.62 4.40
N THR A 56 -7.20 6.96 5.02
CA THR A 56 -6.04 6.08 5.03
C THR A 56 -6.14 5.06 6.15
N ILE A 57 -5.85 3.81 5.82
CA ILE A 57 -5.91 2.72 6.80
C ILE A 57 -4.70 1.80 6.67
N SER A 58 -4.17 1.36 7.81
CA SER A 58 -3.02 0.47 7.82
C SER A 58 -3.45 -0.98 7.62
N VAL A 59 -2.97 -1.58 6.54
CA VAL A 59 -3.30 -2.97 6.23
C VAL A 59 -2.06 -3.75 5.79
N ASP A 60 -1.99 -5.01 6.17
CA ASP A 60 -0.86 -5.86 5.82
C ASP A 60 -0.65 -5.87 4.31
N ARG A 61 0.59 -5.60 3.89
CA ARG A 61 0.93 -5.57 2.47
C ARG A 61 0.36 -6.79 1.75
N GLN A 62 0.38 -7.95 2.43
CA GLN A 62 -0.14 -9.18 1.86
C GLN A 62 -1.66 -9.14 1.76
N ARG A 63 -2.30 -8.67 2.82
CA ARG A 63 -3.76 -8.59 2.86
C ARG A 63 -4.28 -7.78 1.68
N LEU A 64 -3.39 -7.04 1.03
CA LEU A 64 -3.77 -6.23 -0.12
C LEU A 64 -3.44 -6.94 -1.43
N THR A 65 -4.43 -7.07 -2.30
CA THR A 65 -4.25 -7.73 -3.58
C THR A 65 -4.16 -6.72 -4.72
N THR A 66 -2.95 -6.47 -5.19
CA THR A 66 -2.73 -5.52 -6.27
C THR A 66 -3.78 -5.68 -7.36
N VAL A 67 -4.52 -4.60 -7.63
CA VAL A 67 -5.56 -4.63 -8.65
C VAL A 67 -4.97 -4.44 -10.04
N GLY A 68 -5.78 -4.68 -11.07
CA GLY A 68 -5.32 -4.53 -12.43
C GLY A 68 -5.31 -3.08 -12.89
N SER A 69 -4.50 -2.78 -13.90
CA SER A 69 -4.40 -1.43 -14.43
C SER A 69 -4.72 -1.40 -15.92
N ARG A 70 -5.95 -0.98 -16.25
CA ARG A 70 -6.38 -0.91 -17.64
C ARG A 70 -6.81 0.51 -17.99
N ARG A 71 -6.61 0.88 -19.26
CA ARG A 71 -6.97 2.21 -19.73
C ARG A 71 -8.25 2.16 -20.57
N GLY A 1 -13.40 -18.00 17.49
CA GLY A 1 -12.03 -18.31 17.84
C GLY A 1 -11.03 -17.55 16.98
N SER A 2 -10.33 -16.60 17.61
CA SER A 2 -9.34 -15.79 16.90
C SER A 2 -7.93 -16.21 17.26
N SER A 3 -6.95 -15.60 16.61
CA SER A 3 -5.54 -15.92 16.86
C SER A 3 -4.63 -14.87 16.23
N GLY A 4 -3.33 -15.02 16.46
CA GLY A 4 -2.37 -14.08 15.92
C GLY A 4 -1.69 -13.26 17.00
N SER A 5 -0.74 -13.87 17.70
CA SER A 5 -0.02 -13.18 18.77
C SER A 5 0.93 -12.15 18.20
N SER A 6 1.73 -12.56 17.22
CA SER A 6 2.70 -11.67 16.59
C SER A 6 2.01 -10.43 16.03
N GLY A 7 2.66 -9.28 16.18
CA GLY A 7 2.09 -8.04 15.69
C GLY A 7 2.87 -7.47 14.53
N MET A 8 3.64 -6.41 14.78
CA MET A 8 4.44 -5.77 13.75
C MET A 8 5.89 -5.62 14.19
N SER A 9 6.79 -5.45 13.23
CA SER A 9 8.21 -5.30 13.52
C SER A 9 8.80 -4.11 12.78
N ARG A 10 9.95 -3.64 13.23
CA ARG A 10 10.61 -2.50 12.61
C ARG A 10 11.98 -2.91 12.06
N GLY A 11 12.29 -2.43 10.86
CA GLY A 11 13.56 -2.75 10.24
C GLY A 11 14.29 -1.53 9.71
N ARG A 12 15.32 -1.75 8.92
CA ARG A 12 16.10 -0.65 8.35
C ARG A 12 16.29 -0.83 6.84
N GLY A 13 15.33 -0.30 6.07
CA GLY A 13 15.41 -0.42 4.62
C GLY A 13 15.21 0.92 3.93
N ARG A 14 15.46 0.95 2.62
CA ARG A 14 15.31 2.16 1.84
C ARG A 14 13.83 2.49 1.62
N ARG A 15 13.53 3.77 1.46
CA ARG A 15 12.15 4.20 1.24
C ARG A 15 11.65 3.76 -0.13
N ASP A 16 10.64 2.88 -0.13
CA ASP A 16 10.07 2.38 -1.37
C ASP A 16 8.67 2.95 -1.59
N ASN A 17 8.55 3.84 -2.57
CA ASN A 17 7.27 4.45 -2.89
C ASN A 17 6.83 4.09 -4.30
N GLU A 18 7.24 2.93 -4.77
CA GLU A 18 6.90 2.47 -6.12
C GLU A 18 5.44 2.03 -6.17
N LEU A 19 4.97 1.40 -5.10
CA LEU A 19 3.60 0.92 -5.02
C LEU A 19 2.67 2.03 -4.57
N ILE A 20 3.23 3.10 -4.04
CA ILE A 20 2.45 4.24 -3.57
C ILE A 20 1.71 4.91 -4.73
N GLY A 21 0.39 4.73 -4.76
CA GLY A 21 -0.42 5.32 -5.81
C GLY A 21 -1.13 4.28 -6.65
N GLN A 22 -0.70 3.03 -6.52
CA GLN A 22 -1.30 1.93 -7.28
C GLN A 22 -2.68 1.59 -6.74
N THR A 23 -3.47 0.89 -7.53
CA THR A 23 -4.82 0.50 -7.13
C THR A 23 -4.83 -0.92 -6.58
N VAL A 24 -5.04 -1.05 -5.27
CA VAL A 24 -5.09 -2.35 -4.62
C VAL A 24 -6.48 -2.64 -4.08
N ARG A 25 -6.78 -3.93 -3.92
CA ARG A 25 -8.08 -4.35 -3.41
C ARG A 25 -7.92 -5.24 -2.17
N ILE A 26 -8.43 -4.76 -1.05
CA ILE A 26 -8.34 -5.51 0.21
C ILE A 26 -9.04 -6.86 0.08
N SER A 27 -8.47 -7.87 0.74
CA SER A 27 -9.04 -9.21 0.71
C SER A 27 -9.50 -9.64 2.09
N GLN A 28 -8.79 -9.20 3.12
CA GLN A 28 -9.13 -9.53 4.50
C GLN A 28 -9.57 -8.29 5.27
N GLY A 29 -9.90 -8.48 6.55
CA GLY A 29 -10.34 -7.37 7.36
C GLY A 29 -11.78 -6.98 7.09
N PRO A 30 -12.27 -6.00 7.86
CA PRO A 30 -13.65 -5.49 7.72
C PRO A 30 -13.86 -4.73 6.42
N TYR A 31 -12.81 -4.65 5.61
CA TYR A 31 -12.88 -3.94 4.34
C TYR A 31 -12.57 -4.88 3.17
N LYS A 32 -13.00 -6.13 3.29
CA LYS A 32 -12.78 -7.12 2.25
C LYS A 32 -13.57 -6.78 0.99
N GLY A 33 -12.94 -6.98 -0.16
CA GLY A 33 -13.60 -6.68 -1.42
C GLY A 33 -13.76 -5.20 -1.66
N TYR A 34 -12.80 -4.42 -1.19
CA TYR A 34 -12.84 -2.97 -1.35
C TYR A 34 -11.63 -2.48 -2.14
N ILE A 35 -11.76 -1.29 -2.73
CA ILE A 35 -10.68 -0.71 -3.51
C ILE A 35 -10.04 0.47 -2.78
N GLY A 36 -8.74 0.65 -2.99
CA GLY A 36 -8.04 1.75 -2.34
C GLY A 36 -6.70 2.04 -3.00
N VAL A 37 -6.16 3.22 -2.73
CA VAL A 37 -4.88 3.63 -3.29
C VAL A 37 -3.77 3.59 -2.25
N VAL A 38 -2.67 2.93 -2.59
CA VAL A 38 -1.53 2.83 -1.67
C VAL A 38 -0.89 4.18 -1.43
N LYS A 39 -1.09 4.71 -0.23
CA LYS A 39 -0.52 6.01 0.14
C LYS A 39 0.91 5.86 0.64
N ASP A 40 1.14 4.82 1.44
CA ASP A 40 2.47 4.57 1.99
C ASP A 40 2.75 3.07 2.05
N ALA A 41 4.03 2.70 1.95
CA ALA A 41 4.43 1.30 1.99
C ALA A 41 5.21 1.00 3.27
N THR A 42 4.66 0.13 4.10
CA THR A 42 5.30 -0.25 5.35
C THR A 42 5.95 -1.63 5.25
N GLU A 43 6.91 -1.89 6.13
CA GLU A 43 7.60 -3.18 6.14
C GLU A 43 6.60 -4.33 6.12
N SER A 44 5.82 -4.45 7.20
CA SER A 44 4.83 -5.51 7.31
C SER A 44 3.42 -4.94 7.19
N THR A 45 3.29 -3.79 6.54
CA THR A 45 2.00 -3.14 6.36
C THR A 45 2.04 -2.15 5.21
N ALA A 46 0.88 -1.60 4.86
CA ALA A 46 0.78 -0.64 3.78
C ALA A 46 -0.40 0.31 4.00
N ARG A 47 -0.11 1.61 4.07
CA ARG A 47 -1.16 2.61 4.27
C ARG A 47 -1.97 2.81 3.00
N VAL A 48 -3.16 2.24 2.97
CA VAL A 48 -4.04 2.36 1.81
C VAL A 48 -5.24 3.25 2.12
N GLU A 49 -5.60 4.09 1.15
CA GLU A 49 -6.73 5.00 1.33
C GLU A 49 -7.93 4.53 0.50
N LEU A 50 -8.93 3.99 1.18
CA LEU A 50 -10.14 3.50 0.51
C LEU A 50 -10.74 4.59 -0.37
N HIS A 51 -11.53 4.18 -1.35
CA HIS A 51 -12.18 5.12 -2.26
C HIS A 51 -13.52 5.57 -1.71
N SER A 52 -14.23 4.66 -1.05
CA SER A 52 -15.54 4.96 -0.48
C SER A 52 -15.39 5.81 0.77
N THR A 53 -14.80 5.22 1.81
CA THR A 53 -14.59 5.92 3.07
C THR A 53 -13.57 7.05 2.92
N CYS A 54 -12.81 7.01 1.83
CA CYS A 54 -11.80 8.02 1.57
C CYS A 54 -10.92 8.24 2.79
N GLN A 55 -10.54 7.15 3.44
CA GLN A 55 -9.71 7.23 4.63
C GLN A 55 -8.51 6.29 4.51
N THR A 56 -7.39 6.68 5.13
CA THR A 56 -6.18 5.87 5.09
C THR A 56 -6.15 4.85 6.21
N ILE A 57 -5.61 3.67 5.94
CA ILE A 57 -5.53 2.62 6.94
C ILE A 57 -4.32 1.71 6.67
N SER A 58 -3.72 1.22 7.74
CA SER A 58 -2.56 0.33 7.63
C SER A 58 -2.99 -1.12 7.51
N VAL A 59 -2.64 -1.75 6.39
CA VAL A 59 -3.00 -3.14 6.16
C VAL A 59 -1.80 -3.93 5.65
N ASP A 60 -1.69 -5.19 6.08
CA ASP A 60 -0.60 -6.05 5.67
C ASP A 60 -0.44 -6.04 4.16
N ARG A 61 0.79 -5.82 3.69
CA ARG A 61 1.07 -5.78 2.26
C ARG A 61 0.48 -7.00 1.56
N GLN A 62 0.52 -8.14 2.24
CA GLN A 62 0.00 -9.39 1.68
C GLN A 62 -1.53 -9.36 1.61
N ARG A 63 -2.15 -8.89 2.69
CA ARG A 63 -3.61 -8.81 2.75
C ARG A 63 -4.16 -8.02 1.56
N LEU A 64 -3.32 -7.15 0.99
CA LEU A 64 -3.72 -6.34 -0.14
C LEU A 64 -3.55 -7.10 -1.45
N THR A 65 -4.46 -6.87 -2.39
CA THR A 65 -4.41 -7.55 -3.69
C THR A 65 -4.38 -6.54 -4.83
N THR A 66 -3.19 -6.28 -5.35
CA THR A 66 -3.03 -5.33 -6.46
C THR A 66 -4.05 -5.59 -7.55
N VAL A 67 -4.90 -4.60 -7.82
CA VAL A 67 -5.91 -4.73 -8.86
C VAL A 67 -5.28 -4.93 -10.22
N GLY A 68 -4.26 -4.14 -10.53
CA GLY A 68 -3.58 -4.25 -11.80
C GLY A 68 -2.89 -2.97 -12.20
N SER A 69 -3.34 -2.38 -13.31
CA SER A 69 -2.76 -1.13 -13.80
C SER A 69 -3.85 -0.14 -14.20
N ARG A 70 -3.77 1.07 -13.66
CA ARG A 70 -4.75 2.10 -13.96
C ARG A 70 -5.06 2.14 -15.46
N ARG A 71 -6.13 2.84 -15.82
CA ARG A 71 -6.54 2.95 -17.21
C ARG A 71 -6.16 4.31 -17.79
N GLY A 1 5.98 -0.69 13.81
CA GLY A 1 4.76 -1.16 13.19
C GLY A 1 4.13 -2.33 13.93
N SER A 2 4.24 -3.52 13.34
CA SER A 2 3.68 -4.73 13.95
C SER A 2 4.76 -5.55 14.63
N SER A 3 5.67 -4.87 15.33
CA SER A 3 6.76 -5.53 16.02
C SER A 3 7.39 -4.60 17.05
N GLY A 4 7.74 -5.16 18.21
CA GLY A 4 8.35 -4.37 19.26
C GLY A 4 9.79 -3.99 18.94
N SER A 5 9.96 -2.81 18.34
CA SER A 5 11.29 -2.33 17.99
C SER A 5 11.44 -0.84 18.33
N SER A 6 12.38 -0.55 19.22
CA SER A 6 12.62 0.83 19.64
C SER A 6 14.11 1.06 19.89
N GLY A 7 14.51 2.33 19.87
CA GLY A 7 15.91 2.67 20.09
C GLY A 7 16.84 1.85 19.24
N MET A 8 16.51 1.70 17.96
CA MET A 8 17.33 0.93 17.03
C MET A 8 17.58 1.70 15.75
N SER A 9 18.84 2.04 15.50
CA SER A 9 19.21 2.79 14.31
C SER A 9 18.55 2.20 13.06
N ARG A 10 17.53 2.89 12.56
CA ARG A 10 16.82 2.43 11.38
C ARG A 10 17.72 2.45 10.15
N GLY A 11 17.63 1.40 9.34
CA GLY A 11 18.46 1.32 8.15
C GLY A 11 17.69 1.70 6.89
N ARG A 12 17.59 2.99 6.63
CA ARG A 12 16.88 3.48 5.46
C ARG A 12 17.78 3.52 4.24
N GLY A 13 17.64 2.52 3.37
CA GLY A 13 18.47 2.45 2.18
C GLY A 13 17.71 2.90 0.94
N ARG A 14 16.93 2.00 0.36
CA ARG A 14 16.16 2.31 -0.84
C ARG A 14 14.71 2.57 -0.50
N ARG A 15 14.21 3.74 -0.88
CA ARG A 15 12.83 4.12 -0.61
C ARG A 15 11.86 3.08 -1.18
N ASP A 16 10.73 2.90 -0.50
CA ASP A 16 9.73 1.93 -0.93
C ASP A 16 8.39 2.62 -1.19
N ASN A 17 8.46 3.79 -1.83
CA ASN A 17 7.25 4.55 -2.15
C ASN A 17 6.84 4.35 -3.61
N GLU A 18 7.24 3.22 -4.18
CA GLU A 18 6.92 2.91 -5.56
C GLU A 18 5.45 2.52 -5.71
N LEU A 19 5.03 1.52 -4.95
CA LEU A 19 3.65 1.04 -4.99
C LEU A 19 2.70 2.13 -4.51
N ILE A 20 3.24 3.18 -3.92
CA ILE A 20 2.44 4.28 -3.42
C ILE A 20 1.74 5.02 -4.57
N GLY A 21 0.43 4.84 -4.66
CA GLY A 21 -0.33 5.49 -5.71
C GLY A 21 -1.07 4.51 -6.59
N GLN A 22 -0.72 3.23 -6.48
CA GLN A 22 -1.37 2.18 -7.26
C GLN A 22 -2.74 1.84 -6.70
N THR A 23 -3.57 1.22 -7.53
CA THR A 23 -4.91 0.83 -7.11
C THR A 23 -4.95 -0.60 -6.58
N VAL A 24 -5.09 -0.73 -5.28
CA VAL A 24 -5.13 -2.04 -4.65
C VAL A 24 -6.52 -2.34 -4.07
N ARG A 25 -6.88 -3.62 -4.03
CA ARG A 25 -8.18 -4.03 -3.51
C ARG A 25 -8.01 -5.00 -2.35
N ILE A 26 -8.45 -4.58 -1.17
CA ILE A 26 -8.35 -5.41 0.03
C ILE A 26 -9.17 -6.69 -0.13
N SER A 27 -8.64 -7.80 0.38
CA SER A 27 -9.31 -9.09 0.31
C SER A 27 -9.55 -9.67 1.70
N GLN A 28 -8.74 -9.21 2.66
CA GLN A 28 -8.86 -9.70 4.04
C GLN A 28 -9.41 -8.60 4.95
N GLY A 29 -9.61 -8.94 6.22
CA GLY A 29 -10.13 -7.97 7.17
C GLY A 29 -11.56 -7.58 6.88
N PRO A 30 -12.12 -6.68 7.71
CA PRO A 30 -13.50 -6.21 7.56
C PRO A 30 -13.67 -5.33 6.33
N TYR A 31 -12.56 -4.99 5.69
CA TYR A 31 -12.60 -4.14 4.50
C TYR A 31 -12.39 -4.97 3.24
N LYS A 32 -12.80 -6.23 3.28
CA LYS A 32 -12.66 -7.13 2.14
C LYS A 32 -13.50 -6.66 0.97
N GLY A 33 -12.93 -6.72 -0.23
CA GLY A 33 -13.65 -6.29 -1.42
C GLY A 33 -13.76 -4.78 -1.52
N TYR A 34 -12.72 -4.09 -1.09
CA TYR A 34 -12.71 -2.63 -1.13
C TYR A 34 -11.51 -2.12 -1.91
N ILE A 35 -11.71 -1.01 -2.63
CA ILE A 35 -10.64 -0.42 -3.42
C ILE A 35 -9.98 0.75 -2.68
N GLY A 36 -8.72 1.02 -3.00
CA GLY A 36 -8.01 2.10 -2.36
C GLY A 36 -6.64 2.34 -2.97
N VAL A 37 -6.09 3.53 -2.73
CA VAL A 37 -4.78 3.88 -3.27
C VAL A 37 -3.71 3.84 -2.19
N VAL A 38 -2.65 3.06 -2.44
CA VAL A 38 -1.55 2.93 -1.48
C VAL A 38 -0.90 4.28 -1.22
N LYS A 39 -1.14 4.82 -0.02
CA LYS A 39 -0.56 6.10 0.37
C LYS A 39 0.86 5.92 0.91
N ASP A 40 1.05 4.88 1.70
CA ASP A 40 2.36 4.60 2.28
C ASP A 40 2.65 3.10 2.28
N ALA A 41 3.92 2.74 2.18
CA ALA A 41 4.32 1.34 2.17
C ALA A 41 5.13 1.00 3.41
N THR A 42 4.61 0.06 4.21
CA THR A 42 5.28 -0.36 5.43
C THR A 42 5.97 -1.70 5.24
N GLU A 43 6.87 -2.04 6.17
CA GLU A 43 7.61 -3.29 6.10
C GLU A 43 6.65 -4.48 6.06
N SER A 44 5.72 -4.52 7.02
CA SER A 44 4.76 -5.61 7.10
C SER A 44 3.33 -5.07 6.99
N THR A 45 3.20 -3.83 6.51
CA THR A 45 1.90 -3.20 6.36
C THR A 45 1.92 -2.19 5.23
N ALA A 46 0.74 -1.65 4.91
CA ALA A 46 0.61 -0.66 3.84
C ALA A 46 -0.57 0.27 4.09
N ARG A 47 -0.28 1.56 4.19
CA ARG A 47 -1.32 2.56 4.43
C ARG A 47 -2.05 2.91 3.14
N VAL A 48 -3.21 2.29 2.94
CA VAL A 48 -4.01 2.53 1.74
C VAL A 48 -5.20 3.44 2.05
N GLU A 49 -5.49 4.34 1.13
CA GLU A 49 -6.61 5.27 1.30
C GLU A 49 -7.84 4.79 0.54
N LEU A 50 -8.77 4.17 1.26
CA LEU A 50 -9.99 3.66 0.66
C LEU A 50 -10.66 4.72 -0.19
N HIS A 51 -11.48 4.30 -1.15
CA HIS A 51 -12.20 5.22 -2.03
C HIS A 51 -13.55 5.59 -1.45
N SER A 52 -14.16 4.66 -0.71
CA SER A 52 -15.45 4.90 -0.10
C SER A 52 -15.33 5.81 1.12
N THR A 53 -14.63 5.32 2.15
CA THR A 53 -14.44 6.09 3.37
C THR A 53 -13.42 7.21 3.16
N CYS A 54 -12.77 7.20 2.01
CA CYS A 54 -11.76 8.20 1.68
C CYS A 54 -10.84 8.45 2.87
N GLN A 55 -10.42 7.37 3.52
CA GLN A 55 -9.53 7.47 4.68
C GLN A 55 -8.37 6.48 4.55
N THR A 56 -7.28 6.80 5.23
CA THR A 56 -6.09 5.94 5.20
C THR A 56 -6.16 4.88 6.28
N ILE A 57 -5.70 3.67 5.95
CA ILE A 57 -5.70 2.57 6.90
C ILE A 57 -4.52 1.64 6.67
N SER A 58 -3.99 1.09 7.76
CA SER A 58 -2.84 0.19 7.68
C SER A 58 -3.30 -1.25 7.46
N VAL A 59 -2.89 -1.83 6.34
CA VAL A 59 -3.26 -3.20 6.00
C VAL A 59 -2.04 -3.99 5.55
N ASP A 60 -1.99 -5.27 5.93
CA ASP A 60 -0.88 -6.14 5.54
C ASP A 60 -0.61 -6.05 4.05
N ARG A 61 0.64 -5.80 3.69
CA ARG A 61 1.03 -5.70 2.28
C ARG A 61 0.50 -6.88 1.48
N GLN A 62 0.34 -8.02 2.16
CA GLN A 62 -0.16 -9.22 1.50
C GLN A 62 -1.68 -9.19 1.39
N ARG A 63 -2.35 -8.75 2.45
CA ARG A 63 -3.80 -8.67 2.47
C ARG A 63 -4.32 -7.83 1.31
N LEU A 64 -3.43 -7.02 0.73
CA LEU A 64 -3.80 -6.16 -0.38
C LEU A 64 -3.59 -6.88 -1.71
N THR A 65 -4.57 -6.77 -2.60
CA THR A 65 -4.50 -7.42 -3.91
C THR A 65 -4.48 -6.38 -5.03
N THR A 66 -3.28 -5.96 -5.40
CA THR A 66 -3.12 -4.97 -6.46
C THR A 66 -4.15 -5.17 -7.57
N VAL A 67 -5.00 -4.18 -7.77
CA VAL A 67 -6.03 -4.25 -8.81
C VAL A 67 -5.42 -4.29 -10.20
N GLY A 68 -4.76 -3.19 -10.57
CA GLY A 68 -4.14 -3.11 -11.88
C GLY A 68 -3.01 -4.11 -12.05
N SER A 69 -3.13 -4.96 -13.06
CA SER A 69 -2.13 -5.98 -13.32
C SER A 69 -1.63 -5.90 -14.77
N ARG A 70 -0.36 -5.55 -14.93
CA ARG A 70 0.23 -5.43 -16.27
C ARG A 70 0.87 -6.75 -16.69
N ARG A 71 0.50 -7.21 -17.87
CA ARG A 71 1.03 -8.47 -18.40
C ARG A 71 2.49 -8.30 -18.82
N GLY A 1 24.57 21.95 -18.50
CA GLY A 1 23.89 21.38 -17.35
C GLY A 1 23.23 22.44 -16.49
N SER A 2 24.02 23.05 -15.61
CA SER A 2 23.50 24.08 -14.71
C SER A 2 22.41 23.52 -13.81
N SER A 3 22.63 22.31 -13.30
CA SER A 3 21.66 21.65 -12.43
C SER A 3 22.37 20.76 -11.40
N GLY A 4 21.65 20.39 -10.36
CA GLY A 4 22.22 19.53 -9.32
C GLY A 4 21.20 19.13 -8.28
N SER A 5 21.56 18.15 -7.45
CA SER A 5 20.67 17.67 -6.41
C SER A 5 20.67 18.62 -5.22
N SER A 6 19.63 19.45 -5.13
CA SER A 6 19.52 20.41 -4.04
C SER A 6 18.90 19.75 -2.80
N GLY A 7 17.82 19.00 -3.02
CA GLY A 7 17.16 18.32 -1.92
C GLY A 7 15.99 19.13 -1.38
N MET A 8 14.77 18.74 -1.77
CA MET A 8 13.57 19.43 -1.31
C MET A 8 13.05 18.80 -0.02
N SER A 9 12.72 17.52 -0.08
CA SER A 9 12.20 16.81 1.08
C SER A 9 13.17 15.73 1.53
N ARG A 10 13.80 15.96 2.68
CA ARG A 10 14.76 14.99 3.22
C ARG A 10 14.08 14.05 4.20
N GLY A 11 14.04 12.76 3.84
CA GLY A 11 13.42 11.77 4.69
C GLY A 11 14.27 10.53 4.88
N ARG A 12 14.46 10.12 6.13
CA ARG A 12 15.28 8.94 6.43
C ARG A 12 14.70 7.71 5.76
N GLY A 13 13.39 7.54 5.86
CA GLY A 13 12.73 6.39 5.26
C GLY A 13 13.27 6.06 3.89
N ARG A 14 13.41 4.77 3.61
CA ARG A 14 13.94 4.33 2.31
C ARG A 14 13.10 4.89 1.17
N ARG A 15 13.50 4.58 -0.06
CA ARG A 15 12.80 5.06 -1.25
C ARG A 15 11.90 3.97 -1.82
N ASP A 16 11.11 3.34 -0.96
CA ASP A 16 10.20 2.28 -1.38
C ASP A 16 8.80 2.83 -1.64
N ASN A 17 8.74 4.00 -2.28
CA ASN A 17 7.46 4.63 -2.59
C ASN A 17 7.02 4.29 -4.00
N GLU A 18 7.44 3.12 -4.50
CA GLU A 18 7.08 2.68 -5.84
C GLU A 18 5.61 2.30 -5.91
N LEU A 19 5.22 1.30 -5.12
CA LEU A 19 3.84 0.84 -5.10
C LEU A 19 2.90 1.95 -4.63
N ILE A 20 3.46 2.97 -4.02
CA ILE A 20 2.68 4.11 -3.52
C ILE A 20 1.94 4.79 -4.66
N GLY A 21 0.62 4.66 -4.68
CA GLY A 21 -0.18 5.28 -5.72
C GLY A 21 -0.94 4.26 -6.55
N GLN A 22 -0.49 3.01 -6.51
CA GLN A 22 -1.14 1.95 -7.26
C GLN A 22 -2.54 1.66 -6.71
N THR A 23 -3.33 0.91 -7.48
CA THR A 23 -4.68 0.57 -7.07
C THR A 23 -4.75 -0.84 -6.48
N VAL A 24 -4.95 -0.92 -5.18
CA VAL A 24 -5.03 -2.21 -4.50
C VAL A 24 -6.44 -2.46 -3.96
N ARG A 25 -6.81 -3.73 -3.86
CA ARG A 25 -8.13 -4.10 -3.36
C ARG A 25 -8.01 -5.04 -2.16
N ILE A 26 -8.44 -4.57 -1.00
CA ILE A 26 -8.38 -5.37 0.22
C ILE A 26 -9.23 -6.63 0.08
N SER A 27 -8.68 -7.76 0.52
CA SER A 27 -9.37 -9.03 0.44
C SER A 27 -9.69 -9.56 1.83
N GLN A 28 -8.83 -9.24 2.79
CA GLN A 28 -9.02 -9.68 4.18
C GLN A 28 -9.55 -8.54 5.04
N GLY A 29 -9.84 -8.85 6.29
CA GLY A 29 -10.35 -7.84 7.21
C GLY A 29 -11.79 -7.45 6.89
N PRO A 30 -12.36 -6.56 7.71
CA PRO A 30 -13.74 -6.10 7.54
C PRO A 30 -13.89 -5.22 6.30
N TYR A 31 -12.78 -4.88 5.67
CA TYR A 31 -12.79 -4.05 4.47
C TYR A 31 -12.54 -4.87 3.22
N LYS A 32 -13.00 -6.12 3.24
CA LYS A 32 -12.82 -7.02 2.10
C LYS A 32 -13.65 -6.57 0.91
N GLY A 33 -13.06 -6.62 -0.28
CA GLY A 33 -13.77 -6.22 -1.48
C GLY A 33 -13.83 -4.71 -1.63
N TYR A 34 -12.81 -4.03 -1.13
CA TYR A 34 -12.77 -2.57 -1.20
C TYR A 34 -11.52 -2.11 -1.95
N ILE A 35 -11.66 -1.02 -2.71
CA ILE A 35 -10.55 -0.47 -3.48
C ILE A 35 -9.88 0.67 -2.73
N GLY A 36 -8.59 0.85 -2.97
CA GLY A 36 -7.85 1.92 -2.31
C GLY A 36 -6.50 2.16 -2.94
N VAL A 37 -5.92 3.32 -2.67
CA VAL A 37 -4.61 3.67 -3.22
C VAL A 37 -3.54 3.64 -2.15
N VAL A 38 -2.47 2.90 -2.41
CA VAL A 38 -1.36 2.77 -1.47
C VAL A 38 -0.68 4.12 -1.24
N LYS A 39 -0.95 4.73 -0.09
CA LYS A 39 -0.36 6.03 0.25
C LYS A 39 1.07 5.86 0.77
N ASP A 40 1.26 4.84 1.61
CA ASP A 40 2.58 4.57 2.18
C ASP A 40 2.82 3.07 2.30
N ALA A 41 4.07 2.65 2.12
CA ALA A 41 4.43 1.25 2.21
C ALA A 41 5.18 0.95 3.52
N THR A 42 4.57 0.14 4.37
CA THR A 42 5.17 -0.22 5.65
C THR A 42 5.82 -1.60 5.59
N GLU A 43 6.73 -1.86 6.52
CA GLU A 43 7.41 -3.14 6.57
C GLU A 43 6.43 -4.30 6.42
N SER A 44 5.62 -4.52 7.45
CA SER A 44 4.64 -5.59 7.43
C SER A 44 3.23 -5.04 7.25
N THR A 45 3.14 -3.79 6.80
CA THR A 45 1.86 -3.14 6.57
C THR A 45 1.94 -2.14 5.41
N ALA A 46 0.78 -1.60 5.03
CA ALA A 46 0.73 -0.63 3.95
C ALA A 46 -0.43 0.35 4.15
N ARG A 47 -0.10 1.64 4.23
CA ARG A 47 -1.11 2.67 4.42
C ARG A 47 -1.86 2.94 3.11
N VAL A 48 -3.04 2.35 2.99
CA VAL A 48 -3.86 2.52 1.79
C VAL A 48 -5.03 3.46 2.06
N GLU A 49 -5.40 4.25 1.06
CA GLU A 49 -6.51 5.18 1.20
C GLU A 49 -7.73 4.69 0.44
N LEU A 50 -8.68 4.12 1.18
CA LEU A 50 -9.91 3.60 0.57
C LEU A 50 -10.55 4.65 -0.33
N HIS A 51 -11.43 4.19 -1.23
CA HIS A 51 -12.11 5.08 -2.15
C HIS A 51 -13.48 5.48 -1.61
N SER A 52 -14.21 4.50 -1.10
CA SER A 52 -15.55 4.74 -0.55
C SER A 52 -15.46 5.60 0.72
N THR A 53 -14.85 5.03 1.76
CA THR A 53 -14.70 5.73 3.03
C THR A 53 -13.70 6.88 2.91
N CYS A 54 -12.83 6.80 1.91
CA CYS A 54 -11.82 7.83 1.69
C CYS A 54 -10.98 8.05 2.95
N GLN A 55 -10.58 6.95 3.58
CA GLN A 55 -9.77 7.02 4.79
C GLN A 55 -8.52 6.16 4.65
N THR A 56 -7.42 6.63 5.25
CA THR A 56 -6.16 5.91 5.21
C THR A 56 -6.07 4.86 6.30
N ILE A 57 -5.99 3.59 5.89
CA ILE A 57 -5.90 2.49 6.84
C ILE A 57 -4.68 1.64 6.58
N SER A 58 -4.14 1.03 7.65
CA SER A 58 -2.95 0.20 7.54
C SER A 58 -3.34 -1.27 7.38
N VAL A 59 -2.96 -1.85 6.25
CA VAL A 59 -3.27 -3.25 5.98
C VAL A 59 -2.02 -4.03 5.59
N ASP A 60 -1.96 -5.29 6.00
CA ASP A 60 -0.81 -6.14 5.70
C ASP A 60 -0.49 -6.11 4.20
N ARG A 61 0.76 -5.79 3.88
CA ARG A 61 1.20 -5.71 2.50
C ARG A 61 0.68 -6.90 1.69
N GLN A 62 0.40 -7.99 2.39
CA GLN A 62 -0.10 -9.21 1.75
C GLN A 62 -1.63 -9.19 1.66
N ARG A 63 -2.27 -8.77 2.75
CA ARG A 63 -3.72 -8.71 2.80
C ARG A 63 -4.27 -7.90 1.64
N LEU A 64 -3.41 -7.09 1.03
CA LEU A 64 -3.81 -6.25 -0.10
C LEU A 64 -3.59 -6.99 -1.42
N THR A 65 -4.58 -6.93 -2.31
CA THR A 65 -4.49 -7.58 -3.60
C THR A 65 -4.43 -6.56 -4.74
N THR A 66 -3.22 -6.16 -5.10
CA THR A 66 -3.02 -5.18 -6.16
C THR A 66 -3.97 -5.44 -7.33
N VAL A 67 -4.83 -4.47 -7.61
CA VAL A 67 -5.80 -4.59 -8.70
C VAL A 67 -5.10 -4.75 -10.04
N GLY A 68 -4.08 -3.93 -10.27
CA GLY A 68 -3.33 -3.99 -11.51
C GLY A 68 -3.91 -3.07 -12.58
N SER A 69 -3.47 -3.26 -13.82
CA SER A 69 -3.93 -2.44 -14.93
C SER A 69 -4.99 -3.19 -15.74
N ARG A 70 -5.94 -2.44 -16.30
CA ARG A 70 -7.00 -3.03 -17.10
C ARG A 70 -7.04 -2.40 -18.50
N ARG A 71 -6.16 -1.43 -18.73
CA ARG A 71 -6.09 -0.75 -20.01
C ARG A 71 -4.80 -1.10 -20.75
N GLY A 1 -0.06 24.49 4.98
CA GLY A 1 1.29 25.01 5.12
C GLY A 1 2.15 24.72 3.91
N SER A 2 2.27 25.70 3.02
CA SER A 2 3.07 25.55 1.81
C SER A 2 4.55 25.77 2.11
N SER A 3 5.31 24.67 2.11
CA SER A 3 6.75 24.75 2.38
C SER A 3 7.53 24.91 1.08
N GLY A 4 7.42 23.93 0.20
CA GLY A 4 8.13 23.98 -1.07
C GLY A 4 8.81 22.66 -1.41
N SER A 5 9.67 22.70 -2.42
CA SER A 5 10.39 21.50 -2.84
C SER A 5 11.60 21.23 -1.95
N SER A 6 11.38 20.46 -0.88
CA SER A 6 12.44 20.14 0.05
C SER A 6 13.58 19.40 -0.64
N GLY A 7 13.24 18.27 -1.25
CA GLY A 7 14.24 17.48 -1.95
C GLY A 7 13.78 17.04 -3.33
N MET A 8 13.75 17.98 -4.26
CA MET A 8 13.33 17.69 -5.63
C MET A 8 14.20 16.59 -6.24
N SER A 9 15.49 16.86 -6.35
CA SER A 9 16.42 15.88 -6.93
C SER A 9 16.71 14.77 -5.94
N ARG A 10 16.09 13.62 -6.16
CA ARG A 10 16.29 12.47 -5.28
C ARG A 10 16.88 11.29 -6.06
N GLY A 11 18.21 11.23 -6.11
CA GLY A 11 18.88 10.17 -6.82
C GLY A 11 18.58 8.80 -6.23
N ARG A 12 18.70 8.69 -4.91
CA ARG A 12 18.45 7.44 -4.22
C ARG A 12 17.41 7.63 -3.12
N GLY A 13 16.74 6.53 -2.75
CA GLY A 13 15.73 6.59 -1.71
C GLY A 13 16.00 5.64 -0.57
N ARG A 14 15.29 5.82 0.54
CA ARG A 14 15.47 4.96 1.71
C ARG A 14 14.24 4.08 1.92
N ARG A 15 13.16 4.40 1.23
CA ARG A 15 11.92 3.64 1.35
C ARG A 15 11.30 3.40 -0.02
N ASP A 16 10.65 2.25 -0.18
CA ASP A 16 10.00 1.90 -1.43
C ASP A 16 8.69 2.66 -1.62
N ASN A 17 8.74 3.75 -2.37
CA ASN A 17 7.56 4.56 -2.61
C ASN A 17 7.03 4.36 -4.02
N GLU A 18 7.32 3.19 -4.59
CA GLU A 18 6.88 2.87 -5.95
C GLU A 18 5.40 2.50 -5.97
N LEU A 19 5.03 1.51 -5.16
CA LEU A 19 3.64 1.06 -5.08
C LEU A 19 2.74 2.18 -4.59
N ILE A 20 3.34 3.23 -4.05
CA ILE A 20 2.58 4.37 -3.54
C ILE A 20 1.85 5.08 -4.67
N GLY A 21 0.53 4.92 -4.70
CA GLY A 21 -0.27 5.56 -5.73
C GLY A 21 -1.05 4.56 -6.56
N GLN A 22 -0.67 3.29 -6.47
CA GLN A 22 -1.35 2.23 -7.22
C GLN A 22 -2.70 1.91 -6.60
N THR A 23 -3.61 1.37 -7.42
CA THR A 23 -4.94 1.01 -6.94
C THR A 23 -4.99 -0.44 -6.48
N VAL A 24 -5.13 -0.63 -5.18
CA VAL A 24 -5.19 -1.98 -4.61
C VAL A 24 -6.57 -2.26 -4.03
N ARG A 25 -6.87 -3.53 -3.82
CA ARG A 25 -8.15 -3.94 -3.26
C ARG A 25 -7.96 -4.90 -2.09
N ILE A 26 -8.41 -4.49 -0.91
CA ILE A 26 -8.29 -5.32 0.28
C ILE A 26 -9.07 -6.62 0.14
N SER A 27 -8.34 -7.72 0.04
CA SER A 27 -8.97 -9.03 -0.10
C SER A 27 -8.85 -9.84 1.19
N GLN A 28 -8.58 -9.15 2.29
CA GLN A 28 -8.44 -9.80 3.59
C GLN A 28 -8.79 -8.84 4.72
N GLY A 29 -9.65 -9.29 5.63
CA GLY A 29 -10.06 -8.47 6.75
C GLY A 29 -11.50 -8.01 6.64
N PRO A 30 -11.91 -7.10 7.54
CA PRO A 30 -13.27 -6.57 7.56
C PRO A 30 -13.56 -5.66 6.37
N TYR A 31 -12.50 -5.16 5.75
CA TYR A 31 -12.65 -4.28 4.59
C TYR A 31 -12.43 -5.05 3.30
N LYS A 32 -12.80 -6.32 3.30
CA LYS A 32 -12.65 -7.17 2.12
C LYS A 32 -13.55 -6.69 0.98
N GLY A 33 -12.98 -6.59 -0.21
CA GLY A 33 -13.75 -6.15 -1.37
C GLY A 33 -13.79 -4.63 -1.47
N TYR A 34 -12.79 -3.97 -0.89
CA TYR A 34 -12.72 -2.52 -0.93
C TYR A 34 -11.49 -2.05 -1.68
N ILE A 35 -11.63 -0.95 -2.42
CA ILE A 35 -10.53 -0.40 -3.20
C ILE A 35 -9.84 0.73 -2.45
N GLY A 36 -8.62 1.07 -2.87
CA GLY A 36 -7.88 2.14 -2.23
C GLY A 36 -6.50 2.33 -2.83
N VAL A 37 -5.99 3.56 -2.73
CA VAL A 37 -4.67 3.87 -3.27
C VAL A 37 -3.61 3.82 -2.19
N VAL A 38 -2.52 3.10 -2.46
CA VAL A 38 -1.43 2.97 -1.50
C VAL A 38 -0.75 4.32 -1.25
N LYS A 39 -0.96 4.87 -0.07
CA LYS A 39 -0.37 6.16 0.28
C LYS A 39 1.05 5.98 0.84
N ASP A 40 1.23 4.93 1.64
CA ASP A 40 2.53 4.65 2.23
C ASP A 40 2.77 3.14 2.29
N ALA A 41 4.03 2.75 2.12
CA ALA A 41 4.41 1.34 2.15
C ALA A 41 5.15 0.99 3.44
N THR A 42 4.57 0.09 4.22
CA THR A 42 5.16 -0.34 5.48
C THR A 42 5.78 -1.73 5.37
N GLU A 43 6.73 -2.03 6.24
CA GLU A 43 7.40 -3.31 6.22
C GLU A 43 6.39 -4.45 6.02
N SER A 44 5.63 -4.75 7.06
CA SER A 44 4.64 -5.81 6.99
C SER A 44 3.23 -5.23 6.87
N THR A 45 3.16 -3.98 6.44
CA THR A 45 1.88 -3.31 6.26
C THR A 45 1.94 -2.25 5.17
N ALA A 46 0.80 -1.66 4.83
CA ALA A 46 0.73 -0.64 3.80
C ALA A 46 -0.43 0.31 4.06
N ARG A 47 -0.12 1.60 4.17
CA ARG A 47 -1.14 2.62 4.42
C ARG A 47 -1.89 2.95 3.14
N VAL A 48 -3.06 2.36 2.97
CA VAL A 48 -3.88 2.58 1.79
C VAL A 48 -5.06 3.49 2.11
N GLU A 49 -5.39 4.37 1.17
CA GLU A 49 -6.50 5.31 1.34
C GLU A 49 -7.72 4.86 0.55
N LEU A 50 -8.72 4.33 1.24
CA LEU A 50 -9.94 3.86 0.60
C LEU A 50 -10.50 4.93 -0.34
N HIS A 51 -11.31 4.50 -1.31
CA HIS A 51 -11.91 5.42 -2.27
C HIS A 51 -13.24 5.95 -1.75
N SER A 52 -14.16 5.04 -1.46
CA SER A 52 -15.48 5.41 -0.96
C SER A 52 -15.36 6.21 0.35
N THR A 53 -14.98 5.51 1.41
CA THR A 53 -14.83 6.14 2.72
C THR A 53 -13.82 7.29 2.66
N CYS A 54 -12.80 7.12 1.83
CA CYS A 54 -11.76 8.14 1.68
C CYS A 54 -10.95 8.29 2.98
N GLN A 55 -10.54 7.16 3.54
CA GLN A 55 -9.75 7.16 4.77
C GLN A 55 -8.52 6.29 4.63
N THR A 56 -7.44 6.67 5.32
CA THR A 56 -6.20 5.93 5.27
C THR A 56 -6.16 4.85 6.35
N ILE A 57 -5.84 3.63 5.95
CA ILE A 57 -5.76 2.52 6.89
C ILE A 57 -4.53 1.65 6.61
N SER A 58 -4.02 1.02 7.65
CA SER A 58 -2.85 0.16 7.53
C SER A 58 -3.26 -1.30 7.36
N VAL A 59 -2.83 -1.90 6.25
CA VAL A 59 -3.16 -3.30 5.97
C VAL A 59 -1.93 -4.06 5.49
N ASP A 60 -1.84 -5.33 5.88
CA ASP A 60 -0.71 -6.17 5.49
C ASP A 60 -0.47 -6.10 3.98
N ARG A 61 0.76 -5.78 3.60
CA ARG A 61 1.11 -5.66 2.19
C ARG A 61 0.53 -6.83 1.39
N GLN A 62 0.37 -7.98 2.05
CA GLN A 62 -0.17 -9.16 1.41
C GLN A 62 -1.69 -9.10 1.35
N ARG A 63 -2.31 -8.68 2.46
CA ARG A 63 -3.75 -8.57 2.53
C ARG A 63 -4.31 -7.75 1.38
N LEU A 64 -3.43 -6.99 0.73
CA LEU A 64 -3.82 -6.15 -0.39
C LEU A 64 -3.66 -6.89 -1.71
N THR A 65 -4.56 -6.61 -2.66
CA THR A 65 -4.52 -7.25 -3.96
C THR A 65 -4.51 -6.21 -5.09
N THR A 66 -3.31 -5.88 -5.56
CA THR A 66 -3.16 -4.91 -6.63
C THR A 66 -4.27 -5.04 -7.66
N VAL A 67 -5.05 -3.99 -7.82
CA VAL A 67 -6.16 -3.99 -8.77
C VAL A 67 -5.64 -3.94 -10.21
N GLY A 68 -4.64 -3.11 -10.44
CA GLY A 68 -4.06 -2.98 -11.77
C GLY A 68 -3.87 -4.33 -12.45
N SER A 69 -3.27 -5.27 -11.73
CA SER A 69 -3.03 -6.60 -12.27
C SER A 69 -4.15 -7.55 -11.91
N ARG A 70 -4.21 -7.96 -10.65
CA ARG A 70 -5.25 -8.87 -10.18
C ARG A 70 -6.59 -8.15 -10.07
N ARG A 71 -7.66 -8.93 -9.95
CA ARG A 71 -9.00 -8.37 -9.84
C ARG A 71 -9.19 -7.67 -8.49
N GLY A 1 8.77 36.03 -13.16
CA GLY A 1 8.99 36.19 -11.74
C GLY A 1 9.51 34.92 -11.07
N SER A 2 10.06 35.05 -9.88
CA SER A 2 10.59 33.91 -9.15
C SER A 2 9.65 33.50 -8.03
N SER A 3 9.29 32.23 -8.00
CA SER A 3 8.39 31.70 -6.97
C SER A 3 9.17 30.96 -5.88
N GLY A 4 9.98 29.98 -6.30
CA GLY A 4 10.77 29.23 -5.35
C GLY A 4 10.75 27.73 -5.63
N SER A 5 9.56 27.14 -5.58
CA SER A 5 9.41 25.72 -5.83
C SER A 5 10.55 24.93 -5.19
N SER A 6 10.92 25.30 -3.97
CA SER A 6 12.00 24.64 -3.26
C SER A 6 11.57 23.23 -2.82
N GLY A 7 12.52 22.50 -2.24
CA GLY A 7 12.22 21.16 -1.77
C GLY A 7 13.47 20.30 -1.63
N MET A 8 13.99 20.22 -0.41
CA MET A 8 15.18 19.43 -0.14
C MET A 8 14.93 18.43 0.99
N SER A 9 15.64 17.31 0.94
CA SER A 9 15.49 16.27 1.95
C SER A 9 16.65 16.32 2.96
N ARG A 10 16.37 15.88 4.18
CA ARG A 10 17.38 15.87 5.23
C ARG A 10 17.74 14.44 5.63
N GLY A 11 16.72 13.66 5.95
CA GLY A 11 16.95 12.28 6.35
C GLY A 11 17.47 11.42 5.21
N ARG A 12 18.78 11.23 5.16
CA ARG A 12 19.40 10.43 4.12
C ARG A 12 19.16 8.94 4.35
N GLY A 13 18.06 8.43 3.81
CA GLY A 13 17.73 7.02 3.97
C GLY A 13 17.22 6.40 2.68
N ARG A 14 16.44 5.34 2.83
CA ARG A 14 15.88 4.64 1.67
C ARG A 14 14.40 4.98 1.49
N ARG A 15 13.98 5.10 0.24
CA ARG A 15 12.60 5.41 -0.08
C ARG A 15 11.92 4.25 -0.81
N ASP A 16 11.03 3.56 -0.11
CA ASP A 16 10.31 2.43 -0.69
C ASP A 16 8.86 2.80 -0.98
N ASN A 17 8.67 3.94 -1.64
CA ASN A 17 7.33 4.41 -1.99
C ASN A 17 7.01 4.09 -3.45
N GLU A 18 7.33 2.87 -3.86
CA GLU A 18 7.07 2.44 -5.23
C GLU A 18 5.59 2.10 -5.42
N LEU A 19 5.12 1.09 -4.69
CA LEU A 19 3.73 0.67 -4.78
C LEU A 19 2.79 1.81 -4.39
N ILE A 20 3.36 2.88 -3.83
CA ILE A 20 2.57 4.04 -3.42
C ILE A 20 1.90 4.69 -4.62
N GLY A 21 0.58 4.58 -4.68
CA GLY A 21 -0.18 5.18 -5.77
C GLY A 21 -0.92 4.14 -6.60
N GLN A 22 -0.48 2.90 -6.51
CA GLN A 22 -1.10 1.82 -7.26
C GLN A 22 -2.48 1.49 -6.68
N THR A 23 -3.32 0.87 -7.50
CA THR A 23 -4.67 0.49 -7.08
C THR A 23 -4.70 -0.91 -6.48
N VAL A 24 -4.89 -0.99 -5.17
CA VAL A 24 -4.94 -2.26 -4.48
C VAL A 24 -6.34 -2.55 -3.94
N ARG A 25 -6.71 -3.83 -3.93
CA ARG A 25 -8.02 -4.23 -3.45
C ARG A 25 -7.89 -5.21 -2.28
N ILE A 26 -8.32 -4.78 -1.10
CA ILE A 26 -8.25 -5.63 0.09
C ILE A 26 -9.01 -6.93 -0.12
N SER A 27 -8.47 -8.02 0.44
CA SER A 27 -9.10 -9.33 0.31
C SER A 27 -9.50 -9.88 1.68
N GLN A 28 -8.77 -9.46 2.71
CA GLN A 28 -9.05 -9.91 4.06
C GLN A 28 -9.47 -8.73 4.95
N GLY A 29 -9.82 -9.04 6.20
CA GLY A 29 -10.24 -7.99 7.13
C GLY A 29 -11.65 -7.53 6.87
N PRO A 30 -12.12 -6.59 7.69
CA PRO A 30 -13.48 -6.04 7.57
C PRO A 30 -13.65 -5.17 6.33
N TYR A 31 -12.56 -5.01 5.58
CA TYR A 31 -12.59 -4.21 4.36
C TYR A 31 -12.34 -5.07 3.13
N LYS A 32 -12.77 -6.33 3.19
CA LYS A 32 -12.60 -7.26 2.08
C LYS A 32 -13.41 -6.82 0.88
N GLY A 33 -12.76 -6.80 -0.29
CA GLY A 33 -13.45 -6.40 -1.51
C GLY A 33 -13.54 -4.89 -1.65
N TYR A 34 -12.57 -4.18 -1.08
CA TYR A 34 -12.56 -2.73 -1.14
C TYR A 34 -11.34 -2.23 -1.92
N ILE A 35 -11.53 -1.16 -2.69
CA ILE A 35 -10.45 -0.58 -3.47
C ILE A 35 -9.83 0.62 -2.77
N GLY A 36 -8.56 0.87 -3.05
CA GLY A 36 -7.87 2.00 -2.43
C GLY A 36 -6.52 2.26 -3.06
N VAL A 37 -5.97 3.45 -2.80
CA VAL A 37 -4.68 3.83 -3.34
C VAL A 37 -3.60 3.80 -2.26
N VAL A 38 -2.55 3.02 -2.50
CA VAL A 38 -1.46 2.90 -1.55
C VAL A 38 -0.74 4.23 -1.37
N LYS A 39 -0.87 4.81 -0.19
CA LYS A 39 -0.23 6.09 0.12
C LYS A 39 1.15 5.88 0.72
N ASP A 40 1.29 4.83 1.54
CA ASP A 40 2.56 4.52 2.17
C ASP A 40 2.77 3.01 2.25
N ALA A 41 4.02 2.58 2.09
CA ALA A 41 4.36 1.16 2.15
C ALA A 41 5.23 0.86 3.36
N THR A 42 4.69 0.09 4.30
CA THR A 42 5.41 -0.29 5.50
C THR A 42 6.07 -1.65 5.35
N GLU A 43 6.91 -2.00 6.31
CA GLU A 43 7.61 -3.29 6.29
C GLU A 43 6.61 -4.44 6.38
N SER A 44 5.70 -4.36 7.35
CA SER A 44 4.70 -5.40 7.55
C SER A 44 3.29 -4.83 7.43
N THR A 45 3.20 -3.61 6.88
CA THR A 45 1.92 -2.95 6.70
C THR A 45 1.94 -2.01 5.50
N ALA A 46 0.78 -1.47 5.16
CA ALA A 46 0.67 -0.54 4.03
C ALA A 46 -0.52 0.38 4.19
N ARG A 47 -0.25 1.68 4.29
CA ARG A 47 -1.31 2.68 4.45
C ARG A 47 -1.95 3.01 3.11
N VAL A 48 -3.13 2.46 2.87
CA VAL A 48 -3.86 2.71 1.62
C VAL A 48 -5.11 3.54 1.87
N GLU A 49 -5.35 4.51 0.99
CA GLU A 49 -6.53 5.36 1.10
C GLU A 49 -7.72 4.78 0.35
N LEU A 50 -8.63 4.17 1.10
CA LEU A 50 -9.81 3.56 0.51
C LEU A 50 -10.52 4.55 -0.41
N HIS A 51 -11.30 4.01 -1.36
CA HIS A 51 -12.04 4.84 -2.31
C HIS A 51 -13.38 5.28 -1.71
N SER A 52 -14.04 4.36 -1.02
CA SER A 52 -15.32 4.65 -0.41
C SER A 52 -15.17 5.61 0.78
N THR A 53 -14.59 5.11 1.86
CA THR A 53 -14.38 5.92 3.05
C THR A 53 -13.47 7.11 2.75
N CYS A 54 -12.63 6.98 1.73
CA CYS A 54 -11.72 8.04 1.35
C CYS A 54 -10.77 8.38 2.49
N GLN A 55 -10.34 7.36 3.22
CA GLN A 55 -9.43 7.55 4.34
C GLN A 55 -8.30 6.53 4.32
N THR A 56 -7.18 6.87 4.93
CA THR A 56 -6.02 6.00 4.98
C THR A 56 -6.16 4.95 6.08
N ILE A 57 -5.78 3.71 5.78
CA ILE A 57 -5.87 2.62 6.74
C ILE A 57 -4.66 1.71 6.64
N SER A 58 -4.21 1.21 7.79
CA SER A 58 -3.05 0.32 7.84
C SER A 58 -3.46 -1.12 7.60
N VAL A 59 -3.04 -1.67 6.46
CA VAL A 59 -3.37 -3.05 6.11
C VAL A 59 -2.12 -3.84 5.75
N ASP A 60 -2.14 -5.12 6.07
CA ASP A 60 -1.00 -6.00 5.79
C ASP A 60 -0.67 -6.00 4.31
N ARG A 61 0.60 -5.73 3.99
CA ARG A 61 1.04 -5.70 2.60
C ARG A 61 0.56 -6.93 1.84
N GLN A 62 0.31 -8.01 2.57
CA GLN A 62 -0.16 -9.25 1.95
C GLN A 62 -1.67 -9.23 1.80
N ARG A 63 -2.37 -8.78 2.83
CA ARG A 63 -3.83 -8.70 2.80
C ARG A 63 -4.31 -7.84 1.63
N LEU A 64 -3.38 -7.11 1.02
CA LEU A 64 -3.71 -6.25 -0.11
C LEU A 64 -3.45 -6.96 -1.43
N THR A 65 -4.47 -6.97 -2.30
CA THR A 65 -4.35 -7.61 -3.60
C THR A 65 -4.19 -6.58 -4.71
N THR A 66 -2.96 -6.42 -5.20
CA THR A 66 -2.68 -5.47 -6.27
C THR A 66 -3.69 -5.60 -7.41
N VAL A 67 -4.38 -4.50 -7.69
CA VAL A 67 -5.38 -4.49 -8.76
C VAL A 67 -4.73 -4.26 -10.11
N GLY A 68 -5.50 -4.45 -11.18
CA GLY A 68 -4.99 -4.26 -12.51
C GLY A 68 -5.84 -3.31 -13.34
N SER A 69 -5.23 -2.72 -14.36
CA SER A 69 -5.95 -1.77 -15.22
C SER A 69 -7.12 -2.46 -15.91
N ARG A 70 -6.83 -3.44 -16.75
CA ARG A 70 -7.87 -4.17 -17.47
C ARG A 70 -8.79 -4.90 -16.51
N ARG A 71 -9.90 -5.42 -17.03
CA ARG A 71 -10.87 -6.13 -16.22
C ARG A 71 -10.17 -6.91 -15.10
N GLY A 1 5.57 -31.78 -0.78
CA GLY A 1 5.54 -30.71 0.20
C GLY A 1 4.96 -29.42 -0.37
N SER A 2 4.66 -28.47 0.51
CA SER A 2 4.09 -27.20 0.09
C SER A 2 5.17 -26.12 0.04
N SER A 3 5.38 -25.56 -1.15
CA SER A 3 6.38 -24.52 -1.34
C SER A 3 5.75 -23.13 -1.28
N GLY A 4 6.58 -22.10 -1.37
CA GLY A 4 6.08 -20.74 -1.33
C GLY A 4 7.20 -19.72 -1.34
N SER A 5 6.90 -18.52 -1.82
CA SER A 5 7.88 -17.45 -1.91
C SER A 5 8.18 -16.88 -0.52
N SER A 6 9.45 -16.55 -0.29
CA SER A 6 9.87 -16.00 1.00
C SER A 6 10.99 -14.98 0.80
N GLY A 7 11.38 -14.34 1.91
CA GLY A 7 12.43 -13.34 1.84
C GLY A 7 12.34 -12.32 2.95
N MET A 8 13.04 -12.56 4.05
CA MET A 8 13.02 -11.65 5.19
C MET A 8 14.21 -10.69 5.13
N SER A 9 15.39 -11.23 4.81
CA SER A 9 16.60 -10.42 4.74
C SER A 9 16.35 -9.15 3.91
N ARG A 10 16.86 -8.03 4.42
CA ARG A 10 16.70 -6.75 3.72
C ARG A 10 17.89 -6.46 2.82
N GLY A 11 17.73 -5.50 1.92
CA GLY A 11 18.80 -5.15 1.00
C GLY A 11 19.05 -3.65 0.96
N ARG A 12 19.35 -3.15 -0.23
CA ARG A 12 19.62 -1.72 -0.41
C ARG A 12 18.32 -0.95 -0.61
N GLY A 13 17.23 -1.48 -0.07
CA GLY A 13 15.94 -0.84 -0.19
C GLY A 13 15.76 0.29 0.82
N ARG A 14 16.23 1.48 0.46
CA ARG A 14 16.12 2.64 1.33
C ARG A 14 14.73 3.25 1.24
N ARG A 15 14.23 3.39 0.01
CA ARG A 15 12.90 3.96 -0.21
C ARG A 15 12.12 3.15 -1.23
N ASP A 16 11.07 2.50 -0.78
CA ASP A 16 10.23 1.69 -1.66
C ASP A 16 8.85 2.33 -1.84
N ASN A 17 8.84 3.63 -2.14
CA ASN A 17 7.59 4.35 -2.35
C ASN A 17 7.10 4.18 -3.79
N GLU A 18 7.32 3.01 -4.35
CA GLU A 18 6.90 2.73 -5.71
C GLU A 18 5.43 2.32 -5.75
N LEU A 19 5.05 1.39 -4.89
CA LEU A 19 3.67 0.92 -4.82
C LEU A 19 2.73 2.04 -4.37
N ILE A 20 3.32 3.14 -3.91
CA ILE A 20 2.54 4.29 -3.45
C ILE A 20 1.84 4.98 -4.62
N GLY A 21 0.52 4.84 -4.69
CA GLY A 21 -0.23 5.46 -5.76
C GLY A 21 -0.99 4.45 -6.60
N GLN A 22 -0.61 3.18 -6.47
CA GLN A 22 -1.26 2.12 -7.23
C GLN A 22 -2.64 1.80 -6.66
N THR A 23 -3.49 1.20 -7.48
CA THR A 23 -4.84 0.84 -7.06
C THR A 23 -4.90 -0.60 -6.56
N VAL A 24 -5.04 -0.76 -5.25
CA VAL A 24 -5.11 -2.08 -4.65
C VAL A 24 -6.51 -2.35 -4.09
N ARG A 25 -6.81 -3.63 -3.88
CA ARG A 25 -8.11 -4.02 -3.35
C ARG A 25 -7.95 -4.99 -2.19
N ILE A 26 -8.24 -4.51 -0.98
CA ILE A 26 -8.14 -5.33 0.22
C ILE A 26 -8.97 -6.60 0.09
N SER A 27 -8.29 -7.72 -0.17
CA SER A 27 -8.97 -9.00 -0.32
C SER A 27 -8.90 -9.80 0.98
N GLN A 28 -8.72 -9.09 2.10
CA GLN A 28 -8.64 -9.74 3.40
C GLN A 28 -9.16 -8.82 4.50
N GLY A 29 -9.13 -9.30 5.73
CA GLY A 29 -9.60 -8.51 6.85
C GLY A 29 -11.07 -8.13 6.72
N PRO A 30 -11.53 -7.19 7.55
CA PRO A 30 -12.92 -6.73 7.54
C PRO A 30 -13.24 -5.91 6.30
N TYR A 31 -12.25 -5.17 5.81
CA TYR A 31 -12.44 -4.34 4.63
C TYR A 31 -12.21 -5.15 3.35
N LYS A 32 -12.79 -6.35 3.31
CA LYS A 32 -12.65 -7.23 2.15
C LYS A 32 -13.50 -6.72 0.99
N GLY A 33 -12.89 -6.64 -0.19
CA GLY A 33 -13.60 -6.17 -1.37
C GLY A 33 -13.70 -4.66 -1.42
N TYR A 34 -12.63 -3.98 -1.00
CA TYR A 34 -12.60 -2.53 -1.00
C TYR A 34 -11.40 -2.01 -1.79
N ILE A 35 -11.62 -0.95 -2.56
CA ILE A 35 -10.56 -0.35 -3.37
C ILE A 35 -9.91 0.82 -2.64
N GLY A 36 -8.61 0.98 -2.85
CA GLY A 36 -7.89 2.07 -2.22
C GLY A 36 -6.53 2.31 -2.83
N VAL A 37 -5.98 3.50 -2.61
CA VAL A 37 -4.68 3.86 -3.16
C VAL A 37 -3.60 3.83 -2.08
N VAL A 38 -2.52 3.11 -2.36
CA VAL A 38 -1.41 3.01 -1.40
C VAL A 38 -0.73 4.35 -1.19
N LYS A 39 -0.90 4.92 0.00
CA LYS A 39 -0.31 6.20 0.34
C LYS A 39 1.09 6.02 0.95
N ASP A 40 1.26 4.95 1.70
CA ASP A 40 2.54 4.65 2.34
C ASP A 40 2.77 3.14 2.42
N ALA A 41 4.03 2.74 2.31
CA ALA A 41 4.39 1.33 2.37
C ALA A 41 5.09 1.00 3.68
N THR A 42 4.45 0.16 4.50
CA THR A 42 5.02 -0.24 5.79
C THR A 42 5.64 -1.63 5.71
N GLU A 43 6.53 -1.92 6.65
CA GLU A 43 7.20 -3.22 6.68
C GLU A 43 6.20 -4.36 6.54
N SER A 44 5.34 -4.52 7.54
CA SER A 44 4.34 -5.57 7.52
C SER A 44 2.95 -4.98 7.35
N THR A 45 2.88 -3.80 6.73
CA THR A 45 1.60 -3.12 6.50
C THR A 45 1.73 -2.09 5.39
N ALA A 46 0.59 -1.51 5.00
CA ALA A 46 0.57 -0.50 3.94
C ALA A 46 -0.58 0.48 4.15
N ARG A 47 -0.24 1.75 4.31
CA ARG A 47 -1.25 2.79 4.51
C ARG A 47 -1.99 3.09 3.21
N VAL A 48 -3.15 2.47 3.05
CA VAL A 48 -3.96 2.66 1.85
C VAL A 48 -5.15 3.58 2.13
N GLU A 49 -5.45 4.46 1.18
CA GLU A 49 -6.57 5.39 1.34
C GLU A 49 -7.79 4.91 0.56
N LEU A 50 -8.74 4.31 1.28
CA LEU A 50 -9.96 3.80 0.67
C LEU A 50 -10.60 4.87 -0.22
N HIS A 51 -11.47 4.43 -1.12
CA HIS A 51 -12.17 5.35 -2.03
C HIS A 51 -13.55 5.68 -1.49
N SER A 52 -14.21 4.70 -0.90
CA SER A 52 -15.55 4.89 -0.36
C SER A 52 -15.51 5.77 0.89
N THR A 53 -14.76 5.31 1.90
CA THR A 53 -14.64 6.06 3.15
C THR A 53 -13.66 7.21 3.00
N CYS A 54 -12.76 7.11 2.03
CA CYS A 54 -11.77 8.15 1.79
C CYS A 54 -10.88 8.36 3.01
N GLN A 55 -10.52 7.26 3.66
CA GLN A 55 -9.67 7.32 4.85
C GLN A 55 -8.43 6.45 4.69
N THR A 56 -7.35 6.86 5.34
CA THR A 56 -6.09 6.11 5.26
C THR A 56 -5.99 5.07 6.37
N ILE A 57 -6.05 3.81 6.00
CA ILE A 57 -5.96 2.72 6.97
C ILE A 57 -4.76 1.82 6.69
N SER A 58 -4.21 1.22 7.75
CA SER A 58 -3.06 0.35 7.62
C SER A 58 -3.50 -1.10 7.42
N VAL A 59 -3.04 -1.70 6.33
CA VAL A 59 -3.37 -3.08 6.02
C VAL A 59 -2.14 -3.86 5.55
N ASP A 60 -2.06 -5.12 5.94
CA ASP A 60 -0.95 -5.98 5.55
C ASP A 60 -0.68 -5.89 4.06
N ARG A 61 0.58 -5.65 3.70
CA ARG A 61 0.97 -5.55 2.30
C ARG A 61 0.43 -6.72 1.49
N GLN A 62 0.29 -7.87 2.16
CA GLN A 62 -0.21 -9.07 1.50
C GLN A 62 -1.72 -9.03 1.36
N ARG A 63 -2.39 -8.63 2.43
CA ARG A 63 -3.85 -8.54 2.43
C ARG A 63 -4.35 -7.67 1.28
N LEU A 64 -3.43 -6.90 0.70
CA LEU A 64 -3.78 -6.01 -0.41
C LEU A 64 -3.54 -6.70 -1.74
N THR A 65 -4.55 -6.68 -2.60
CA THR A 65 -4.45 -7.30 -3.92
C THR A 65 -4.46 -6.26 -5.03
N THR A 66 -3.29 -5.98 -5.59
CA THR A 66 -3.16 -4.99 -6.65
C THR A 66 -4.27 -5.15 -7.68
N VAL A 67 -5.11 -4.13 -7.81
CA VAL A 67 -6.22 -4.16 -8.77
C VAL A 67 -5.70 -4.25 -10.20
N GLY A 68 -4.70 -3.44 -10.51
CA GLY A 68 -4.14 -3.44 -11.85
C GLY A 68 -4.01 -4.83 -12.42
N SER A 69 -4.28 -4.97 -13.71
CA SER A 69 -4.20 -6.26 -14.38
C SER A 69 -3.19 -6.22 -15.53
N ARG A 70 -3.35 -5.25 -16.41
CA ARG A 70 -2.44 -5.08 -17.55
C ARG A 70 -1.92 -3.66 -17.64
N ARG A 71 -2.39 -2.80 -16.74
CA ARG A 71 -1.98 -1.41 -16.72
C ARG A 71 -0.96 -1.16 -15.60
#